data_5DAG
# 
_entry.id   5DAG 
# 
_audit_conform.dict_name       mmcif_pdbx.dic 
_audit_conform.dict_version    5.387 
_audit_conform.dict_location   http://mmcif.pdb.org/dictionaries/ascii/mmcif_pdbx.dic 
# 
loop_
_database_2.database_id 
_database_2.database_code 
_database_2.pdbx_database_accession 
_database_2.pdbx_DOI 
PDB   5DAG         pdb_00005dag 10.2210/pdb5dag/pdb 
WWPDB D_1000212922 ?            ?                   
# 
loop_
_pdbx_audit_revision_history.ordinal 
_pdbx_audit_revision_history.data_content_type 
_pdbx_audit_revision_history.major_revision 
_pdbx_audit_revision_history.minor_revision 
_pdbx_audit_revision_history.revision_date 
1 'Structure model' 1 0 2015-10-21 
2 'Structure model' 1 1 2015-11-11 
3 'Structure model' 1 2 2017-09-20 
4 'Structure model' 1 3 2017-09-27 
5 'Structure model' 1 4 2019-12-04 
6 'Structure model' 1 5 2024-03-06 
# 
_pdbx_audit_revision_details.ordinal             1 
_pdbx_audit_revision_details.revision_ordinal    1 
_pdbx_audit_revision_details.data_content_type   'Structure model' 
_pdbx_audit_revision_details.provider            repository 
_pdbx_audit_revision_details.type                'Initial release' 
_pdbx_audit_revision_details.description         ? 
_pdbx_audit_revision_details.details             ? 
# 
loop_
_pdbx_audit_revision_group.ordinal 
_pdbx_audit_revision_group.revision_ordinal 
_pdbx_audit_revision_group.data_content_type 
_pdbx_audit_revision_group.group 
1 2 'Structure model' 'Database references'        
2 3 'Structure model' 'Author supporting evidence' 
3 3 'Structure model' 'Database references'        
4 3 'Structure model' 'Derived calculations'       
5 4 'Structure model' 'Author supporting evidence' 
6 5 'Structure model' 'Author supporting evidence' 
7 6 'Structure model' 'Data collection'            
8 6 'Structure model' 'Database references'        
# 
loop_
_pdbx_audit_revision_category.ordinal 
_pdbx_audit_revision_category.revision_ordinal 
_pdbx_audit_revision_category.data_content_type 
_pdbx_audit_revision_category.category 
1 3 'Structure model' citation              
2 3 'Structure model' pdbx_audit_support    
3 3 'Structure model' pdbx_struct_oper_list 
4 4 'Structure model' pdbx_audit_support    
5 5 'Structure model' pdbx_audit_support    
6 6 'Structure model' chem_comp_atom        
7 6 'Structure model' chem_comp_bond        
8 6 'Structure model' database_2            
# 
loop_
_pdbx_audit_revision_item.ordinal 
_pdbx_audit_revision_item.revision_ordinal 
_pdbx_audit_revision_item.data_content_type 
_pdbx_audit_revision_item.item 
1 3 'Structure model' '_citation.journal_id_CSD'                  
2 3 'Structure model' '_pdbx_audit_support.funding_organization'  
3 3 'Structure model' '_pdbx_struct_oper_list.symmetry_operation' 
4 4 'Structure model' '_pdbx_audit_support.funding_organization'  
5 5 'Structure model' '_pdbx_audit_support.funding_organization'  
6 6 'Structure model' '_database_2.pdbx_DOI'                      
7 6 'Structure model' '_database_2.pdbx_database_accession'       
# 
_pdbx_database_status.status_code                     REL 
_pdbx_database_status.status_code_sf                  REL 
_pdbx_database_status.status_code_mr                  ? 
_pdbx_database_status.entry_id                        5DAG 
_pdbx_database_status.recvd_initial_deposition_date   2015-08-19 
_pdbx_database_status.SG_entry                        N 
_pdbx_database_status.deposit_site                    RCSB 
_pdbx_database_status.process_site                    RCSB 
_pdbx_database_status.status_code_cs                  ? 
_pdbx_database_status.methods_development_category    ? 
_pdbx_database_status.pdb_format_compatible           Y 
_pdbx_database_status.status_code_nmr_data            ? 
# 
_pdbx_database_related.db_name        PDB 
_pdbx_database_related.details        . 
_pdbx_database_related.db_id          5DAH 
_pdbx_database_related.content_type   unspecified 
# 
loop_
_audit_author.name 
_audit_author.pdbx_ordinal 
'Chen, S.'    1 
'Patel, D.J.' 2 
# 
_citation.abstract                  ? 
_citation.abstract_id_CAS           ? 
_citation.book_id_ISBN              ? 
_citation.book_publisher            ? 
_citation.book_publisher_city       ? 
_citation.book_title                ? 
_citation.coordinate_linkage        ? 
_citation.country                   US 
_citation.database_id_Medline       ? 
_citation.details                   ? 
_citation.id                        primary 
_citation.journal_abbrev            Mol.Cell 
_citation.journal_id_ASTM           MOCEFL 
_citation.journal_id_CSD            2168 
_citation.journal_id_ISSN           1097-2765 
_citation.journal_full              ? 
_citation.journal_issue             ? 
_citation.journal_volume            60 
_citation.language                  ? 
_citation.page_first                319 
_citation.page_last                 327 
_citation.title                     
'The PZP Domain of AF10 Senses Unmodified H3K27 to Regulate DOT1L-Mediated Methylation of H3K79.' 
_citation.year                      2015 
_citation.database_id_CSD           ? 
_citation.pdbx_database_id_DOI      10.1016/j.molcel.2015.08.019 
_citation.pdbx_database_id_PubMed   26439302 
_citation.unpublished_flag          ? 
# 
loop_
_citation_author.citation_id 
_citation_author.name 
_citation_author.ordinal 
_citation_author.identifier_ORCID 
primary 'Chen, S.'        1  ? 
primary 'Yang, Z.'        2  ? 
primary 'Wilkinson, A.W.' 3  ? 
primary 'Deshpande, A.J.' 4  ? 
primary 'Sidoli, S.'      5  ? 
primary 'Krajewski, K.'   6  ? 
primary 'Strahl, B.D.'    7  ? 
primary 'Garcia, B.A.'    8  ? 
primary 'Armstrong, S.A.' 9  ? 
primary 'Patel, D.J.'     10 ? 
primary 'Gozani, O.'      11 ? 
# 
loop_
_entity.id 
_entity.type 
_entity.src_method 
_entity.pdbx_description 
_entity.formula_weight 
_entity.pdbx_number_of_molecules 
_entity.pdbx_ec 
_entity.pdbx_mutation 
_entity.pdbx_fragment 
_entity.details 
1 polymer     man 'Protein AF-10' 23020.219 1   ? ? ? ? 
2 non-polymer syn 'ZINC ION'      65.409    5   ? ? ? ? 
3 water       nat water           18.015    108 ? ? ? ? 
# 
_entity_name_com.entity_id   1 
_entity_name_com.name        'ALL1-fused gene from chromosome 10 protein' 
# 
_entity_poly.entity_id                      1 
_entity_poly.type                           'polypeptide(L)' 
_entity_poly.nstd_linkage                   no 
_entity_poly.nstd_monomer                   no 
_entity_poly.pdbx_seq_one_letter_code       
;MVSSDRPVSLEDEVSHSMKEMIGGCCVCSDERGWAENPLVYCDGHGCSVAVHQACYGIVQVPTGPWFCRKCESQERAARV
RCELCPHKDGALKRTDNGGWAHVVCALYIPEVQFANVSTMEPIVLQSVPHDRYNKTCYICDEQGRESKAATGACMTCNKH
GCRQAFHVTCAQFAGLLCEEEGNGADNVQYCGYCKYHFSKLKKSKRGS
;
_entity_poly.pdbx_seq_one_letter_code_can   
;MVSSDRPVSLEDEVSHSMKEMIGGCCVCSDERGWAENPLVYCDGHGCSVAVHQACYGIVQVPTGPWFCRKCESQERAARV
RCELCPHKDGALKRTDNGGWAHVVCALYIPEVQFANVSTMEPIVLQSVPHDRYNKTCYICDEQGRESKAATGACMTCNKH
GCRQAFHVTCAQFAGLLCEEEGNGADNVQYCGYCKYHFSKLKKSKRGS
;
_entity_poly.pdbx_strand_id                 A 
_entity_poly.pdbx_target_identifier         ? 
# 
loop_
_pdbx_entity_nonpoly.entity_id 
_pdbx_entity_nonpoly.name 
_pdbx_entity_nonpoly.comp_id 
2 'ZINC ION' ZN  
3 water      HOH 
# 
loop_
_entity_poly_seq.entity_id 
_entity_poly_seq.num 
_entity_poly_seq.mon_id 
_entity_poly_seq.hetero 
1 1   MET n 
1 2   VAL n 
1 3   SER n 
1 4   SER n 
1 5   ASP n 
1 6   ARG n 
1 7   PRO n 
1 8   VAL n 
1 9   SER n 
1 10  LEU n 
1 11  GLU n 
1 12  ASP n 
1 13  GLU n 
1 14  VAL n 
1 15  SER n 
1 16  HIS n 
1 17  SER n 
1 18  MET n 
1 19  LYS n 
1 20  GLU n 
1 21  MET n 
1 22  ILE n 
1 23  GLY n 
1 24  GLY n 
1 25  CYS n 
1 26  CYS n 
1 27  VAL n 
1 28  CYS n 
1 29  SER n 
1 30  ASP n 
1 31  GLU n 
1 32  ARG n 
1 33  GLY n 
1 34  TRP n 
1 35  ALA n 
1 36  GLU n 
1 37  ASN n 
1 38  PRO n 
1 39  LEU n 
1 40  VAL n 
1 41  TYR n 
1 42  CYS n 
1 43  ASP n 
1 44  GLY n 
1 45  HIS n 
1 46  GLY n 
1 47  CYS n 
1 48  SER n 
1 49  VAL n 
1 50  ALA n 
1 51  VAL n 
1 52  HIS n 
1 53  GLN n 
1 54  ALA n 
1 55  CYS n 
1 56  TYR n 
1 57  GLY n 
1 58  ILE n 
1 59  VAL n 
1 60  GLN n 
1 61  VAL n 
1 62  PRO n 
1 63  THR n 
1 64  GLY n 
1 65  PRO n 
1 66  TRP n 
1 67  PHE n 
1 68  CYS n 
1 69  ARG n 
1 70  LYS n 
1 71  CYS n 
1 72  GLU n 
1 73  SER n 
1 74  GLN n 
1 75  GLU n 
1 76  ARG n 
1 77  ALA n 
1 78  ALA n 
1 79  ARG n 
1 80  VAL n 
1 81  ARG n 
1 82  CYS n 
1 83  GLU n 
1 84  LEU n 
1 85  CYS n 
1 86  PRO n 
1 87  HIS n 
1 88  LYS n 
1 89  ASP n 
1 90  GLY n 
1 91  ALA n 
1 92  LEU n 
1 93  LYS n 
1 94  ARG n 
1 95  THR n 
1 96  ASP n 
1 97  ASN n 
1 98  GLY n 
1 99  GLY n 
1 100 TRP n 
1 101 ALA n 
1 102 HIS n 
1 103 VAL n 
1 104 VAL n 
1 105 CYS n 
1 106 ALA n 
1 107 LEU n 
1 108 TYR n 
1 109 ILE n 
1 110 PRO n 
1 111 GLU n 
1 112 VAL n 
1 113 GLN n 
1 114 PHE n 
1 115 ALA n 
1 116 ASN n 
1 117 VAL n 
1 118 SER n 
1 119 THR n 
1 120 MET n 
1 121 GLU n 
1 122 PRO n 
1 123 ILE n 
1 124 VAL n 
1 125 LEU n 
1 126 GLN n 
1 127 SER n 
1 128 VAL n 
1 129 PRO n 
1 130 HIS n 
1 131 ASP n 
1 132 ARG n 
1 133 TYR n 
1 134 ASN n 
1 135 LYS n 
1 136 THR n 
1 137 CYS n 
1 138 TYR n 
1 139 ILE n 
1 140 CYS n 
1 141 ASP n 
1 142 GLU n 
1 143 GLN n 
1 144 GLY n 
1 145 ARG n 
1 146 GLU n 
1 147 SER n 
1 148 LYS n 
1 149 ALA n 
1 150 ALA n 
1 151 THR n 
1 152 GLY n 
1 153 ALA n 
1 154 CYS n 
1 155 MET n 
1 156 THR n 
1 157 CYS n 
1 158 ASN n 
1 159 LYS n 
1 160 HIS n 
1 161 GLY n 
1 162 CYS n 
1 163 ARG n 
1 164 GLN n 
1 165 ALA n 
1 166 PHE n 
1 167 HIS n 
1 168 VAL n 
1 169 THR n 
1 170 CYS n 
1 171 ALA n 
1 172 GLN n 
1 173 PHE n 
1 174 ALA n 
1 175 GLY n 
1 176 LEU n 
1 177 LEU n 
1 178 CYS n 
1 179 GLU n 
1 180 GLU n 
1 181 GLU n 
1 182 GLY n 
1 183 ASN n 
1 184 GLY n 
1 185 ALA n 
1 186 ASP n 
1 187 ASN n 
1 188 VAL n 
1 189 GLN n 
1 190 TYR n 
1 191 CYS n 
1 192 GLY n 
1 193 TYR n 
1 194 CYS n 
1 195 LYS n 
1 196 TYR n 
1 197 HIS n 
1 198 PHE n 
1 199 SER n 
1 200 LYS n 
1 201 LEU n 
1 202 LYS n 
1 203 LYS n 
1 204 SER n 
1 205 LYS n 
1 206 ARG n 
1 207 GLY n 
1 208 SER n 
# 
_entity_src_gen.entity_id                          1 
_entity_src_gen.pdbx_src_id                        1 
_entity_src_gen.pdbx_alt_source_flag               sample 
_entity_src_gen.pdbx_seq_type                      'Biological sequence' 
_entity_src_gen.pdbx_beg_seq_num                   1 
_entity_src_gen.pdbx_end_seq_num                   208 
_entity_src_gen.gene_src_common_name               Human 
_entity_src_gen.gene_src_genus                     ? 
_entity_src_gen.pdbx_gene_src_gene                 'MLLT10, AF10' 
_entity_src_gen.gene_src_species                   ? 
_entity_src_gen.gene_src_strain                    ? 
_entity_src_gen.gene_src_tissue                    ? 
_entity_src_gen.gene_src_tissue_fraction           ? 
_entity_src_gen.gene_src_details                   ? 
_entity_src_gen.pdbx_gene_src_fragment             ? 
_entity_src_gen.pdbx_gene_src_scientific_name      'Homo sapiens' 
_entity_src_gen.pdbx_gene_src_ncbi_taxonomy_id     9606 
_entity_src_gen.pdbx_gene_src_variant              ? 
_entity_src_gen.pdbx_gene_src_cell_line            ? 
_entity_src_gen.pdbx_gene_src_atcc                 ? 
_entity_src_gen.pdbx_gene_src_organ                ? 
_entity_src_gen.pdbx_gene_src_organelle            ? 
_entity_src_gen.pdbx_gene_src_cell                 ? 
_entity_src_gen.pdbx_gene_src_cellular_location    ? 
_entity_src_gen.host_org_common_name               ? 
_entity_src_gen.pdbx_host_org_scientific_name      'Escherichia coli' 
_entity_src_gen.pdbx_host_org_ncbi_taxonomy_id     562 
_entity_src_gen.host_org_genus                     ? 
_entity_src_gen.pdbx_host_org_gene                 ? 
_entity_src_gen.pdbx_host_org_organ                ? 
_entity_src_gen.host_org_species                   ? 
_entity_src_gen.pdbx_host_org_tissue               ? 
_entity_src_gen.pdbx_host_org_tissue_fraction      ? 
_entity_src_gen.pdbx_host_org_strain               ? 
_entity_src_gen.pdbx_host_org_variant              ? 
_entity_src_gen.pdbx_host_org_cell_line            ? 
_entity_src_gen.pdbx_host_org_atcc                 ? 
_entity_src_gen.pdbx_host_org_culture_collection   ? 
_entity_src_gen.pdbx_host_org_cell                 ? 
_entity_src_gen.pdbx_host_org_organelle            ? 
_entity_src_gen.pdbx_host_org_cellular_location    ? 
_entity_src_gen.pdbx_host_org_vector_type          ? 
_entity_src_gen.pdbx_host_org_vector               ? 
_entity_src_gen.host_org_details                   ? 
_entity_src_gen.expression_system_id               ? 
_entity_src_gen.plasmid_name                       ? 
_entity_src_gen.plasmid_details                    ? 
_entity_src_gen.pdbx_description                   ? 
# 
loop_
_chem_comp.id 
_chem_comp.type 
_chem_comp.mon_nstd_flag 
_chem_comp.name 
_chem_comp.pdbx_synonyms 
_chem_comp.formula 
_chem_comp.formula_weight 
ALA 'L-peptide linking' y ALANINE         ? 'C3 H7 N O2'     89.093  
ARG 'L-peptide linking' y ARGININE        ? 'C6 H15 N4 O2 1' 175.209 
ASN 'L-peptide linking' y ASPARAGINE      ? 'C4 H8 N2 O3'    132.118 
ASP 'L-peptide linking' y 'ASPARTIC ACID' ? 'C4 H7 N O4'     133.103 
CYS 'L-peptide linking' y CYSTEINE        ? 'C3 H7 N O2 S'   121.158 
GLN 'L-peptide linking' y GLUTAMINE       ? 'C5 H10 N2 O3'   146.144 
GLU 'L-peptide linking' y 'GLUTAMIC ACID' ? 'C5 H9 N O4'     147.129 
GLY 'peptide linking'   y GLYCINE         ? 'C2 H5 N O2'     75.067  
HIS 'L-peptide linking' y HISTIDINE       ? 'C6 H10 N3 O2 1' 156.162 
HOH non-polymer         . WATER           ? 'H2 O'           18.015  
ILE 'L-peptide linking' y ISOLEUCINE      ? 'C6 H13 N O2'    131.173 
LEU 'L-peptide linking' y LEUCINE         ? 'C6 H13 N O2'    131.173 
LYS 'L-peptide linking' y LYSINE          ? 'C6 H15 N2 O2 1' 147.195 
MET 'L-peptide linking' y METHIONINE      ? 'C5 H11 N O2 S'  149.211 
PHE 'L-peptide linking' y PHENYLALANINE   ? 'C9 H11 N O2'    165.189 
PRO 'L-peptide linking' y PROLINE         ? 'C5 H9 N O2'     115.130 
SER 'L-peptide linking' y SERINE          ? 'C3 H7 N O3'     105.093 
THR 'L-peptide linking' y THREONINE       ? 'C4 H9 N O3'     119.119 
TRP 'L-peptide linking' y TRYPTOPHAN      ? 'C11 H12 N2 O2'  204.225 
TYR 'L-peptide linking' y TYROSINE        ? 'C9 H11 N O3'    181.189 
VAL 'L-peptide linking' y VALINE          ? 'C5 H11 N O2'    117.146 
ZN  non-polymer         . 'ZINC ION'      ? 'Zn 2'           65.409  
# 
loop_
_pdbx_poly_seq_scheme.asym_id 
_pdbx_poly_seq_scheme.entity_id 
_pdbx_poly_seq_scheme.seq_id 
_pdbx_poly_seq_scheme.mon_id 
_pdbx_poly_seq_scheme.ndb_seq_num 
_pdbx_poly_seq_scheme.pdb_seq_num 
_pdbx_poly_seq_scheme.auth_seq_num 
_pdbx_poly_seq_scheme.pdb_mon_id 
_pdbx_poly_seq_scheme.auth_mon_id 
_pdbx_poly_seq_scheme.pdb_strand_id 
_pdbx_poly_seq_scheme.pdb_ins_code 
_pdbx_poly_seq_scheme.hetero 
A 1 1   MET 1   1   ?   ?   ?   A . n 
A 1 2   VAL 2   2   ?   ?   ?   A . n 
A 1 3   SER 3   3   ?   ?   ?   A . n 
A 1 4   SER 4   4   ?   ?   ?   A . n 
A 1 5   ASP 5   5   ?   ?   ?   A . n 
A 1 6   ARG 6   6   ?   ?   ?   A . n 
A 1 7   PRO 7   7   ?   ?   ?   A . n 
A 1 8   VAL 8   8   ?   ?   ?   A . n 
A 1 9   SER 9   9   ?   ?   ?   A . n 
A 1 10  LEU 10  10  ?   ?   ?   A . n 
A 1 11  GLU 11  11  ?   ?   ?   A . n 
A 1 12  ASP 12  12  ?   ?   ?   A . n 
A 1 13  GLU 13  13  ?   ?   ?   A . n 
A 1 14  VAL 14  14  ?   ?   ?   A . n 
A 1 15  SER 15  15  ?   ?   ?   A . n 
A 1 16  HIS 16  16  ?   ?   ?   A . n 
A 1 17  SER 17  17  ?   ?   ?   A . n 
A 1 18  MET 18  18  ?   ?   ?   A . n 
A 1 19  LYS 19  19  ?   ?   ?   A . n 
A 1 20  GLU 20  20  ?   ?   ?   A . n 
A 1 21  MET 21  21  ?   ?   ?   A . n 
A 1 22  ILE 22  22  ?   ?   ?   A . n 
A 1 23  GLY 23  23  ?   ?   ?   A . n 
A 1 24  GLY 24  24  24  GLY GLY A . n 
A 1 25  CYS 25  25  25  CYS CYS A . n 
A 1 26  CYS 26  26  26  CYS CYS A . n 
A 1 27  VAL 27  27  27  VAL VAL A . n 
A 1 28  CYS 28  28  28  CYS CYS A . n 
A 1 29  SER 29  29  29  SER SER A . n 
A 1 30  ASP 30  30  30  ASP ASP A . n 
A 1 31  GLU 31  31  31  GLU GLU A . n 
A 1 32  ARG 32  32  32  ARG ARG A . n 
A 1 33  GLY 33  33  33  GLY GLY A . n 
A 1 34  TRP 34  34  34  TRP TRP A . n 
A 1 35  ALA 35  35  35  ALA ALA A . n 
A 1 36  GLU 36  36  36  GLU GLU A . n 
A 1 37  ASN 37  37  37  ASN ASN A . n 
A 1 38  PRO 38  38  38  PRO PRO A . n 
A 1 39  LEU 39  39  39  LEU LEU A . n 
A 1 40  VAL 40  40  40  VAL VAL A . n 
A 1 41  TYR 41  41  41  TYR TYR A . n 
A 1 42  CYS 42  42  42  CYS CYS A . n 
A 1 43  ASP 43  43  43  ASP ASP A . n 
A 1 44  GLY 44  44  44  GLY GLY A . n 
A 1 45  HIS 45  45  45  HIS HIS A . n 
A 1 46  GLY 46  46  46  GLY GLY A . n 
A 1 47  CYS 47  47  47  CYS CYS A . n 
A 1 48  SER 48  48  48  SER SER A . n 
A 1 49  VAL 49  49  49  VAL VAL A . n 
A 1 50  ALA 50  50  50  ALA ALA A . n 
A 1 51  VAL 51  51  51  VAL VAL A . n 
A 1 52  HIS 52  52  52  HIS HIS A . n 
A 1 53  GLN 53  53  53  GLN GLN A . n 
A 1 54  ALA 54  54  54  ALA ALA A . n 
A 1 55  CYS 55  55  55  CYS CYS A . n 
A 1 56  TYR 56  56  56  TYR TYR A . n 
A 1 57  GLY 57  57  57  GLY GLY A . n 
A 1 58  ILE 58  58  58  ILE ILE A . n 
A 1 59  VAL 59  59  59  VAL VAL A . n 
A 1 60  GLN 60  60  60  GLN GLN A . n 
A 1 61  VAL 61  61  61  VAL VAL A . n 
A 1 62  PRO 62  62  62  PRO PRO A . n 
A 1 63  THR 63  63  63  THR THR A . n 
A 1 64  GLY 64  64  64  GLY GLY A . n 
A 1 65  PRO 65  65  65  PRO PRO A . n 
A 1 66  TRP 66  66  66  TRP TRP A . n 
A 1 67  PHE 67  67  67  PHE PHE A . n 
A 1 68  CYS 68  68  68  CYS CYS A . n 
A 1 69  ARG 69  69  69  ARG ARG A . n 
A 1 70  LYS 70  70  70  LYS LYS A . n 
A 1 71  CYS 71  71  71  CYS CYS A . n 
A 1 72  GLU 72  72  72  GLU GLU A . n 
A 1 73  SER 73  73  73  SER SER A . n 
A 1 74  GLN 74  74  74  GLN GLN A . n 
A 1 75  GLU 75  75  75  GLU GLU A . n 
A 1 76  ARG 76  76  76  ARG ARG A . n 
A 1 77  ALA 77  77  77  ALA ALA A . n 
A 1 78  ALA 78  78  78  ALA ALA A . n 
A 1 79  ARG 79  79  79  ARG ARG A . n 
A 1 80  VAL 80  80  80  VAL VAL A . n 
A 1 81  ARG 81  81  81  ARG ARG A . n 
A 1 82  CYS 82  82  82  CYS CYS A . n 
A 1 83  GLU 83  83  83  GLU GLU A . n 
A 1 84  LEU 84  84  84  LEU LEU A . n 
A 1 85  CYS 85  85  85  CYS CYS A . n 
A 1 86  PRO 86  86  86  PRO PRO A . n 
A 1 87  HIS 87  87  87  HIS HIS A . n 
A 1 88  LYS 88  88  88  LYS LYS A . n 
A 1 89  ASP 89  89  89  ASP ASP A . n 
A 1 90  GLY 90  90  90  GLY GLY A . n 
A 1 91  ALA 91  91  91  ALA ALA A . n 
A 1 92  LEU 92  92  92  LEU LEU A . n 
A 1 93  LYS 93  93  93  LYS LYS A . n 
A 1 94  ARG 94  94  94  ARG ARG A . n 
A 1 95  THR 95  95  95  THR THR A . n 
A 1 96  ASP 96  96  96  ASP ASP A . n 
A 1 97  ASN 97  97  97  ASN ASN A . n 
A 1 98  GLY 98  98  98  GLY GLY A . n 
A 1 99  GLY 99  99  99  GLY GLY A . n 
A 1 100 TRP 100 100 100 TRP TRP A . n 
A 1 101 ALA 101 101 101 ALA ALA A . n 
A 1 102 HIS 102 102 102 HIS HIS A . n 
A 1 103 VAL 103 103 103 VAL VAL A . n 
A 1 104 VAL 104 104 104 VAL VAL A . n 
A 1 105 CYS 105 105 105 CYS CYS A . n 
A 1 106 ALA 106 106 106 ALA ALA A . n 
A 1 107 LEU 107 107 107 LEU LEU A . n 
A 1 108 TYR 108 108 108 TYR TYR A . n 
A 1 109 ILE 109 109 109 ILE ILE A . n 
A 1 110 PRO 110 110 110 PRO PRO A . n 
A 1 111 GLU 111 111 111 GLU GLU A . n 
A 1 112 VAL 112 112 112 VAL VAL A . n 
A 1 113 GLN 113 113 113 GLN GLN A . n 
A 1 114 PHE 114 114 114 PHE PHE A . n 
A 1 115 ALA 115 115 115 ALA ALA A . n 
A 1 116 ASN 116 116 116 ASN ASN A . n 
A 1 117 VAL 117 117 117 VAL VAL A . n 
A 1 118 SER 118 118 118 SER SER A . n 
A 1 119 THR 119 119 119 THR THR A . n 
A 1 120 MET 120 120 120 MET MET A . n 
A 1 121 GLU 121 121 121 GLU GLU A . n 
A 1 122 PRO 122 122 122 PRO PRO A . n 
A 1 123 ILE 123 123 123 ILE ILE A . n 
A 1 124 VAL 124 124 124 VAL VAL A . n 
A 1 125 LEU 125 125 125 LEU LEU A . n 
A 1 126 GLN 126 126 126 GLN GLN A . n 
A 1 127 SER 127 127 127 SER SER A . n 
A 1 128 VAL 128 128 128 VAL VAL A . n 
A 1 129 PRO 129 129 129 PRO PRO A . n 
A 1 130 HIS 130 130 130 HIS HIS A . n 
A 1 131 ASP 131 131 131 ASP ASP A . n 
A 1 132 ARG 132 132 132 ARG ARG A . n 
A 1 133 TYR 133 133 133 TYR TYR A . n 
A 1 134 ASN 134 134 134 ASN ASN A . n 
A 1 135 LYS 135 135 135 LYS LYS A . n 
A 1 136 THR 136 136 136 THR THR A . n 
A 1 137 CYS 137 137 137 CYS CYS A . n 
A 1 138 TYR 138 138 138 TYR TYR A . n 
A 1 139 ILE 139 139 139 ILE ILE A . n 
A 1 140 CYS 140 140 140 CYS CYS A . n 
A 1 141 ASP 141 141 141 ASP ASP A . n 
A 1 142 GLU 142 142 142 GLU GLU A . n 
A 1 143 GLN 143 143 143 GLN GLN A . n 
A 1 144 GLY 144 144 144 GLY GLY A . n 
A 1 145 ARG 145 145 145 ARG ARG A . n 
A 1 146 GLU 146 146 146 GLU GLU A . n 
A 1 147 SER 147 147 147 SER SER A . n 
A 1 148 LYS 148 148 148 LYS LYS A . n 
A 1 149 ALA 149 149 149 ALA ALA A . n 
A 1 150 ALA 150 150 150 ALA ALA A . n 
A 1 151 THR 151 151 151 THR THR A . n 
A 1 152 GLY 152 152 152 GLY GLY A . n 
A 1 153 ALA 153 153 153 ALA ALA A . n 
A 1 154 CYS 154 154 154 CYS CYS A . n 
A 1 155 MET 155 155 155 MET MET A . n 
A 1 156 THR 156 156 156 THR THR A . n 
A 1 157 CYS 157 157 157 CYS CYS A . n 
A 1 158 ASN 158 158 158 ASN ASN A . n 
A 1 159 LYS 159 159 159 LYS LYS A . n 
A 1 160 HIS 160 160 160 HIS HIS A . n 
A 1 161 GLY 161 161 161 GLY GLY A . n 
A 1 162 CYS 162 162 162 CYS CYS A . n 
A 1 163 ARG 163 163 163 ARG ARG A . n 
A 1 164 GLN 164 164 164 GLN GLN A . n 
A 1 165 ALA 165 165 165 ALA ALA A . n 
A 1 166 PHE 166 166 166 PHE PHE A . n 
A 1 167 HIS 167 167 167 HIS HIS A . n 
A 1 168 VAL 168 168 168 VAL VAL A . n 
A 1 169 THR 169 169 169 THR THR A . n 
A 1 170 CYS 170 170 170 CYS CYS A . n 
A 1 171 ALA 171 171 171 ALA ALA A . n 
A 1 172 GLN 172 172 172 GLN GLN A . n 
A 1 173 PHE 173 173 173 PHE PHE A . n 
A 1 174 ALA 174 174 174 ALA ALA A . n 
A 1 175 GLY 175 175 175 GLY GLY A . n 
A 1 176 LEU 176 176 176 LEU LEU A . n 
A 1 177 LEU 177 177 177 LEU LEU A . n 
A 1 178 CYS 178 178 178 CYS CYS A . n 
A 1 179 GLU 179 179 ?   ?   ?   A . n 
A 1 180 GLU 180 180 ?   ?   ?   A . n 
A 1 181 GLU 181 181 ?   ?   ?   A . n 
A 1 182 GLY 182 182 ?   ?   ?   A . n 
A 1 183 ASN 183 183 ?   ?   ?   A . n 
A 1 184 GLY 184 184 ?   ?   ?   A . n 
A 1 185 ALA 185 185 ?   ?   ?   A . n 
A 1 186 ASP 186 186 ?   ?   ?   A . n 
A 1 187 ASN 187 187 ?   ?   ?   A . n 
A 1 188 VAL 188 188 ?   ?   ?   A . n 
A 1 189 GLN 189 189 189 GLN GLN A . n 
A 1 190 TYR 190 190 190 TYR TYR A . n 
A 1 191 CYS 191 191 191 CYS CYS A . n 
A 1 192 GLY 192 192 192 GLY GLY A . n 
A 1 193 TYR 193 193 193 TYR TYR A . n 
A 1 194 CYS 194 194 194 CYS CYS A . n 
A 1 195 LYS 195 195 195 LYS LYS A . n 
A 1 196 TYR 196 196 196 TYR TYR A . n 
A 1 197 HIS 197 197 197 HIS HIS A . n 
A 1 198 PHE 198 198 198 PHE PHE A . n 
A 1 199 SER 199 199 199 SER SER A . n 
A 1 200 LYS 200 200 200 LYS LYS A . n 
A 1 201 LEU 201 201 201 LEU LEU A . n 
A 1 202 LYS 202 202 202 LYS LYS A . n 
A 1 203 LYS 203 203 203 LYS LYS A . n 
A 1 204 SER 204 204 204 SER SER A . n 
A 1 205 LYS 205 205 ?   ?   ?   A . n 
A 1 206 ARG 206 206 ?   ?   ?   A . n 
A 1 207 GLY 207 207 ?   ?   ?   A . n 
A 1 208 SER 208 208 ?   ?   ?   A . n 
# 
loop_
_pdbx_nonpoly_scheme.asym_id 
_pdbx_nonpoly_scheme.entity_id 
_pdbx_nonpoly_scheme.mon_id 
_pdbx_nonpoly_scheme.ndb_seq_num 
_pdbx_nonpoly_scheme.pdb_seq_num 
_pdbx_nonpoly_scheme.auth_seq_num 
_pdbx_nonpoly_scheme.pdb_mon_id 
_pdbx_nonpoly_scheme.auth_mon_id 
_pdbx_nonpoly_scheme.pdb_strand_id 
_pdbx_nonpoly_scheme.pdb_ins_code 
B 2 ZN  1   301 1   ZN  ZN  A . 
C 2 ZN  1   302 2   ZN  ZN  A . 
D 2 ZN  1   303 3   ZN  ZN  A . 
E 2 ZN  1   304 4   ZN  ZN  A . 
F 2 ZN  1   305 5   ZN  ZN  A . 
G 3 HOH 1   401 75  HOH HOH A . 
G 3 HOH 2   402 67  HOH HOH A . 
G 3 HOH 3   403 124 HOH HOH A . 
G 3 HOH 4   404 33  HOH HOH A . 
G 3 HOH 5   405 66  HOH HOH A . 
G 3 HOH 6   406 51  HOH HOH A . 
G 3 HOH 7   407 41  HOH HOH A . 
G 3 HOH 8   408 116 HOH HOH A . 
G 3 HOH 9   409 44  HOH HOH A . 
G 3 HOH 10  410 27  HOH HOH A . 
G 3 HOH 11  411 7   HOH HOH A . 
G 3 HOH 12  412 81  HOH HOH A . 
G 3 HOH 13  413 38  HOH HOH A . 
G 3 HOH 14  414 58  HOH HOH A . 
G 3 HOH 15  415 49  HOH HOH A . 
G 3 HOH 16  416 36  HOH HOH A . 
G 3 HOH 17  417 64  HOH HOH A . 
G 3 HOH 18  418 168 HOH HOH A . 
G 3 HOH 19  419 46  HOH HOH A . 
G 3 HOH 20  420 92  HOH HOH A . 
G 3 HOH 21  421 19  HOH HOH A . 
G 3 HOH 22  422 10  HOH HOH A . 
G 3 HOH 23  423 4   HOH HOH A . 
G 3 HOH 24  424 45  HOH HOH A . 
G 3 HOH 25  425 56  HOH HOH A . 
G 3 HOH 26  426 57  HOH HOH A . 
G 3 HOH 27  427 129 HOH HOH A . 
G 3 HOH 28  428 5   HOH HOH A . 
G 3 HOH 29  429 84  HOH HOH A . 
G 3 HOH 30  430 52  HOH HOH A . 
G 3 HOH 31  431 8   HOH HOH A . 
G 3 HOH 32  432 82  HOH HOH A . 
G 3 HOH 33  433 62  HOH HOH A . 
G 3 HOH 34  434 71  HOH HOH A . 
G 3 HOH 35  435 118 HOH HOH A . 
G 3 HOH 36  436 73  HOH HOH A . 
G 3 HOH 37  437 54  HOH HOH A . 
G 3 HOH 38  438 16  HOH HOH A . 
G 3 HOH 39  439 14  HOH HOH A . 
G 3 HOH 40  440 39  HOH HOH A . 
G 3 HOH 41  441 112 HOH HOH A . 
G 3 HOH 42  442 11  HOH HOH A . 
G 3 HOH 43  443 93  HOH HOH A . 
G 3 HOH 44  444 26  HOH HOH A . 
G 3 HOH 45  445 59  HOH HOH A . 
G 3 HOH 46  446 18  HOH HOH A . 
G 3 HOH 47  447 1   HOH HOH A . 
G 3 HOH 48  448 78  HOH HOH A . 
G 3 HOH 49  449 28  HOH HOH A . 
G 3 HOH 50  450 13  HOH HOH A . 
G 3 HOH 51  451 60  HOH HOH A . 
G 3 HOH 52  452 80  HOH HOH A . 
G 3 HOH 53  453 68  HOH HOH A . 
G 3 HOH 54  454 42  HOH HOH A . 
G 3 HOH 55  455 48  HOH HOH A . 
G 3 HOH 56  456 108 HOH HOH A . 
G 3 HOH 57  457 22  HOH HOH A . 
G 3 HOH 58  458 9   HOH HOH A . 
G 3 HOH 59  459 88  HOH HOH A . 
G 3 HOH 60  460 23  HOH HOH A . 
G 3 HOH 61  461 30  HOH HOH A . 
G 3 HOH 62  462 31  HOH HOH A . 
G 3 HOH 63  463 111 HOH HOH A . 
G 3 HOH 64  464 6   HOH HOH A . 
G 3 HOH 65  465 15  HOH HOH A . 
G 3 HOH 66  466 34  HOH HOH A . 
G 3 HOH 67  467 3   HOH HOH A . 
G 3 HOH 68  468 122 HOH HOH A . 
G 3 HOH 69  469 12  HOH HOH A . 
G 3 HOH 70  470 70  HOH HOH A . 
G 3 HOH 71  471 21  HOH HOH A . 
G 3 HOH 72  472 24  HOH HOH A . 
G 3 HOH 73  473 55  HOH HOH A . 
G 3 HOH 74  474 50  HOH HOH A . 
G 3 HOH 75  475 29  HOH HOH A . 
G 3 HOH 76  476 63  HOH HOH A . 
G 3 HOH 77  477 20  HOH HOH A . 
G 3 HOH 78  478 97  HOH HOH A . 
G 3 HOH 79  479 17  HOH HOH A . 
G 3 HOH 80  480 37  HOH HOH A . 
G 3 HOH 81  481 53  HOH HOH A . 
G 3 HOH 82  482 140 HOH HOH A . 
G 3 HOH 83  483 35  HOH HOH A . 
G 3 HOH 84  484 40  HOH HOH A . 
G 3 HOH 85  485 154 HOH HOH A . 
G 3 HOH 86  486 25  HOH HOH A . 
G 3 HOH 87  487 77  HOH HOH A . 
G 3 HOH 88  488 61  HOH HOH A . 
G 3 HOH 89  489 69  HOH HOH A . 
G 3 HOH 90  490 2   HOH HOH A . 
G 3 HOH 91  491 32  HOH HOH A . 
G 3 HOH 92  492 115 HOH HOH A . 
G 3 HOH 93  493 134 HOH HOH A . 
G 3 HOH 94  494 83  HOH HOH A . 
G 3 HOH 95  495 91  HOH HOH A . 
G 3 HOH 96  496 135 HOH HOH A . 
G 3 HOH 97  497 102 HOH HOH A . 
G 3 HOH 98  498 100 HOH HOH A . 
G 3 HOH 99  499 79  HOH HOH A . 
G 3 HOH 100 500 72  HOH HOH A . 
G 3 HOH 101 501 43  HOH HOH A . 
G 3 HOH 102 502 76  HOH HOH A . 
G 3 HOH 103 503 120 HOH HOH A . 
G 3 HOH 104 504 117 HOH HOH A . 
G 3 HOH 105 505 90  HOH HOH A . 
G 3 HOH 106 506 167 HOH HOH A . 
G 3 HOH 107 507 113 HOH HOH A . 
G 3 HOH 108 508 133 HOH HOH A . 
# 
loop_
_software.citation_id 
_software.classification 
_software.compiler_name 
_software.compiler_version 
_software.contact_author 
_software.contact_author_email 
_software.date 
_software.description 
_software.dependencies 
_software.hardware 
_software.language 
_software.location 
_software.mods 
_software.name 
_software.os 
_software.os_version 
_software.type 
_software.version 
_software.pdbx_ordinal 
? refinement       ? ? ? ? ? ? ? ? ? ? ? PHENIX   ? ? ? 1.8.4_1496 1 
? 'data reduction' ? ? ? ? ? ? ? ? ? ? ? HKL-2000 ? ? ? .          2 
? 'data scaling'   ? ? ? ? ? ? ? ? ? ? ? HKL-2000 ? ? ? .          3 
? phasing          ? ? ? ? ? ? ? ? ? ? ? PHENIX   ? ? ? .          4 
? 'model building' ? ? ? ? ? ? ? ? ? ? ? Coot     ? ? ? .          5 
# 
_cell.entry_id           5DAG 
_cell.length_a           51.907 
_cell.length_b           51.907 
_cell.length_c           147.727 
_cell.angle_alpha        90.00 
_cell.angle_beta         90.00 
_cell.angle_gamma        90.00 
_cell.Z_PDB              8 
_cell.pdbx_unique_axis   ? 
# 
_symmetry.entry_id                         5DAG 
_symmetry.space_group_name_H-M             'P 41 21 2' 
_symmetry.pdbx_full_space_group_name_H-M   ? 
_symmetry.cell_setting                     ? 
_symmetry.Int_Tables_number                92 
# 
_exptl.absorpt_coefficient_mu     ? 
_exptl.absorpt_correction_T_max   ? 
_exptl.absorpt_correction_T_min   ? 
_exptl.absorpt_correction_type    ? 
_exptl.absorpt_process_details    ? 
_exptl.entry_id                   5DAG 
_exptl.crystals_number            ? 
_exptl.details                    ? 
_exptl.method                     'X-RAY DIFFRACTION' 
_exptl.method_details             ? 
# 
_exptl_crystal.colour                      ? 
_exptl_crystal.density_diffrn              ? 
_exptl_crystal.density_Matthews            2.17 
_exptl_crystal.density_method              ? 
_exptl_crystal.density_percent_sol         43.27 
_exptl_crystal.description                 ? 
_exptl_crystal.F_000                       ? 
_exptl_crystal.id                          1 
_exptl_crystal.preparation                 ? 
_exptl_crystal.size_max                    ? 
_exptl_crystal.size_mid                    ? 
_exptl_crystal.size_min                    ? 
_exptl_crystal.size_rad                    ? 
_exptl_crystal.colour_lustre               ? 
_exptl_crystal.colour_modifier             ? 
_exptl_crystal.colour_primary              ? 
_exptl_crystal.density_meas                ? 
_exptl_crystal.density_meas_esd            ? 
_exptl_crystal.density_meas_gt             ? 
_exptl_crystal.density_meas_lt             ? 
_exptl_crystal.density_meas_temp           ? 
_exptl_crystal.density_meas_temp_esd       ? 
_exptl_crystal.density_meas_temp_gt        ? 
_exptl_crystal.density_meas_temp_lt        ? 
_exptl_crystal.pdbx_crystal_image_url      ? 
_exptl_crystal.pdbx_crystal_image_format   ? 
_exptl_crystal.pdbx_mosaicity              ? 
_exptl_crystal.pdbx_mosaicity_esd          ? 
# 
_exptl_crystal_grow.apparatus       ? 
_exptl_crystal_grow.atmosphere      ? 
_exptl_crystal_grow.crystal_id      1 
_exptl_crystal_grow.details         ? 
_exptl_crystal_grow.method          'VAPOR DIFFUSION, HANGING DROP' 
_exptl_crystal_grow.method_ref      ? 
_exptl_crystal_grow.pH              8.5 
_exptl_crystal_grow.pressure        ? 
_exptl_crystal_grow.pressure_esd    ? 
_exptl_crystal_grow.seeding         ? 
_exptl_crystal_grow.seeding_ref     ? 
_exptl_crystal_grow.temp            293 
_exptl_crystal_grow.temp_details    ? 
_exptl_crystal_grow.temp_esd        ? 
_exptl_crystal_grow.time            ? 
_exptl_crystal_grow.pdbx_details    
'Crystals were grown from a solution containing 0.1 M Tris-HCl pH 8.5, 25% PEG3350 using the hanging drop vapor diffusion method' 
_exptl_crystal_grow.pdbx_pH_range   8.5 
# 
_diffrn.ambient_environment    ? 
_diffrn.ambient_temp           100 
_diffrn.ambient_temp_details   ? 
_diffrn.ambient_temp_esd       ? 
_diffrn.crystal_id             1 
_diffrn.crystal_support        ? 
_diffrn.crystal_treatment      ? 
_diffrn.details                ? 
_diffrn.id                     1 
_diffrn.ambient_pressure       ? 
_diffrn.ambient_pressure_esd   ? 
_diffrn.ambient_pressure_gt    ? 
_diffrn.ambient_pressure_lt    ? 
_diffrn.ambient_temp_gt        ? 
_diffrn.ambient_temp_lt        ? 
# 
_diffrn_detector.details                      ? 
_diffrn_detector.detector                     CCD 
_diffrn_detector.diffrn_id                    1 
_diffrn_detector.type                         'ADSC QUANTUM 315' 
_diffrn_detector.area_resol_mean              ? 
_diffrn_detector.dtime                        ? 
_diffrn_detector.pdbx_frames_total            ? 
_diffrn_detector.pdbx_collection_time_total   ? 
_diffrn_detector.pdbx_collection_date         2013-04-04 
# 
_diffrn_radiation.collimation                      ? 
_diffrn_radiation.diffrn_id                        1 
_diffrn_radiation.filter_edge                      ? 
_diffrn_radiation.inhomogeneity                    ? 
_diffrn_radiation.monochromator                    ? 
_diffrn_radiation.polarisn_norm                    ? 
_diffrn_radiation.polarisn_ratio                   ? 
_diffrn_radiation.probe                            ? 
_diffrn_radiation.type                             ? 
_diffrn_radiation.xray_symbol                      ? 
_diffrn_radiation.wavelength_id                    1 
_diffrn_radiation.pdbx_monochromatic_or_laue_m_l   M 
_diffrn_radiation.pdbx_wavelength_list             ? 
_diffrn_radiation.pdbx_wavelength                  ? 
_diffrn_radiation.pdbx_diffrn_protocol             'SINGLE WAVELENGTH' 
_diffrn_radiation.pdbx_analyzer                    ? 
_diffrn_radiation.pdbx_scattering_type             x-ray 
# 
_diffrn_radiation_wavelength.id           1 
_diffrn_radiation_wavelength.wavelength   1.283 
_diffrn_radiation_wavelength.wt           1.0 
# 
_diffrn_source.current                     ? 
_diffrn_source.details                     ? 
_diffrn_source.diffrn_id                   1 
_diffrn_source.power                       ? 
_diffrn_source.size                        ? 
_diffrn_source.source                      SYNCHROTRON 
_diffrn_source.target                      ? 
_diffrn_source.type                        'NSLS BEAMLINE X29A' 
_diffrn_source.voltage                     ? 
_diffrn_source.take-off_angle              ? 
_diffrn_source.pdbx_wavelength_list        1.283 
_diffrn_source.pdbx_wavelength             ? 
_diffrn_source.pdbx_synchrotron_beamline   X29A 
_diffrn_source.pdbx_synchrotron_site       NSLS 
# 
_reflns.B_iso_Wilson_estimate            ? 
_reflns.entry_id                         5DAG 
_reflns.data_reduction_details           ? 
_reflns.data_reduction_method            ? 
_reflns.d_resolution_high                1.6 
_reflns.d_resolution_low                 50 
_reflns.details                          ? 
_reflns.limit_h_max                      ? 
_reflns.limit_h_min                      ? 
_reflns.limit_k_max                      ? 
_reflns.limit_k_min                      ? 
_reflns.limit_l_max                      ? 
_reflns.limit_l_min                      ? 
_reflns.number_all                       ? 
_reflns.number_obs                       22991 
_reflns.observed_criterion               ? 
_reflns.observed_criterion_F_max         ? 
_reflns.observed_criterion_F_min         ? 
_reflns.observed_criterion_I_max         ? 
_reflns.observed_criterion_I_min         ? 
_reflns.observed_criterion_sigma_F       ? 
_reflns.observed_criterion_sigma_I       ? 
_reflns.percent_possible_obs             98.8 
_reflns.R_free_details                   ? 
_reflns.Rmerge_F_all                     ? 
_reflns.Rmerge_F_obs                     ? 
_reflns.Friedel_coverage                 ? 
_reflns.number_gt                        ? 
_reflns.threshold_expression             ? 
_reflns.pdbx_redundancy                  7.9 
_reflns.pdbx_Rmerge_I_obs                0.075 
_reflns.pdbx_Rmerge_I_all                ? 
_reflns.pdbx_Rsym_value                  ? 
_reflns.pdbx_netI_over_av_sigmaI         ? 
_reflns.pdbx_netI_over_sigmaI            55 
_reflns.pdbx_res_netI_over_av_sigmaI_2   ? 
_reflns.pdbx_res_netI_over_sigmaI_2      ? 
_reflns.pdbx_chi_squared                 ? 
_reflns.pdbx_scaling_rejects             ? 
_reflns.pdbx_d_res_high_opt              ? 
_reflns.pdbx_d_res_low_opt               ? 
_reflns.pdbx_d_res_opt_method            ? 
_reflns.phase_calculation_details        ? 
_reflns.pdbx_Rrim_I_all                  ? 
_reflns.pdbx_Rpim_I_all                  ? 
_reflns.pdbx_d_opt                       ? 
_reflns.pdbx_number_measured_all         ? 
_reflns.pdbx_diffrn_id                   1 
_reflns.pdbx_ordinal                     1 
_reflns.pdbx_CC_half                     ? 
_reflns.pdbx_R_split                     ? 
# 
_refine.pdbx_refine_id                           'X-RAY DIFFRACTION' 
_refine.entry_id                                 5DAG 
_refine.pdbx_diffrn_id                           1 
_refine.pdbx_TLS_residual_ADP_flag               ? 
_refine.ls_number_reflns_obs                     ? 
_refine.ls_number_reflns_all                     ? 
_refine.pdbx_ls_sigma_I                          ? 
_refine.pdbx_ls_sigma_F                          1.34 
_refine.pdbx_data_cutoff_high_absF               ? 
_refine.pdbx_data_cutoff_low_absF                ? 
_refine.pdbx_data_cutoff_high_rms_absF           ? 
_refine.ls_d_res_low                             32.869 
_refine.ls_d_res_high                            1.600 
_refine.ls_percent_reflns_obs                    99.16 
_refine.ls_R_factor_obs                          0.1920 
_refine.ls_R_factor_all                          ? 
_refine.ls_R_factor_R_work                       0.1903 
_refine.ls_R_factor_R_free                       0.2143 
_refine.ls_R_factor_R_free_error                 ? 
_refine.ls_R_factor_R_free_error_details         ? 
_refine.ls_percent_reflns_R_free                 7.24 
_refine.ls_number_reflns_R_free                  3652 
_refine.ls_number_parameters                     ? 
_refine.ls_number_restraints                     ? 
_refine.occupancy_min                            ? 
_refine.occupancy_max                            ? 
_refine.correlation_coeff_Fo_to_Fc               ? 
_refine.correlation_coeff_Fo_to_Fc_free          ? 
_refine.B_iso_mean                               ? 
_refine.aniso_B[1][1]                            ? 
_refine.aniso_B[2][2]                            ? 
_refine.aniso_B[3][3]                            ? 
_refine.aniso_B[1][2]                            ? 
_refine.aniso_B[1][3]                            ? 
_refine.aniso_B[2][3]                            ? 
_refine.solvent_model_details                    'FLAT BULK SOLVENT MODEL' 
_refine.solvent_model_param_ksol                 ? 
_refine.solvent_model_param_bsol                 ? 
_refine.pdbx_solvent_vdw_probe_radii             1.11 
_refine.pdbx_solvent_ion_probe_radii             ? 
_refine.pdbx_solvent_shrinkage_radii             0.90 
_refine.pdbx_ls_cross_valid_method               'FREE R-VALUE' 
_refine.details                                  ? 
_refine.pdbx_starting_model                      ? 
_refine.pdbx_method_to_determine_struct          ? 
_refine.pdbx_isotropic_thermal_model             ? 
_refine.pdbx_stereochemistry_target_values       ML 
_refine.pdbx_stereochem_target_val_spec_case     ? 
_refine.pdbx_R_Free_selection_details            ? 
_refine.pdbx_overall_ESU_R                       ? 
_refine.pdbx_overall_ESU_R_Free                  ? 
_refine.overall_SU_ML                            0.17 
_refine.pdbx_overall_phase_error                 20.45 
_refine.overall_SU_B                             ? 
_refine.overall_SU_R_Cruickshank_DPI             ? 
_refine.pdbx_overall_SU_R_free_Cruickshank_DPI   ? 
_refine.pdbx_overall_SU_R_Blow_DPI               ? 
_refine.pdbx_overall_SU_R_free_Blow_DPI          ? 
# 
_refine_hist.pdbx_refine_id                   'X-RAY DIFFRACTION' 
_refine_hist.cycle_id                         LAST 
_refine_hist.pdbx_number_atoms_protein        1319 
_refine_hist.pdbx_number_atoms_nucleic_acid   0 
_refine_hist.pdbx_number_atoms_ligand         5 
_refine_hist.number_atoms_solvent             108 
_refine_hist.number_atoms_total               1432 
_refine_hist.d_res_high                       1.600 
_refine_hist.d_res_low                        32.869 
# 
loop_
_refine_ls_restr.type 
_refine_ls_restr.dev_ideal 
_refine_ls_restr.dev_ideal_target 
_refine_ls_restr.weight 
_refine_ls_restr.number 
_refine_ls_restr.pdbx_refine_id 
_refine_ls_restr.pdbx_restraint_function 
f_bond_d           0.007  ? ? 1351 'X-RAY DIFFRACTION' ? 
f_angle_d          1.001  ? ? 1825 'X-RAY DIFFRACTION' ? 
f_dihedral_angle_d 13.997 ? ? 486  'X-RAY DIFFRACTION' ? 
f_chiral_restr     0.046  ? ? 190  'X-RAY DIFFRACTION' ? 
f_plane_restr      0.006  ? ? 238  'X-RAY DIFFRACTION' ? 
# 
loop_
_refine_ls_shell.pdbx_refine_id 
_refine_ls_shell.pdbx_total_number_of_bins_used 
_refine_ls_shell.d_res_high 
_refine_ls_shell.d_res_low 
_refine_ls_shell.number_reflns_R_work 
_refine_ls_shell.R_factor_R_work 
_refine_ls_shell.percent_reflns_obs 
_refine_ls_shell.R_factor_R_free 
_refine_ls_shell.R_factor_R_free_error 
_refine_ls_shell.percent_reflns_R_free 
_refine_ls_shell.number_reflns_R_free 
_refine_ls_shell.number_reflns_all 
_refine_ls_shell.R_factor_all 
_refine_ls_shell.R_factor_obs 
_refine_ls_shell.number_reflns_obs 
'X-RAY DIFFRACTION' . 1.6002 1.6213  1784 0.2816 96.00  0.3082 . . 140 . . . . 
'X-RAY DIFFRACTION' . 1.6213 1.6435  1756 0.2693 99.00  0.2683 . . 135 . . . . 
'X-RAY DIFFRACTION' . 1.6435 1.6670  1847 0.2620 100.00 0.2384 . . 143 . . . . 
'X-RAY DIFFRACTION' . 1.6670 1.6919  1774 0.2495 100.00 0.2650 . . 133 . . . . 
'X-RAY DIFFRACTION' . 1.6919 1.7183  1823 0.2440 100.00 0.2847 . . 147 . . . . 
'X-RAY DIFFRACTION' . 1.7183 1.7465  1815 0.2135 100.00 0.2493 . . 143 . . . . 
'X-RAY DIFFRACTION' . 1.7465 1.7766  1819 0.2080 100.00 0.2513 . . 138 . . . . 
'X-RAY DIFFRACTION' . 1.7766 1.8089  1808 0.2041 100.00 0.2417 . . 145 . . . . 
'X-RAY DIFFRACTION' . 1.8089 1.8437  1854 0.2019 100.00 0.2385 . . 146 . . . . 
'X-RAY DIFFRACTION' . 1.8437 1.8813  1771 0.2043 100.00 0.1938 . . 138 . . . . 
'X-RAY DIFFRACTION' . 1.8813 1.9222  1842 0.1968 100.00 0.2719 . . 140 . . . . 
'X-RAY DIFFRACTION' . 1.9222 1.9669  1800 0.2064 100.00 0.2766 . . 140 . . . . 
'X-RAY DIFFRACTION' . 1.9669 2.0161  1791 0.1970 100.00 0.2134 . . 140 . . . . 
'X-RAY DIFFRACTION' . 2.0161 2.0706  1827 0.1961 100.00 0.2152 . . 148 . . . . 
'X-RAY DIFFRACTION' . 2.0706 2.1315  1802 0.1908 100.00 0.2042 . . 137 . . . . 
'X-RAY DIFFRACTION' . 2.1315 2.2003  1810 0.1867 100.00 0.2281 . . 143 . . . . 
'X-RAY DIFFRACTION' . 2.2003 2.2789  1822 0.1952 100.00 0.2166 . . 146 . . . . 
'X-RAY DIFFRACTION' . 2.2789 2.3702  1827 0.1932 100.00 0.1985 . . 142 . . . . 
'X-RAY DIFFRACTION' . 2.3702 2.4780  1799 0.1973 100.00 0.1964 . . 141 . . . . 
'X-RAY DIFFRACTION' . 2.4780 2.6086  1811 0.2012 99.00  0.2527 . . 136 . . . . 
'X-RAY DIFFRACTION' . 2.6086 2.7720  1776 0.2010 99.00  0.2022 . . 143 . . . . 
'X-RAY DIFFRACTION' . 2.7720 2.9858  1796 0.1985 99.00  0.2129 . . 141 . . . . 
'X-RAY DIFFRACTION' . 2.9858 3.2861  1802 0.2084 99.00  0.2391 . . 141 . . . . 
'X-RAY DIFFRACTION' . 3.2861 3.7610  1786 0.1833 98.00  0.1952 . . 134 . . . . 
'X-RAY DIFFRACTION' . 3.7610 4.7362  1772 0.1527 97.00  0.1704 . . 139 . . . . 
'X-RAY DIFFRACTION' . 4.7362 32.8763 1692 0.1540 94.00  0.2043 . . 133 . . . . 
# 
_struct.entry_id                     5DAG 
_struct.title                        'Crystal structure of PZP domain of human AF10 protein' 
_struct.pdbx_model_details           ? 
_struct.pdbx_formula_weight          ? 
_struct.pdbx_formula_weight_method   ? 
_struct.pdbx_model_type_details      ? 
_struct.pdbx_CASP_flag               ? 
# 
_struct_keywords.entry_id        5DAG 
_struct_keywords.text            'PHD finger, histone tail reader, epigenetics, H3K27 recognition, PEPTIDE BINDING PROTEIN' 
_struct_keywords.pdbx_keywords   'PEPTIDE BINDING PROTEIN' 
# 
loop_
_struct_asym.id 
_struct_asym.pdbx_blank_PDB_chainid_flag 
_struct_asym.pdbx_modified 
_struct_asym.entity_id 
_struct_asym.details 
A N N 1 ? 
B N N 2 ? 
C N N 2 ? 
D N N 2 ? 
E N N 2 ? 
F N N 2 ? 
G N N 3 ? 
# 
_struct_ref.db_code                    AF10_HUMAN 
_struct_ref.db_name                    UNP 
_struct_ref.details                    ? 
_struct_ref.entity_id                  1 
_struct_ref.id                         1 
_struct_ref.seq_align                  ? 
_struct_ref.seq_dif                    ? 
_struct_ref.pdbx_db_accession          P55197 
_struct_ref.pdbx_db_isoform            ? 
_struct_ref.pdbx_seq_one_letter_code   
;MVSSDRPVSLEDEVSHSMKEMIGGCCVCSDERGWAENPLVYCDGHGCSVAVHQACYGIVQVPTGPWFCRKCESQERAARV
RCELCPHKDGALKRTDNGGWAHVVCALYIPEVQFANVSTMEPIVLQSVPHDRYNKTCYICDEQGRESKAATGACMTCNKH
GCRQAFHVTCAQFAGLLCEEEGNGADNVQYCGYCKYHFSKLKKSKRGS
;
_struct_ref.pdbx_align_begin           1 
_struct_ref.pdbx_align_end             ? 
# 
_struct_ref_seq.align_id                      1 
_struct_ref_seq.ref_id                        1 
_struct_ref_seq.pdbx_PDB_id_code              5DAG 
_struct_ref_seq.pdbx_strand_id                A 
_struct_ref_seq.seq_align_beg                 1 
_struct_ref_seq.pdbx_seq_align_beg_ins_code   ? 
_struct_ref_seq.seq_align_end                 208 
_struct_ref_seq.pdbx_seq_align_end_ins_code   ? 
_struct_ref_seq.pdbx_db_accession             P55197 
_struct_ref_seq.db_align_beg                  1 
_struct_ref_seq.pdbx_db_align_beg_ins_code    ? 
_struct_ref_seq.db_align_end                  208 
_struct_ref_seq.pdbx_db_align_end_ins_code    ? 
_struct_ref_seq.pdbx_auth_seq_align_beg       1 
_struct_ref_seq.pdbx_auth_seq_align_end       208 
# 
_pdbx_struct_assembly.id                   1 
_pdbx_struct_assembly.details              author_and_software_defined_assembly 
_pdbx_struct_assembly.method_details       PISA 
_pdbx_struct_assembly.oligomeric_details   monomeric 
_pdbx_struct_assembly.oligomeric_count     1 
# 
loop_
_pdbx_struct_assembly_prop.biol_id 
_pdbx_struct_assembly_prop.type 
_pdbx_struct_assembly_prop.value 
_pdbx_struct_assembly_prop.details 
1 'ABSA (A^2)' 0     ? 
1 MORE         0     ? 
1 'SSA (A^2)'  10610 ? 
# 
_pdbx_struct_assembly_gen.assembly_id       1 
_pdbx_struct_assembly_gen.oper_expression   1 
_pdbx_struct_assembly_gen.asym_id_list      A,B,C,D,E,F,G 
# 
_pdbx_struct_oper_list.id                   1 
_pdbx_struct_oper_list.type                 'identity operation' 
_pdbx_struct_oper_list.name                 1_555 
_pdbx_struct_oper_list.symmetry_operation   x,y,z 
_pdbx_struct_oper_list.matrix[1][1]         1.0000000000 
_pdbx_struct_oper_list.matrix[1][2]         0.0000000000 
_pdbx_struct_oper_list.matrix[1][3]         0.0000000000 
_pdbx_struct_oper_list.vector[1]            0.0000000000 
_pdbx_struct_oper_list.matrix[2][1]         0.0000000000 
_pdbx_struct_oper_list.matrix[2][2]         1.0000000000 
_pdbx_struct_oper_list.matrix[2][3]         0.0000000000 
_pdbx_struct_oper_list.vector[2]            0.0000000000 
_pdbx_struct_oper_list.matrix[3][1]         0.0000000000 
_pdbx_struct_oper_list.matrix[3][2]         0.0000000000 
_pdbx_struct_oper_list.matrix[3][3]         1.0000000000 
_pdbx_struct_oper_list.vector[3]            0.0000000000 
# 
loop_
_struct_conf.conf_type_id 
_struct_conf.id 
_struct_conf.pdbx_PDB_helix_id 
_struct_conf.beg_label_comp_id 
_struct_conf.beg_label_asym_id 
_struct_conf.beg_label_seq_id 
_struct_conf.pdbx_beg_PDB_ins_code 
_struct_conf.end_label_comp_id 
_struct_conf.end_label_asym_id 
_struct_conf.end_label_seq_id 
_struct_conf.pdbx_end_PDB_ins_code 
_struct_conf.beg_auth_comp_id 
_struct_conf.beg_auth_asym_id 
_struct_conf.beg_auth_seq_id 
_struct_conf.end_auth_comp_id 
_struct_conf.end_auth_asym_id 
_struct_conf.end_auth_seq_id 
_struct_conf.pdbx_PDB_helix_class 
_struct_conf.details 
_struct_conf.pdbx_PDB_helix_length 
HELX_P HELX_P1 AA1 ALA A 54  ? TYR A 56  ? ALA A 54  TYR A 56  5 ? 3 
HELX_P HELX_P2 AA2 CYS A 68  ? SER A 73  ? CYS A 68  SER A 73  1 ? 6 
HELX_P HELX_P3 AA3 VAL A 103 ? ILE A 109 ? VAL A 103 ILE A 109 1 ? 7 
HELX_P HELX_P4 AA4 PRO A 129 ? TYR A 133 ? PRO A 129 TYR A 133 5 ? 5 
HELX_P HELX_P5 AA5 CYS A 137 ? GLN A 143 ? CYS A 137 GLN A 143 1 ? 7 
HELX_P HELX_P6 AA6 ARG A 145 ? ALA A 149 ? ARG A 145 ALA A 149 5 ? 5 
HELX_P HELX_P7 AA7 HIS A 167 ? GLY A 175 ? HIS A 167 GLY A 175 1 ? 9 
HELX_P HELX_P8 AA8 CYS A 194 ? LYS A 200 ? CYS A 194 LYS A 200 1 ? 7 
# 
_struct_conf_type.id          HELX_P 
_struct_conf_type.criteria    ? 
_struct_conf_type.reference   ? 
# 
loop_
_struct_conn.id 
_struct_conn.conn_type_id 
_struct_conn.pdbx_leaving_atom_flag 
_struct_conn.pdbx_PDB_id 
_struct_conn.ptnr1_label_asym_id 
_struct_conn.ptnr1_label_comp_id 
_struct_conn.ptnr1_label_seq_id 
_struct_conn.ptnr1_label_atom_id 
_struct_conn.pdbx_ptnr1_label_alt_id 
_struct_conn.pdbx_ptnr1_PDB_ins_code 
_struct_conn.pdbx_ptnr1_standard_comp_id 
_struct_conn.ptnr1_symmetry 
_struct_conn.ptnr2_label_asym_id 
_struct_conn.ptnr2_label_comp_id 
_struct_conn.ptnr2_label_seq_id 
_struct_conn.ptnr2_label_atom_id 
_struct_conn.pdbx_ptnr2_label_alt_id 
_struct_conn.pdbx_ptnr2_PDB_ins_code 
_struct_conn.ptnr1_auth_asym_id 
_struct_conn.ptnr1_auth_comp_id 
_struct_conn.ptnr1_auth_seq_id 
_struct_conn.ptnr2_auth_asym_id 
_struct_conn.ptnr2_auth_comp_id 
_struct_conn.ptnr2_auth_seq_id 
_struct_conn.ptnr2_symmetry 
_struct_conn.pdbx_ptnr3_label_atom_id 
_struct_conn.pdbx_ptnr3_label_seq_id 
_struct_conn.pdbx_ptnr3_label_comp_id 
_struct_conn.pdbx_ptnr3_label_asym_id 
_struct_conn.pdbx_ptnr3_label_alt_id 
_struct_conn.pdbx_ptnr3_PDB_ins_code 
_struct_conn.details 
_struct_conn.pdbx_dist_value 
_struct_conn.pdbx_value_order 
_struct_conn.pdbx_role 
metalc1  metalc ? ? A CYS 25  SG  ? ? ? 1_555 B ZN . ZN ? ? A CYS 25  A ZN 301 1_555 ? ? ? ? ? ? ? 2.337 ? ? 
metalc2  metalc ? ? A CYS 28  SG  ? ? ? 1_555 B ZN . ZN ? ? A CYS 28  A ZN 301 1_555 ? ? ? ? ? ? ? 2.297 ? ? 
metalc3  metalc ? ? A CYS 42  SG  ? ? ? 1_555 F ZN . ZN ? ? A CYS 42  A ZN 305 1_555 ? ? ? ? ? ? ? 2.291 ? ? 
metalc4  metalc ? ? A CYS 47  SG  ? ? ? 1_555 F ZN . ZN ? ? A CYS 47  A ZN 305 1_555 ? ? ? ? ? ? ? 2.265 ? ? 
metalc5  metalc ? ? A HIS 52  ND1 ? ? ? 1_555 B ZN . ZN ? ? A HIS 52  A ZN 301 1_555 ? ? ? ? ? ? ? 2.104 ? ? 
metalc6  metalc ? ? A CYS 55  SG  ? ? ? 1_555 B ZN . ZN ? ? A CYS 55  A ZN 301 1_555 ? ? ? ? ? ? ? 2.292 ? ? 
metalc7  metalc ? ? A CYS 68  SG  ? ? ? 1_555 F ZN . ZN ? ? A CYS 68  A ZN 305 1_555 ? ? ? ? ? ? ? 2.365 ? ? 
metalc8  metalc ? ? A CYS 71  SG  ? ? ? 1_555 F ZN . ZN ? ? A CYS 71  A ZN 305 1_555 ? ? ? ? ? ? ? 2.343 ? ? 
metalc9  metalc ? ? A CYS 82  SG  ? ? ? 1_555 E ZN . ZN ? ? A CYS 82  A ZN 304 1_555 ? ? ? ? ? ? ? 2.320 ? ? 
metalc10 metalc ? ? A CYS 85  SG  ? ? ? 1_555 E ZN . ZN ? ? A CYS 85  A ZN 304 1_555 ? ? ? ? ? ? ? 2.335 ? ? 
metalc11 metalc ? ? A HIS 102 ND1 ? ? ? 1_555 E ZN . ZN ? ? A HIS 102 A ZN 304 1_555 ? ? ? ? ? ? ? 2.124 ? ? 
metalc12 metalc ? ? A CYS 105 SG  ? ? ? 1_555 E ZN . ZN ? ? A CYS 105 A ZN 304 1_555 ? ? ? ? ? ? ? 2.322 ? ? 
metalc13 metalc ? ? A CYS 137 SG  ? ? ? 1_555 D ZN . ZN ? ? A CYS 137 A ZN 303 1_555 ? ? ? ? ? ? ? 2.329 ? ? 
metalc14 metalc ? ? A CYS 140 SG  ? ? ? 1_555 D ZN . ZN ? ? A CYS 140 A ZN 303 1_555 ? ? ? ? ? ? ? 2.299 ? ? 
metalc15 metalc ? ? A CYS 157 SG  ? ? ? 1_555 C ZN . ZN ? ? A CYS 157 A ZN 302 1_555 ? ? ? ? ? ? ? 2.338 ? ? 
metalc16 metalc ? ? A CYS 162 SG  ? ? ? 1_555 C ZN . ZN ? ? A CYS 162 A ZN 302 1_555 ? ? ? ? ? ? ? 2.312 ? ? 
metalc17 metalc ? ? A HIS 167 ND1 ? ? ? 1_555 D ZN . ZN ? ? A HIS 167 A ZN 303 1_555 ? ? ? ? ? ? ? 2.128 ? ? 
metalc18 metalc ? ? A CYS 170 SG  ? ? ? 1_555 D ZN . ZN ? ? A CYS 170 A ZN 303 1_555 ? ? ? ? ? ? ? 2.301 ? ? 
metalc19 metalc ? ? A CYS 194 SG  ? ? ? 1_555 C ZN . ZN ? ? A CYS 194 A ZN 302 1_555 ? ? ? ? ? ? ? 2.325 ? ? 
metalc20 metalc ? ? A HIS 197 ND1 ? ? ? 1_555 C ZN . ZN ? ? A HIS 197 A ZN 302 1_555 ? ? ? ? ? ? ? 2.102 ? ? 
# 
_struct_conn_type.id          metalc 
_struct_conn_type.criteria    ? 
_struct_conn_type.reference   ? 
# 
loop_
_pdbx_struct_conn_angle.id 
_pdbx_struct_conn_angle.ptnr1_label_atom_id 
_pdbx_struct_conn_angle.ptnr1_label_alt_id 
_pdbx_struct_conn_angle.ptnr1_label_asym_id 
_pdbx_struct_conn_angle.ptnr1_label_comp_id 
_pdbx_struct_conn_angle.ptnr1_label_seq_id 
_pdbx_struct_conn_angle.ptnr1_auth_atom_id 
_pdbx_struct_conn_angle.ptnr1_auth_asym_id 
_pdbx_struct_conn_angle.ptnr1_auth_comp_id 
_pdbx_struct_conn_angle.ptnr1_auth_seq_id 
_pdbx_struct_conn_angle.ptnr1_PDB_ins_code 
_pdbx_struct_conn_angle.ptnr1_symmetry 
_pdbx_struct_conn_angle.ptnr2_label_atom_id 
_pdbx_struct_conn_angle.ptnr2_label_alt_id 
_pdbx_struct_conn_angle.ptnr2_label_asym_id 
_pdbx_struct_conn_angle.ptnr2_label_comp_id 
_pdbx_struct_conn_angle.ptnr2_label_seq_id 
_pdbx_struct_conn_angle.ptnr2_auth_atom_id 
_pdbx_struct_conn_angle.ptnr2_auth_asym_id 
_pdbx_struct_conn_angle.ptnr2_auth_comp_id 
_pdbx_struct_conn_angle.ptnr2_auth_seq_id 
_pdbx_struct_conn_angle.ptnr2_PDB_ins_code 
_pdbx_struct_conn_angle.ptnr2_symmetry 
_pdbx_struct_conn_angle.ptnr3_label_atom_id 
_pdbx_struct_conn_angle.ptnr3_label_alt_id 
_pdbx_struct_conn_angle.ptnr3_label_asym_id 
_pdbx_struct_conn_angle.ptnr3_label_comp_id 
_pdbx_struct_conn_angle.ptnr3_label_seq_id 
_pdbx_struct_conn_angle.ptnr3_auth_atom_id 
_pdbx_struct_conn_angle.ptnr3_auth_asym_id 
_pdbx_struct_conn_angle.ptnr3_auth_comp_id 
_pdbx_struct_conn_angle.ptnr3_auth_seq_id 
_pdbx_struct_conn_angle.ptnr3_PDB_ins_code 
_pdbx_struct_conn_angle.ptnr3_symmetry 
_pdbx_struct_conn_angle.value 
_pdbx_struct_conn_angle.value_esd 
1  SG  ? A CYS 25  ? A CYS 25  ? 1_555 ZN ? B ZN . ? A ZN 301 ? 1_555 SG  ? A CYS 28  ? A CYS 28  ? 1_555 114.4 ? 
2  SG  ? A CYS 25  ? A CYS 25  ? 1_555 ZN ? B ZN . ? A ZN 301 ? 1_555 ND1 ? A HIS 52  ? A HIS 52  ? 1_555 101.1 ? 
3  SG  ? A CYS 28  ? A CYS 28  ? 1_555 ZN ? B ZN . ? A ZN 301 ? 1_555 ND1 ? A HIS 52  ? A HIS 52  ? 1_555 97.5  ? 
4  SG  ? A CYS 25  ? A CYS 25  ? 1_555 ZN ? B ZN . ? A ZN 301 ? 1_555 SG  ? A CYS 55  ? A CYS 55  ? 1_555 113.0 ? 
5  SG  ? A CYS 28  ? A CYS 28  ? 1_555 ZN ? B ZN . ? A ZN 301 ? 1_555 SG  ? A CYS 55  ? A CYS 55  ? 1_555 112.4 ? 
6  ND1 ? A HIS 52  ? A HIS 52  ? 1_555 ZN ? B ZN . ? A ZN 301 ? 1_555 SG  ? A CYS 55  ? A CYS 55  ? 1_555 117.2 ? 
7  SG  ? A CYS 42  ? A CYS 42  ? 1_555 ZN ? F ZN . ? A ZN 305 ? 1_555 SG  ? A CYS 47  ? A CYS 47  ? 1_555 109.4 ? 
8  SG  ? A CYS 42  ? A CYS 42  ? 1_555 ZN ? F ZN . ? A ZN 305 ? 1_555 SG  ? A CYS 68  ? A CYS 68  ? 1_555 113.6 ? 
9  SG  ? A CYS 47  ? A CYS 47  ? 1_555 ZN ? F ZN . ? A ZN 305 ? 1_555 SG  ? A CYS 68  ? A CYS 68  ? 1_555 116.4 ? 
10 SG  ? A CYS 42  ? A CYS 42  ? 1_555 ZN ? F ZN . ? A ZN 305 ? 1_555 SG  ? A CYS 71  ? A CYS 71  ? 1_555 103.5 ? 
11 SG  ? A CYS 47  ? A CYS 47  ? 1_555 ZN ? F ZN . ? A ZN 305 ? 1_555 SG  ? A CYS 71  ? A CYS 71  ? 1_555 103.9 ? 
12 SG  ? A CYS 68  ? A CYS 68  ? 1_555 ZN ? F ZN . ? A ZN 305 ? 1_555 SG  ? A CYS 71  ? A CYS 71  ? 1_555 108.8 ? 
13 SG  ? A CYS 82  ? A CYS 82  ? 1_555 ZN ? E ZN . ? A ZN 304 ? 1_555 SG  ? A CYS 85  ? A CYS 85  ? 1_555 115.0 ? 
14 SG  ? A CYS 82  ? A CYS 82  ? 1_555 ZN ? E ZN . ? A ZN 304 ? 1_555 ND1 ? A HIS 102 ? A HIS 102 ? 1_555 98.7  ? 
15 SG  ? A CYS 85  ? A CYS 85  ? 1_555 ZN ? E ZN . ? A ZN 304 ? 1_555 ND1 ? A HIS 102 ? A HIS 102 ? 1_555 95.0  ? 
16 SG  ? A CYS 82  ? A CYS 82  ? 1_555 ZN ? E ZN . ? A ZN 304 ? 1_555 SG  ? A CYS 105 ? A CYS 105 ? 1_555 118.7 ? 
17 SG  ? A CYS 85  ? A CYS 85  ? 1_555 ZN ? E ZN . ? A ZN 304 ? 1_555 SG  ? A CYS 105 ? A CYS 105 ? 1_555 110.7 ? 
18 ND1 ? A HIS 102 ? A HIS 102 ? 1_555 ZN ? E ZN . ? A ZN 304 ? 1_555 SG  ? A CYS 105 ? A CYS 105 ? 1_555 115.8 ? 
19 SG  ? A CYS 137 ? A CYS 137 ? 1_555 ZN ? D ZN . ? A ZN 303 ? 1_555 SG  ? A CYS 140 ? A CYS 140 ? 1_555 116.2 ? 
20 SG  ? A CYS 137 ? A CYS 137 ? 1_555 ZN ? D ZN . ? A ZN 303 ? 1_555 ND1 ? A HIS 167 ? A HIS 167 ? 1_555 100.4 ? 
21 SG  ? A CYS 140 ? A CYS 140 ? 1_555 ZN ? D ZN . ? A ZN 303 ? 1_555 ND1 ? A HIS 167 ? A HIS 167 ? 1_555 101.3 ? 
22 SG  ? A CYS 137 ? A CYS 137 ? 1_555 ZN ? D ZN . ? A ZN 303 ? 1_555 SG  ? A CYS 170 ? A CYS 170 ? 1_555 115.3 ? 
23 SG  ? A CYS 140 ? A CYS 140 ? 1_555 ZN ? D ZN . ? A ZN 303 ? 1_555 SG  ? A CYS 170 ? A CYS 170 ? 1_555 111.1 ? 
24 ND1 ? A HIS 167 ? A HIS 167 ? 1_555 ZN ? D ZN . ? A ZN 303 ? 1_555 SG  ? A CYS 170 ? A CYS 170 ? 1_555 111.0 ? 
25 SG  ? A CYS 157 ? A CYS 157 ? 1_555 ZN ? C ZN . ? A ZN 302 ? 1_555 SG  ? A CYS 162 ? A CYS 162 ? 1_555 110.6 ? 
26 SG  ? A CYS 157 ? A CYS 157 ? 1_555 ZN ? C ZN . ? A ZN 302 ? 1_555 SG  ? A CYS 194 ? A CYS 194 ? 1_555 114.9 ? 
27 SG  ? A CYS 162 ? A CYS 162 ? 1_555 ZN ? C ZN . ? A ZN 302 ? 1_555 SG  ? A CYS 194 ? A CYS 194 ? 1_555 113.8 ? 
28 SG  ? A CYS 157 ? A CYS 157 ? 1_555 ZN ? C ZN . ? A ZN 302 ? 1_555 ND1 ? A HIS 197 ? A HIS 197 ? 1_555 112.9 ? 
29 SG  ? A CYS 162 ? A CYS 162 ? 1_555 ZN ? C ZN . ? A ZN 302 ? 1_555 ND1 ? A HIS 197 ? A HIS 197 ? 1_555 104.9 ? 
30 SG  ? A CYS 194 ? A CYS 194 ? 1_555 ZN ? C ZN . ? A ZN 302 ? 1_555 ND1 ? A HIS 197 ? A HIS 197 ? 1_555 98.8  ? 
# 
_struct_mon_prot_cis.pdbx_id                1 
_struct_mon_prot_cis.label_comp_id          GLU 
_struct_mon_prot_cis.label_seq_id           121 
_struct_mon_prot_cis.label_asym_id          A 
_struct_mon_prot_cis.label_alt_id           . 
_struct_mon_prot_cis.pdbx_PDB_ins_code      ? 
_struct_mon_prot_cis.auth_comp_id           GLU 
_struct_mon_prot_cis.auth_seq_id            121 
_struct_mon_prot_cis.auth_asym_id           A 
_struct_mon_prot_cis.pdbx_label_comp_id_2   PRO 
_struct_mon_prot_cis.pdbx_label_seq_id_2    122 
_struct_mon_prot_cis.pdbx_label_asym_id_2   A 
_struct_mon_prot_cis.pdbx_PDB_ins_code_2    ? 
_struct_mon_prot_cis.pdbx_auth_comp_id_2    PRO 
_struct_mon_prot_cis.pdbx_auth_seq_id_2     122 
_struct_mon_prot_cis.pdbx_auth_asym_id_2    A 
_struct_mon_prot_cis.pdbx_PDB_model_num     1 
_struct_mon_prot_cis.pdbx_omega_angle       -14.55 
# 
loop_
_struct_sheet.id 
_struct_sheet.type 
_struct_sheet.number_strands 
_struct_sheet.details 
AA1 ? 2 ? 
AA2 ? 2 ? 
AA3 ? 2 ? 
AA4 ? 2 ? 
# 
loop_
_struct_sheet_order.sheet_id 
_struct_sheet_order.range_id_1 
_struct_sheet_order.range_id_2 
_struct_sheet_order.offset 
_struct_sheet_order.sense 
AA1 1 2 ? anti-parallel 
AA2 1 2 ? anti-parallel 
AA3 1 2 ? anti-parallel 
AA4 1 2 ? anti-parallel 
# 
loop_
_struct_sheet_range.sheet_id 
_struct_sheet_range.id 
_struct_sheet_range.beg_label_comp_id 
_struct_sheet_range.beg_label_asym_id 
_struct_sheet_range.beg_label_seq_id 
_struct_sheet_range.pdbx_beg_PDB_ins_code 
_struct_sheet_range.end_label_comp_id 
_struct_sheet_range.end_label_asym_id 
_struct_sheet_range.end_label_seq_id 
_struct_sheet_range.pdbx_end_PDB_ins_code 
_struct_sheet_range.beg_auth_comp_id 
_struct_sheet_range.beg_auth_asym_id 
_struct_sheet_range.beg_auth_seq_id 
_struct_sheet_range.end_auth_comp_id 
_struct_sheet_range.end_auth_asym_id 
_struct_sheet_range.end_auth_seq_id 
AA1 1 LEU A 39  ? TYR A 41  ? LEU A 39  TYR A 41  
AA1 2 ALA A 50  ? HIS A 52  ? ALA A 50  HIS A 52  
AA2 1 LEU A 92  ? ARG A 94  ? LEU A 92  ARG A 94  
AA2 2 TRP A 100 ? HIS A 102 ? TRP A 100 HIS A 102 
AA3 1 GLN A 113 ? PHE A 114 ? GLN A 113 PHE A 114 
AA3 2 ILE A 123 ? VAL A 124 ? ILE A 123 VAL A 124 
AA4 1 MET A 155 ? THR A 156 ? MET A 155 THR A 156 
AA4 2 ALA A 165 ? PHE A 166 ? ALA A 165 PHE A 166 
# 
loop_
_pdbx_struct_sheet_hbond.sheet_id 
_pdbx_struct_sheet_hbond.range_id_1 
_pdbx_struct_sheet_hbond.range_id_2 
_pdbx_struct_sheet_hbond.range_1_label_atom_id 
_pdbx_struct_sheet_hbond.range_1_label_comp_id 
_pdbx_struct_sheet_hbond.range_1_label_asym_id 
_pdbx_struct_sheet_hbond.range_1_label_seq_id 
_pdbx_struct_sheet_hbond.range_1_PDB_ins_code 
_pdbx_struct_sheet_hbond.range_1_auth_atom_id 
_pdbx_struct_sheet_hbond.range_1_auth_comp_id 
_pdbx_struct_sheet_hbond.range_1_auth_asym_id 
_pdbx_struct_sheet_hbond.range_1_auth_seq_id 
_pdbx_struct_sheet_hbond.range_2_label_atom_id 
_pdbx_struct_sheet_hbond.range_2_label_comp_id 
_pdbx_struct_sheet_hbond.range_2_label_asym_id 
_pdbx_struct_sheet_hbond.range_2_label_seq_id 
_pdbx_struct_sheet_hbond.range_2_PDB_ins_code 
_pdbx_struct_sheet_hbond.range_2_auth_atom_id 
_pdbx_struct_sheet_hbond.range_2_auth_comp_id 
_pdbx_struct_sheet_hbond.range_2_auth_asym_id 
_pdbx_struct_sheet_hbond.range_2_auth_seq_id 
AA1 1 2 N VAL A 40  ? N VAL A 40  O VAL A 51  ? O VAL A 51  
AA2 1 2 N LYS A 93  ? N LYS A 93  O ALA A 101 ? O ALA A 101 
AA3 1 2 N GLN A 113 ? N GLN A 113 O VAL A 124 ? O VAL A 124 
AA4 1 2 N MET A 155 ? N MET A 155 O PHE A 166 ? O PHE A 166 
# 
loop_
_struct_site.id 
_struct_site.pdbx_evidence_code 
_struct_site.pdbx_auth_asym_id 
_struct_site.pdbx_auth_comp_id 
_struct_site.pdbx_auth_seq_id 
_struct_site.pdbx_auth_ins_code 
_struct_site.pdbx_num_residues 
_struct_site.details 
AC1 Software A ZN 301 ? 4 'binding site for residue ZN A 301' 
AC2 Software A ZN 302 ? 4 'binding site for residue ZN A 302' 
AC3 Software A ZN 303 ? 4 'binding site for residue ZN A 303' 
AC4 Software A ZN 304 ? 4 'binding site for residue ZN A 304' 
AC5 Software A ZN 305 ? 4 'binding site for residue ZN A 305' 
# 
loop_
_struct_site_gen.id 
_struct_site_gen.site_id 
_struct_site_gen.pdbx_num_res 
_struct_site_gen.label_comp_id 
_struct_site_gen.label_asym_id 
_struct_site_gen.label_seq_id 
_struct_site_gen.pdbx_auth_ins_code 
_struct_site_gen.auth_comp_id 
_struct_site_gen.auth_asym_id 
_struct_site_gen.auth_seq_id 
_struct_site_gen.label_atom_id 
_struct_site_gen.label_alt_id 
_struct_site_gen.symmetry 
_struct_site_gen.details 
1  AC1 4 CYS A 25  ? CYS A 25  . ? 1_555 ? 
2  AC1 4 CYS A 28  ? CYS A 28  . ? 1_555 ? 
3  AC1 4 HIS A 52  ? HIS A 52  . ? 1_555 ? 
4  AC1 4 CYS A 55  ? CYS A 55  . ? 1_555 ? 
5  AC2 4 CYS A 157 ? CYS A 157 . ? 1_555 ? 
6  AC2 4 CYS A 162 ? CYS A 162 . ? 1_555 ? 
7  AC2 4 CYS A 194 ? CYS A 194 . ? 1_555 ? 
8  AC2 4 HIS A 197 ? HIS A 197 . ? 1_555 ? 
9  AC3 4 CYS A 137 ? CYS A 137 . ? 1_555 ? 
10 AC3 4 CYS A 140 ? CYS A 140 . ? 1_555 ? 
11 AC3 4 HIS A 167 ? HIS A 167 . ? 1_555 ? 
12 AC3 4 CYS A 170 ? CYS A 170 . ? 1_555 ? 
13 AC4 4 CYS A 82  ? CYS A 82  . ? 1_555 ? 
14 AC4 4 CYS A 85  ? CYS A 85  . ? 1_555 ? 
15 AC4 4 HIS A 102 ? HIS A 102 . ? 1_555 ? 
16 AC4 4 CYS A 105 ? CYS A 105 . ? 1_555 ? 
17 AC5 4 CYS A 42  ? CYS A 42  . ? 1_555 ? 
18 AC5 4 CYS A 47  ? CYS A 47  . ? 1_555 ? 
19 AC5 4 CYS A 68  ? CYS A 68  . ? 1_555 ? 
20 AC5 4 CYS A 71  ? CYS A 71  . ? 1_555 ? 
# 
loop_
_pdbx_validate_close_contact.id 
_pdbx_validate_close_contact.PDB_model_num 
_pdbx_validate_close_contact.auth_atom_id_1 
_pdbx_validate_close_contact.auth_asym_id_1 
_pdbx_validate_close_contact.auth_comp_id_1 
_pdbx_validate_close_contact.auth_seq_id_1 
_pdbx_validate_close_contact.PDB_ins_code_1 
_pdbx_validate_close_contact.label_alt_id_1 
_pdbx_validate_close_contact.auth_atom_id_2 
_pdbx_validate_close_contact.auth_asym_id_2 
_pdbx_validate_close_contact.auth_comp_id_2 
_pdbx_validate_close_contact.auth_seq_id_2 
_pdbx_validate_close_contact.PDB_ins_code_2 
_pdbx_validate_close_contact.label_alt_id_2 
_pdbx_validate_close_contact.dist 
1 1 O A HOH 492 ? ? O A HOH 496 ? ? 2.09 
2 1 O A HOH 401 ? ? O A HOH 434 ? ? 2.17 
3 1 O A TYR 133 ? ? O A HOH 401 ? ? 2.18 
4 1 O A HOH 406 ? ? O A HOH 505 ? ? 2.19 
# 
_pdbx_validate_symm_contact.id                1 
_pdbx_validate_symm_contact.PDB_model_num     1 
_pdbx_validate_symm_contact.auth_atom_id_1    O 
_pdbx_validate_symm_contact.auth_asym_id_1    A 
_pdbx_validate_symm_contact.auth_comp_id_1    HOH 
_pdbx_validate_symm_contact.auth_seq_id_1     418 
_pdbx_validate_symm_contact.PDB_ins_code_1    ? 
_pdbx_validate_symm_contact.label_alt_id_1    ? 
_pdbx_validate_symm_contact.site_symmetry_1   1_555 
_pdbx_validate_symm_contact.auth_atom_id_2    O 
_pdbx_validate_symm_contact.auth_asym_id_2    A 
_pdbx_validate_symm_contact.auth_comp_id_2    HOH 
_pdbx_validate_symm_contact.auth_seq_id_2     430 
_pdbx_validate_symm_contact.PDB_ins_code_2    ? 
_pdbx_validate_symm_contact.label_alt_id_2    ? 
_pdbx_validate_symm_contact.site_symmetry_2   3_645 
_pdbx_validate_symm_contact.dist              2.07 
# 
loop_
_pdbx_validate_torsion.id 
_pdbx_validate_torsion.PDB_model_num 
_pdbx_validate_torsion.auth_comp_id 
_pdbx_validate_torsion.auth_asym_id 
_pdbx_validate_torsion.auth_seq_id 
_pdbx_validate_torsion.PDB_ins_code 
_pdbx_validate_torsion.label_alt_id 
_pdbx_validate_torsion.phi 
_pdbx_validate_torsion.psi 
1 1 ASN A 37 ? ? -153.09 70.32   
2 1 ASP A 89 ? ? 59.46   -149.02 
# 
loop_
_pdbx_unobs_or_zero_occ_residues.id 
_pdbx_unobs_or_zero_occ_residues.PDB_model_num 
_pdbx_unobs_or_zero_occ_residues.polymer_flag 
_pdbx_unobs_or_zero_occ_residues.occupancy_flag 
_pdbx_unobs_or_zero_occ_residues.auth_asym_id 
_pdbx_unobs_or_zero_occ_residues.auth_comp_id 
_pdbx_unobs_or_zero_occ_residues.auth_seq_id 
_pdbx_unobs_or_zero_occ_residues.PDB_ins_code 
_pdbx_unobs_or_zero_occ_residues.label_asym_id 
_pdbx_unobs_or_zero_occ_residues.label_comp_id 
_pdbx_unobs_or_zero_occ_residues.label_seq_id 
1  1 Y 1 A MET 1   ? A MET 1   
2  1 Y 1 A VAL 2   ? A VAL 2   
3  1 Y 1 A SER 3   ? A SER 3   
4  1 Y 1 A SER 4   ? A SER 4   
5  1 Y 1 A ASP 5   ? A ASP 5   
6  1 Y 1 A ARG 6   ? A ARG 6   
7  1 Y 1 A PRO 7   ? A PRO 7   
8  1 Y 1 A VAL 8   ? A VAL 8   
9  1 Y 1 A SER 9   ? A SER 9   
10 1 Y 1 A LEU 10  ? A LEU 10  
11 1 Y 1 A GLU 11  ? A GLU 11  
12 1 Y 1 A ASP 12  ? A ASP 12  
13 1 Y 1 A GLU 13  ? A GLU 13  
14 1 Y 1 A VAL 14  ? A VAL 14  
15 1 Y 1 A SER 15  ? A SER 15  
16 1 Y 1 A HIS 16  ? A HIS 16  
17 1 Y 1 A SER 17  ? A SER 17  
18 1 Y 1 A MET 18  ? A MET 18  
19 1 Y 1 A LYS 19  ? A LYS 19  
20 1 Y 1 A GLU 20  ? A GLU 20  
21 1 Y 1 A MET 21  ? A MET 21  
22 1 Y 1 A ILE 22  ? A ILE 22  
23 1 Y 1 A GLY 23  ? A GLY 23  
24 1 Y 1 A GLU 179 ? A GLU 179 
25 1 Y 1 A GLU 180 ? A GLU 180 
26 1 Y 1 A GLU 181 ? A GLU 181 
27 1 Y 1 A GLY 182 ? A GLY 182 
28 1 Y 1 A ASN 183 ? A ASN 183 
29 1 Y 1 A GLY 184 ? A GLY 184 
30 1 Y 1 A ALA 185 ? A ALA 185 
31 1 Y 1 A ASP 186 ? A ASP 186 
32 1 Y 1 A ASN 187 ? A ASN 187 
33 1 Y 1 A VAL 188 ? A VAL 188 
34 1 Y 1 A LYS 205 ? A LYS 205 
35 1 Y 1 A ARG 206 ? A ARG 206 
36 1 Y 1 A GLY 207 ? A GLY 207 
37 1 Y 1 A SER 208 ? A SER 208 
# 
loop_
_chem_comp_atom.comp_id 
_chem_comp_atom.atom_id 
_chem_comp_atom.type_symbol 
_chem_comp_atom.pdbx_aromatic_flag 
_chem_comp_atom.pdbx_stereo_config 
_chem_comp_atom.pdbx_ordinal 
ALA N    N  N N 1   
ALA CA   C  N S 2   
ALA C    C  N N 3   
ALA O    O  N N 4   
ALA CB   C  N N 5   
ALA OXT  O  N N 6   
ALA H    H  N N 7   
ALA H2   H  N N 8   
ALA HA   H  N N 9   
ALA HB1  H  N N 10  
ALA HB2  H  N N 11  
ALA HB3  H  N N 12  
ALA HXT  H  N N 13  
ARG N    N  N N 14  
ARG CA   C  N S 15  
ARG C    C  N N 16  
ARG O    O  N N 17  
ARG CB   C  N N 18  
ARG CG   C  N N 19  
ARG CD   C  N N 20  
ARG NE   N  N N 21  
ARG CZ   C  N N 22  
ARG NH1  N  N N 23  
ARG NH2  N  N N 24  
ARG OXT  O  N N 25  
ARG H    H  N N 26  
ARG H2   H  N N 27  
ARG HA   H  N N 28  
ARG HB2  H  N N 29  
ARG HB3  H  N N 30  
ARG HG2  H  N N 31  
ARG HG3  H  N N 32  
ARG HD2  H  N N 33  
ARG HD3  H  N N 34  
ARG HE   H  N N 35  
ARG HH11 H  N N 36  
ARG HH12 H  N N 37  
ARG HH21 H  N N 38  
ARG HH22 H  N N 39  
ARG HXT  H  N N 40  
ASN N    N  N N 41  
ASN CA   C  N S 42  
ASN C    C  N N 43  
ASN O    O  N N 44  
ASN CB   C  N N 45  
ASN CG   C  N N 46  
ASN OD1  O  N N 47  
ASN ND2  N  N N 48  
ASN OXT  O  N N 49  
ASN H    H  N N 50  
ASN H2   H  N N 51  
ASN HA   H  N N 52  
ASN HB2  H  N N 53  
ASN HB3  H  N N 54  
ASN HD21 H  N N 55  
ASN HD22 H  N N 56  
ASN HXT  H  N N 57  
ASP N    N  N N 58  
ASP CA   C  N S 59  
ASP C    C  N N 60  
ASP O    O  N N 61  
ASP CB   C  N N 62  
ASP CG   C  N N 63  
ASP OD1  O  N N 64  
ASP OD2  O  N N 65  
ASP OXT  O  N N 66  
ASP H    H  N N 67  
ASP H2   H  N N 68  
ASP HA   H  N N 69  
ASP HB2  H  N N 70  
ASP HB3  H  N N 71  
ASP HD2  H  N N 72  
ASP HXT  H  N N 73  
CYS N    N  N N 74  
CYS CA   C  N R 75  
CYS C    C  N N 76  
CYS O    O  N N 77  
CYS CB   C  N N 78  
CYS SG   S  N N 79  
CYS OXT  O  N N 80  
CYS H    H  N N 81  
CYS H2   H  N N 82  
CYS HA   H  N N 83  
CYS HB2  H  N N 84  
CYS HB3  H  N N 85  
CYS HG   H  N N 86  
CYS HXT  H  N N 87  
GLN N    N  N N 88  
GLN CA   C  N S 89  
GLN C    C  N N 90  
GLN O    O  N N 91  
GLN CB   C  N N 92  
GLN CG   C  N N 93  
GLN CD   C  N N 94  
GLN OE1  O  N N 95  
GLN NE2  N  N N 96  
GLN OXT  O  N N 97  
GLN H    H  N N 98  
GLN H2   H  N N 99  
GLN HA   H  N N 100 
GLN HB2  H  N N 101 
GLN HB3  H  N N 102 
GLN HG2  H  N N 103 
GLN HG3  H  N N 104 
GLN HE21 H  N N 105 
GLN HE22 H  N N 106 
GLN HXT  H  N N 107 
GLU N    N  N N 108 
GLU CA   C  N S 109 
GLU C    C  N N 110 
GLU O    O  N N 111 
GLU CB   C  N N 112 
GLU CG   C  N N 113 
GLU CD   C  N N 114 
GLU OE1  O  N N 115 
GLU OE2  O  N N 116 
GLU OXT  O  N N 117 
GLU H    H  N N 118 
GLU H2   H  N N 119 
GLU HA   H  N N 120 
GLU HB2  H  N N 121 
GLU HB3  H  N N 122 
GLU HG2  H  N N 123 
GLU HG3  H  N N 124 
GLU HE2  H  N N 125 
GLU HXT  H  N N 126 
GLY N    N  N N 127 
GLY CA   C  N N 128 
GLY C    C  N N 129 
GLY O    O  N N 130 
GLY OXT  O  N N 131 
GLY H    H  N N 132 
GLY H2   H  N N 133 
GLY HA2  H  N N 134 
GLY HA3  H  N N 135 
GLY HXT  H  N N 136 
HIS N    N  N N 137 
HIS CA   C  N S 138 
HIS C    C  N N 139 
HIS O    O  N N 140 
HIS CB   C  N N 141 
HIS CG   C  Y N 142 
HIS ND1  N  Y N 143 
HIS CD2  C  Y N 144 
HIS CE1  C  Y N 145 
HIS NE2  N  Y N 146 
HIS OXT  O  N N 147 
HIS H    H  N N 148 
HIS H2   H  N N 149 
HIS HA   H  N N 150 
HIS HB2  H  N N 151 
HIS HB3  H  N N 152 
HIS HD1  H  N N 153 
HIS HD2  H  N N 154 
HIS HE1  H  N N 155 
HIS HE2  H  N N 156 
HIS HXT  H  N N 157 
HOH O    O  N N 158 
HOH H1   H  N N 159 
HOH H2   H  N N 160 
ILE N    N  N N 161 
ILE CA   C  N S 162 
ILE C    C  N N 163 
ILE O    O  N N 164 
ILE CB   C  N S 165 
ILE CG1  C  N N 166 
ILE CG2  C  N N 167 
ILE CD1  C  N N 168 
ILE OXT  O  N N 169 
ILE H    H  N N 170 
ILE H2   H  N N 171 
ILE HA   H  N N 172 
ILE HB   H  N N 173 
ILE HG12 H  N N 174 
ILE HG13 H  N N 175 
ILE HG21 H  N N 176 
ILE HG22 H  N N 177 
ILE HG23 H  N N 178 
ILE HD11 H  N N 179 
ILE HD12 H  N N 180 
ILE HD13 H  N N 181 
ILE HXT  H  N N 182 
LEU N    N  N N 183 
LEU CA   C  N S 184 
LEU C    C  N N 185 
LEU O    O  N N 186 
LEU CB   C  N N 187 
LEU CG   C  N N 188 
LEU CD1  C  N N 189 
LEU CD2  C  N N 190 
LEU OXT  O  N N 191 
LEU H    H  N N 192 
LEU H2   H  N N 193 
LEU HA   H  N N 194 
LEU HB2  H  N N 195 
LEU HB3  H  N N 196 
LEU HG   H  N N 197 
LEU HD11 H  N N 198 
LEU HD12 H  N N 199 
LEU HD13 H  N N 200 
LEU HD21 H  N N 201 
LEU HD22 H  N N 202 
LEU HD23 H  N N 203 
LEU HXT  H  N N 204 
LYS N    N  N N 205 
LYS CA   C  N S 206 
LYS C    C  N N 207 
LYS O    O  N N 208 
LYS CB   C  N N 209 
LYS CG   C  N N 210 
LYS CD   C  N N 211 
LYS CE   C  N N 212 
LYS NZ   N  N N 213 
LYS OXT  O  N N 214 
LYS H    H  N N 215 
LYS H2   H  N N 216 
LYS HA   H  N N 217 
LYS HB2  H  N N 218 
LYS HB3  H  N N 219 
LYS HG2  H  N N 220 
LYS HG3  H  N N 221 
LYS HD2  H  N N 222 
LYS HD3  H  N N 223 
LYS HE2  H  N N 224 
LYS HE3  H  N N 225 
LYS HZ1  H  N N 226 
LYS HZ2  H  N N 227 
LYS HZ3  H  N N 228 
LYS HXT  H  N N 229 
MET N    N  N N 230 
MET CA   C  N S 231 
MET C    C  N N 232 
MET O    O  N N 233 
MET CB   C  N N 234 
MET CG   C  N N 235 
MET SD   S  N N 236 
MET CE   C  N N 237 
MET OXT  O  N N 238 
MET H    H  N N 239 
MET H2   H  N N 240 
MET HA   H  N N 241 
MET HB2  H  N N 242 
MET HB3  H  N N 243 
MET HG2  H  N N 244 
MET HG3  H  N N 245 
MET HE1  H  N N 246 
MET HE2  H  N N 247 
MET HE3  H  N N 248 
MET HXT  H  N N 249 
PHE N    N  N N 250 
PHE CA   C  N S 251 
PHE C    C  N N 252 
PHE O    O  N N 253 
PHE CB   C  N N 254 
PHE CG   C  Y N 255 
PHE CD1  C  Y N 256 
PHE CD2  C  Y N 257 
PHE CE1  C  Y N 258 
PHE CE2  C  Y N 259 
PHE CZ   C  Y N 260 
PHE OXT  O  N N 261 
PHE H    H  N N 262 
PHE H2   H  N N 263 
PHE HA   H  N N 264 
PHE HB2  H  N N 265 
PHE HB3  H  N N 266 
PHE HD1  H  N N 267 
PHE HD2  H  N N 268 
PHE HE1  H  N N 269 
PHE HE2  H  N N 270 
PHE HZ   H  N N 271 
PHE HXT  H  N N 272 
PRO N    N  N N 273 
PRO CA   C  N S 274 
PRO C    C  N N 275 
PRO O    O  N N 276 
PRO CB   C  N N 277 
PRO CG   C  N N 278 
PRO CD   C  N N 279 
PRO OXT  O  N N 280 
PRO H    H  N N 281 
PRO HA   H  N N 282 
PRO HB2  H  N N 283 
PRO HB3  H  N N 284 
PRO HG2  H  N N 285 
PRO HG3  H  N N 286 
PRO HD2  H  N N 287 
PRO HD3  H  N N 288 
PRO HXT  H  N N 289 
SER N    N  N N 290 
SER CA   C  N S 291 
SER C    C  N N 292 
SER O    O  N N 293 
SER CB   C  N N 294 
SER OG   O  N N 295 
SER OXT  O  N N 296 
SER H    H  N N 297 
SER H2   H  N N 298 
SER HA   H  N N 299 
SER HB2  H  N N 300 
SER HB3  H  N N 301 
SER HG   H  N N 302 
SER HXT  H  N N 303 
THR N    N  N N 304 
THR CA   C  N S 305 
THR C    C  N N 306 
THR O    O  N N 307 
THR CB   C  N R 308 
THR OG1  O  N N 309 
THR CG2  C  N N 310 
THR OXT  O  N N 311 
THR H    H  N N 312 
THR H2   H  N N 313 
THR HA   H  N N 314 
THR HB   H  N N 315 
THR HG1  H  N N 316 
THR HG21 H  N N 317 
THR HG22 H  N N 318 
THR HG23 H  N N 319 
THR HXT  H  N N 320 
TRP N    N  N N 321 
TRP CA   C  N S 322 
TRP C    C  N N 323 
TRP O    O  N N 324 
TRP CB   C  N N 325 
TRP CG   C  Y N 326 
TRP CD1  C  Y N 327 
TRP CD2  C  Y N 328 
TRP NE1  N  Y N 329 
TRP CE2  C  Y N 330 
TRP CE3  C  Y N 331 
TRP CZ2  C  Y N 332 
TRP CZ3  C  Y N 333 
TRP CH2  C  Y N 334 
TRP OXT  O  N N 335 
TRP H    H  N N 336 
TRP H2   H  N N 337 
TRP HA   H  N N 338 
TRP HB2  H  N N 339 
TRP HB3  H  N N 340 
TRP HD1  H  N N 341 
TRP HE1  H  N N 342 
TRP HE3  H  N N 343 
TRP HZ2  H  N N 344 
TRP HZ3  H  N N 345 
TRP HH2  H  N N 346 
TRP HXT  H  N N 347 
TYR N    N  N N 348 
TYR CA   C  N S 349 
TYR C    C  N N 350 
TYR O    O  N N 351 
TYR CB   C  N N 352 
TYR CG   C  Y N 353 
TYR CD1  C  Y N 354 
TYR CD2  C  Y N 355 
TYR CE1  C  Y N 356 
TYR CE2  C  Y N 357 
TYR CZ   C  Y N 358 
TYR OH   O  N N 359 
TYR OXT  O  N N 360 
TYR H    H  N N 361 
TYR H2   H  N N 362 
TYR HA   H  N N 363 
TYR HB2  H  N N 364 
TYR HB3  H  N N 365 
TYR HD1  H  N N 366 
TYR HD2  H  N N 367 
TYR HE1  H  N N 368 
TYR HE2  H  N N 369 
TYR HH   H  N N 370 
TYR HXT  H  N N 371 
VAL N    N  N N 372 
VAL CA   C  N S 373 
VAL C    C  N N 374 
VAL O    O  N N 375 
VAL CB   C  N N 376 
VAL CG1  C  N N 377 
VAL CG2  C  N N 378 
VAL OXT  O  N N 379 
VAL H    H  N N 380 
VAL H2   H  N N 381 
VAL HA   H  N N 382 
VAL HB   H  N N 383 
VAL HG11 H  N N 384 
VAL HG12 H  N N 385 
VAL HG13 H  N N 386 
VAL HG21 H  N N 387 
VAL HG22 H  N N 388 
VAL HG23 H  N N 389 
VAL HXT  H  N N 390 
ZN  ZN   ZN N N 391 
# 
loop_
_chem_comp_bond.comp_id 
_chem_comp_bond.atom_id_1 
_chem_comp_bond.atom_id_2 
_chem_comp_bond.value_order 
_chem_comp_bond.pdbx_aromatic_flag 
_chem_comp_bond.pdbx_stereo_config 
_chem_comp_bond.pdbx_ordinal 
ALA N   CA   sing N N 1   
ALA N   H    sing N N 2   
ALA N   H2   sing N N 3   
ALA CA  C    sing N N 4   
ALA CA  CB   sing N N 5   
ALA CA  HA   sing N N 6   
ALA C   O    doub N N 7   
ALA C   OXT  sing N N 8   
ALA CB  HB1  sing N N 9   
ALA CB  HB2  sing N N 10  
ALA CB  HB3  sing N N 11  
ALA OXT HXT  sing N N 12  
ARG N   CA   sing N N 13  
ARG N   H    sing N N 14  
ARG N   H2   sing N N 15  
ARG CA  C    sing N N 16  
ARG CA  CB   sing N N 17  
ARG CA  HA   sing N N 18  
ARG C   O    doub N N 19  
ARG C   OXT  sing N N 20  
ARG CB  CG   sing N N 21  
ARG CB  HB2  sing N N 22  
ARG CB  HB3  sing N N 23  
ARG CG  CD   sing N N 24  
ARG CG  HG2  sing N N 25  
ARG CG  HG3  sing N N 26  
ARG CD  NE   sing N N 27  
ARG CD  HD2  sing N N 28  
ARG CD  HD3  sing N N 29  
ARG NE  CZ   sing N N 30  
ARG NE  HE   sing N N 31  
ARG CZ  NH1  sing N N 32  
ARG CZ  NH2  doub N N 33  
ARG NH1 HH11 sing N N 34  
ARG NH1 HH12 sing N N 35  
ARG NH2 HH21 sing N N 36  
ARG NH2 HH22 sing N N 37  
ARG OXT HXT  sing N N 38  
ASN N   CA   sing N N 39  
ASN N   H    sing N N 40  
ASN N   H2   sing N N 41  
ASN CA  C    sing N N 42  
ASN CA  CB   sing N N 43  
ASN CA  HA   sing N N 44  
ASN C   O    doub N N 45  
ASN C   OXT  sing N N 46  
ASN CB  CG   sing N N 47  
ASN CB  HB2  sing N N 48  
ASN CB  HB3  sing N N 49  
ASN CG  OD1  doub N N 50  
ASN CG  ND2  sing N N 51  
ASN ND2 HD21 sing N N 52  
ASN ND2 HD22 sing N N 53  
ASN OXT HXT  sing N N 54  
ASP N   CA   sing N N 55  
ASP N   H    sing N N 56  
ASP N   H2   sing N N 57  
ASP CA  C    sing N N 58  
ASP CA  CB   sing N N 59  
ASP CA  HA   sing N N 60  
ASP C   O    doub N N 61  
ASP C   OXT  sing N N 62  
ASP CB  CG   sing N N 63  
ASP CB  HB2  sing N N 64  
ASP CB  HB3  sing N N 65  
ASP CG  OD1  doub N N 66  
ASP CG  OD2  sing N N 67  
ASP OD2 HD2  sing N N 68  
ASP OXT HXT  sing N N 69  
CYS N   CA   sing N N 70  
CYS N   H    sing N N 71  
CYS N   H2   sing N N 72  
CYS CA  C    sing N N 73  
CYS CA  CB   sing N N 74  
CYS CA  HA   sing N N 75  
CYS C   O    doub N N 76  
CYS C   OXT  sing N N 77  
CYS CB  SG   sing N N 78  
CYS CB  HB2  sing N N 79  
CYS CB  HB3  sing N N 80  
CYS SG  HG   sing N N 81  
CYS OXT HXT  sing N N 82  
GLN N   CA   sing N N 83  
GLN N   H    sing N N 84  
GLN N   H2   sing N N 85  
GLN CA  C    sing N N 86  
GLN CA  CB   sing N N 87  
GLN CA  HA   sing N N 88  
GLN C   O    doub N N 89  
GLN C   OXT  sing N N 90  
GLN CB  CG   sing N N 91  
GLN CB  HB2  sing N N 92  
GLN CB  HB3  sing N N 93  
GLN CG  CD   sing N N 94  
GLN CG  HG2  sing N N 95  
GLN CG  HG3  sing N N 96  
GLN CD  OE1  doub N N 97  
GLN CD  NE2  sing N N 98  
GLN NE2 HE21 sing N N 99  
GLN NE2 HE22 sing N N 100 
GLN OXT HXT  sing N N 101 
GLU N   CA   sing N N 102 
GLU N   H    sing N N 103 
GLU N   H2   sing N N 104 
GLU CA  C    sing N N 105 
GLU CA  CB   sing N N 106 
GLU CA  HA   sing N N 107 
GLU C   O    doub N N 108 
GLU C   OXT  sing N N 109 
GLU CB  CG   sing N N 110 
GLU CB  HB2  sing N N 111 
GLU CB  HB3  sing N N 112 
GLU CG  CD   sing N N 113 
GLU CG  HG2  sing N N 114 
GLU CG  HG3  sing N N 115 
GLU CD  OE1  doub N N 116 
GLU CD  OE2  sing N N 117 
GLU OE2 HE2  sing N N 118 
GLU OXT HXT  sing N N 119 
GLY N   CA   sing N N 120 
GLY N   H    sing N N 121 
GLY N   H2   sing N N 122 
GLY CA  C    sing N N 123 
GLY CA  HA2  sing N N 124 
GLY CA  HA3  sing N N 125 
GLY C   O    doub N N 126 
GLY C   OXT  sing N N 127 
GLY OXT HXT  sing N N 128 
HIS N   CA   sing N N 129 
HIS N   H    sing N N 130 
HIS N   H2   sing N N 131 
HIS CA  C    sing N N 132 
HIS CA  CB   sing N N 133 
HIS CA  HA   sing N N 134 
HIS C   O    doub N N 135 
HIS C   OXT  sing N N 136 
HIS CB  CG   sing N N 137 
HIS CB  HB2  sing N N 138 
HIS CB  HB3  sing N N 139 
HIS CG  ND1  sing Y N 140 
HIS CG  CD2  doub Y N 141 
HIS ND1 CE1  doub Y N 142 
HIS ND1 HD1  sing N N 143 
HIS CD2 NE2  sing Y N 144 
HIS CD2 HD2  sing N N 145 
HIS CE1 NE2  sing Y N 146 
HIS CE1 HE1  sing N N 147 
HIS NE2 HE2  sing N N 148 
HIS OXT HXT  sing N N 149 
HOH O   H1   sing N N 150 
HOH O   H2   sing N N 151 
ILE N   CA   sing N N 152 
ILE N   H    sing N N 153 
ILE N   H2   sing N N 154 
ILE CA  C    sing N N 155 
ILE CA  CB   sing N N 156 
ILE CA  HA   sing N N 157 
ILE C   O    doub N N 158 
ILE C   OXT  sing N N 159 
ILE CB  CG1  sing N N 160 
ILE CB  CG2  sing N N 161 
ILE CB  HB   sing N N 162 
ILE CG1 CD1  sing N N 163 
ILE CG1 HG12 sing N N 164 
ILE CG1 HG13 sing N N 165 
ILE CG2 HG21 sing N N 166 
ILE CG2 HG22 sing N N 167 
ILE CG2 HG23 sing N N 168 
ILE CD1 HD11 sing N N 169 
ILE CD1 HD12 sing N N 170 
ILE CD1 HD13 sing N N 171 
ILE OXT HXT  sing N N 172 
LEU N   CA   sing N N 173 
LEU N   H    sing N N 174 
LEU N   H2   sing N N 175 
LEU CA  C    sing N N 176 
LEU CA  CB   sing N N 177 
LEU CA  HA   sing N N 178 
LEU C   O    doub N N 179 
LEU C   OXT  sing N N 180 
LEU CB  CG   sing N N 181 
LEU CB  HB2  sing N N 182 
LEU CB  HB3  sing N N 183 
LEU CG  CD1  sing N N 184 
LEU CG  CD2  sing N N 185 
LEU CG  HG   sing N N 186 
LEU CD1 HD11 sing N N 187 
LEU CD1 HD12 sing N N 188 
LEU CD1 HD13 sing N N 189 
LEU CD2 HD21 sing N N 190 
LEU CD2 HD22 sing N N 191 
LEU CD2 HD23 sing N N 192 
LEU OXT HXT  sing N N 193 
LYS N   CA   sing N N 194 
LYS N   H    sing N N 195 
LYS N   H2   sing N N 196 
LYS CA  C    sing N N 197 
LYS CA  CB   sing N N 198 
LYS CA  HA   sing N N 199 
LYS C   O    doub N N 200 
LYS C   OXT  sing N N 201 
LYS CB  CG   sing N N 202 
LYS CB  HB2  sing N N 203 
LYS CB  HB3  sing N N 204 
LYS CG  CD   sing N N 205 
LYS CG  HG2  sing N N 206 
LYS CG  HG3  sing N N 207 
LYS CD  CE   sing N N 208 
LYS CD  HD2  sing N N 209 
LYS CD  HD3  sing N N 210 
LYS CE  NZ   sing N N 211 
LYS CE  HE2  sing N N 212 
LYS CE  HE3  sing N N 213 
LYS NZ  HZ1  sing N N 214 
LYS NZ  HZ2  sing N N 215 
LYS NZ  HZ3  sing N N 216 
LYS OXT HXT  sing N N 217 
MET N   CA   sing N N 218 
MET N   H    sing N N 219 
MET N   H2   sing N N 220 
MET CA  C    sing N N 221 
MET CA  CB   sing N N 222 
MET CA  HA   sing N N 223 
MET C   O    doub N N 224 
MET C   OXT  sing N N 225 
MET CB  CG   sing N N 226 
MET CB  HB2  sing N N 227 
MET CB  HB3  sing N N 228 
MET CG  SD   sing N N 229 
MET CG  HG2  sing N N 230 
MET CG  HG3  sing N N 231 
MET SD  CE   sing N N 232 
MET CE  HE1  sing N N 233 
MET CE  HE2  sing N N 234 
MET CE  HE3  sing N N 235 
MET OXT HXT  sing N N 236 
PHE N   CA   sing N N 237 
PHE N   H    sing N N 238 
PHE N   H2   sing N N 239 
PHE CA  C    sing N N 240 
PHE CA  CB   sing N N 241 
PHE CA  HA   sing N N 242 
PHE C   O    doub N N 243 
PHE C   OXT  sing N N 244 
PHE CB  CG   sing N N 245 
PHE CB  HB2  sing N N 246 
PHE CB  HB3  sing N N 247 
PHE CG  CD1  doub Y N 248 
PHE CG  CD2  sing Y N 249 
PHE CD1 CE1  sing Y N 250 
PHE CD1 HD1  sing N N 251 
PHE CD2 CE2  doub Y N 252 
PHE CD2 HD2  sing N N 253 
PHE CE1 CZ   doub Y N 254 
PHE CE1 HE1  sing N N 255 
PHE CE2 CZ   sing Y N 256 
PHE CE2 HE2  sing N N 257 
PHE CZ  HZ   sing N N 258 
PHE OXT HXT  sing N N 259 
PRO N   CA   sing N N 260 
PRO N   CD   sing N N 261 
PRO N   H    sing N N 262 
PRO CA  C    sing N N 263 
PRO CA  CB   sing N N 264 
PRO CA  HA   sing N N 265 
PRO C   O    doub N N 266 
PRO C   OXT  sing N N 267 
PRO CB  CG   sing N N 268 
PRO CB  HB2  sing N N 269 
PRO CB  HB3  sing N N 270 
PRO CG  CD   sing N N 271 
PRO CG  HG2  sing N N 272 
PRO CG  HG3  sing N N 273 
PRO CD  HD2  sing N N 274 
PRO CD  HD3  sing N N 275 
PRO OXT HXT  sing N N 276 
SER N   CA   sing N N 277 
SER N   H    sing N N 278 
SER N   H2   sing N N 279 
SER CA  C    sing N N 280 
SER CA  CB   sing N N 281 
SER CA  HA   sing N N 282 
SER C   O    doub N N 283 
SER C   OXT  sing N N 284 
SER CB  OG   sing N N 285 
SER CB  HB2  sing N N 286 
SER CB  HB3  sing N N 287 
SER OG  HG   sing N N 288 
SER OXT HXT  sing N N 289 
THR N   CA   sing N N 290 
THR N   H    sing N N 291 
THR N   H2   sing N N 292 
THR CA  C    sing N N 293 
THR CA  CB   sing N N 294 
THR CA  HA   sing N N 295 
THR C   O    doub N N 296 
THR C   OXT  sing N N 297 
THR CB  OG1  sing N N 298 
THR CB  CG2  sing N N 299 
THR CB  HB   sing N N 300 
THR OG1 HG1  sing N N 301 
THR CG2 HG21 sing N N 302 
THR CG2 HG22 sing N N 303 
THR CG2 HG23 sing N N 304 
THR OXT HXT  sing N N 305 
TRP N   CA   sing N N 306 
TRP N   H    sing N N 307 
TRP N   H2   sing N N 308 
TRP CA  C    sing N N 309 
TRP CA  CB   sing N N 310 
TRP CA  HA   sing N N 311 
TRP C   O    doub N N 312 
TRP C   OXT  sing N N 313 
TRP CB  CG   sing N N 314 
TRP CB  HB2  sing N N 315 
TRP CB  HB3  sing N N 316 
TRP CG  CD1  doub Y N 317 
TRP CG  CD2  sing Y N 318 
TRP CD1 NE1  sing Y N 319 
TRP CD1 HD1  sing N N 320 
TRP CD2 CE2  doub Y N 321 
TRP CD2 CE3  sing Y N 322 
TRP NE1 CE2  sing Y N 323 
TRP NE1 HE1  sing N N 324 
TRP CE2 CZ2  sing Y N 325 
TRP CE3 CZ3  doub Y N 326 
TRP CE3 HE3  sing N N 327 
TRP CZ2 CH2  doub Y N 328 
TRP CZ2 HZ2  sing N N 329 
TRP CZ3 CH2  sing Y N 330 
TRP CZ3 HZ3  sing N N 331 
TRP CH2 HH2  sing N N 332 
TRP OXT HXT  sing N N 333 
TYR N   CA   sing N N 334 
TYR N   H    sing N N 335 
TYR N   H2   sing N N 336 
TYR CA  C    sing N N 337 
TYR CA  CB   sing N N 338 
TYR CA  HA   sing N N 339 
TYR C   O    doub N N 340 
TYR C   OXT  sing N N 341 
TYR CB  CG   sing N N 342 
TYR CB  HB2  sing N N 343 
TYR CB  HB3  sing N N 344 
TYR CG  CD1  doub Y N 345 
TYR CG  CD2  sing Y N 346 
TYR CD1 CE1  sing Y N 347 
TYR CD1 HD1  sing N N 348 
TYR CD2 CE2  doub Y N 349 
TYR CD2 HD2  sing N N 350 
TYR CE1 CZ   doub Y N 351 
TYR CE1 HE1  sing N N 352 
TYR CE2 CZ   sing Y N 353 
TYR CE2 HE2  sing N N 354 
TYR CZ  OH   sing N N 355 
TYR OH  HH   sing N N 356 
TYR OXT HXT  sing N N 357 
VAL N   CA   sing N N 358 
VAL N   H    sing N N 359 
VAL N   H2   sing N N 360 
VAL CA  C    sing N N 361 
VAL CA  CB   sing N N 362 
VAL CA  HA   sing N N 363 
VAL C   O    doub N N 364 
VAL C   OXT  sing N N 365 
VAL CB  CG1  sing N N 366 
VAL CB  CG2  sing N N 367 
VAL CB  HB   sing N N 368 
VAL CG1 HG11 sing N N 369 
VAL CG1 HG12 sing N N 370 
VAL CG1 HG13 sing N N 371 
VAL CG2 HG21 sing N N 372 
VAL CG2 HG22 sing N N 373 
VAL CG2 HG23 sing N N 374 
VAL OXT HXT  sing N N 375 
# 
loop_
_pdbx_audit_support.funding_organization 
_pdbx_audit_support.country 
_pdbx_audit_support.grant_number 
_pdbx_audit_support.ordinal 
'National Institutes of Health/National Institute of General Medical Sciences (NIH/NIGMS)'        'United States' 'R01 GM079641' 1 
'National Institutes of Health/National Cancer Institute (NIH/NCI)'                               'United States' CA66996 2 
'National Institutes of Health/National Cancer Institute (NIH/NCI)'                               'United States' CA176745 3 
'STARR Foundation'                                                                                'United States' I5-A554 4 
'Leukemia & Lymphoma Society'                                                                     'United States' 
'LLS-SCOR 7132-08' 5 
'National Institutes of Health/National Institute of General Medical Sciences (NIH/NIGMS)'        'United States' GM110174 6 
'National Institutes of Health/National Institute Of Allergy and Infectious Diseases (NIH/NIAID)' 'United States' AI118891 7 
'National Institutes of Health/National Institute of General Medical Sciences (NIH/NIGMS)'        'United States' 'T32 GM007276' 8 
# 
_atom_sites.entry_id                    5DAG 
_atom_sites.fract_transf_matrix[1][1]   -0.00225985 
_atom_sites.fract_transf_matrix[1][2]   -0.00430956 
_atom_sites.fract_transf_matrix[1][3]   0.01864030 
_atom_sites.fract_transf_matrix[2][1]   -0.01530092 
_atom_sites.fract_transf_matrix[2][2]   -0.01086094 
_atom_sites.fract_transf_matrix[2][3]   -0.00436601 
_atom_sites.fract_transf_matrix[3][1]   0.00403555 
_atom_sites.fract_transf_matrix[3][2]   -0.00538179 
_atom_sites.fract_transf_matrix[3][3]   -0.00075500 
_atom_sites.fract_transf_vector[1]      0.814220 
_atom_sites.fract_transf_vector[2]      0.488568 
_atom_sites.fract_transf_vector[3]      0.409669 
# 
loop_
_atom_type.symbol 
C  
N  
O  
S  
ZN 
# 
loop_
_atom_site.group_PDB 
_atom_site.id 
_atom_site.type_symbol 
_atom_site.label_atom_id 
_atom_site.label_alt_id 
_atom_site.label_comp_id 
_atom_site.label_asym_id 
_atom_site.label_entity_id 
_atom_site.label_seq_id 
_atom_site.pdbx_PDB_ins_code 
_atom_site.Cartn_x 
_atom_site.Cartn_y 
_atom_site.Cartn_z 
_atom_site.occupancy 
_atom_site.B_iso_or_equiv 
_atom_site.pdbx_formal_charge 
_atom_site.auth_seq_id 
_atom_site.auth_comp_id 
_atom_site.auth_asym_id 
_atom_site.auth_atom_id 
_atom_site.pdbx_PDB_model_num 
ATOM   1    N  N   . GLY A 1 24  ? 11.158  -9.892  -0.911  1.00 52.88 ? 24  GLY A N   1 
ATOM   2    C  CA  . GLY A 1 24  ? 11.294  -9.142  0.328   1.00 44.23 ? 24  GLY A CA  1 
ATOM   3    C  C   . GLY A 1 24  ? 9.962   -8.856  1.003   1.00 39.28 ? 24  GLY A C   1 
ATOM   4    O  O   . GLY A 1 24  ? 9.074   -9.708  1.030   1.00 43.68 ? 24  GLY A O   1 
ATOM   5    N  N   . CYS A 1 25  ? 9.828   -7.654  1.556   1.00 32.25 ? 25  CYS A N   1 
ATOM   6    C  CA  . CYS A 1 25  ? 8.603   -7.235  2.230   1.00 26.69 ? 25  CYS A CA  1 
ATOM   7    C  C   . CYS A 1 25  ? 7.638   -6.552  1.256   1.00 26.30 ? 25  CYS A C   1 
ATOM   8    O  O   . CYS A 1 25  ? 8.059   -5.677  0.490   1.00 31.12 ? 25  CYS A O   1 
ATOM   9    C  CB  . CYS A 1 25  ? 8.950   -6.289  3.382   1.00 24.30 ? 25  CYS A CB  1 
ATOM   10   S  SG  . CYS A 1 25  ? 7.518   -5.626  4.254   1.00 22.30 ? 25  CYS A SG  1 
ATOM   11   N  N   . CYS A 1 26  ? 6.354   -6.924  1.314   1.00 25.37 ? 26  CYS A N   1 
ATOM   12   C  CA  . CYS A 1 26  ? 5.311   -6.347  0.453   1.00 26.20 ? 26  CYS A CA  1 
ATOM   13   C  C   . CYS A 1 26  ? 5.078   -4.863  0.717   1.00 23.71 ? 26  CYS A C   1 
ATOM   14   O  O   . CYS A 1 26  ? 4.485   -4.163  -0.105  1.00 23.87 ? 26  CYS A O   1 
ATOM   15   C  CB  . CYS A 1 26  ? 3.967   -7.109  0.638   1.00 23.73 ? 26  CYS A CB  1 
ATOM   16   S  SG  . CYS A 1 26  ? 4.016   -8.765  -0.082  1.00 44.16 ? 26  CYS A SG  1 
ATOM   17   N  N   . VAL A 1 27  ? 5.523   -4.386  1.875   1.00 23.30 ? 27  VAL A N   1 
ATOM   18   C  CA  . VAL A 1 27  ? 5.190   -3.036  2.331   1.00 22.71 ? 27  VAL A CA  1 
ATOM   19   C  C   . VAL A 1 27  ? 6.352   -2.051  2.199   1.00 25.26 ? 27  VAL A C   1 
ATOM   20   O  O   . VAL A 1 27  ? 6.177   -0.939  1.703   1.00 23.99 ? 27  VAL A O   1 
ATOM   21   C  CB  . VAL A 1 27  ? 4.714   -3.058  3.806   1.00 20.04 ? 27  VAL A CB  1 
ATOM   22   C  CG1 . VAL A 1 27  ? 4.524   -1.638  4.323   1.00 23.86 ? 27  VAL A CG1 1 
ATOM   23   C  CG2 . VAL A 1 27  ? 3.415   -3.832  3.923   1.00 22.50 ? 27  VAL A CG2 1 
ATOM   24   N  N   . CYS A 1 28  ? 7.539   -2.459  2.638   1.00 24.08 ? 28  CYS A N   1 
ATOM   25   C  CA  . CYS A 1 28  ? 8.712   -1.589  2.593   1.00 22.32 ? 28  CYS A CA  1 
ATOM   26   C  C   . CYS A 1 28  ? 9.779   -2.131  1.651   1.00 28.80 ? 28  CYS A C   1 
ATOM   27   O  O   . CYS A 1 28  ? 9.642   -3.224  1.098   1.00 28.69 ? 28  CYS A O   1 
ATOM   28   C  CB  . CYS A 1 28  ? 9.318   -1.404  3.994   1.00 24.99 ? 28  CYS A CB  1 
ATOM   29   S  SG  . CYS A 1 28  ? 10.248  -2.865  4.570   1.00 24.27 ? 28  CYS A SG  1 
ATOM   30   N  N   . SER A 1 29  ? 10.857  -1.372  1.500   1.00 26.72 ? 29  SER A N   1 
ATOM   31   C  CA  . SER A 1 29  ? 11.915  -1.725  0.557   1.00 44.74 ? 29  SER A CA  1 
ATOM   32   C  C   . SER A 1 29  ? 13.124  -2.397  1.216   1.00 45.78 ? 29  SER A C   1 
ATOM   33   O  O   . SER A 1 29  ? 14.235  -2.332  0.694   1.00 47.18 ? 29  SER A O   1 
ATOM   34   C  CB  . SER A 1 29  ? 12.380  -0.477  -0.203  1.00 45.98 ? 29  SER A CB  1 
ATOM   35   O  OG  . SER A 1 29  ? 13.090  0.406   0.651   1.00 47.31 ? 29  SER A OG  1 
ATOM   36   N  N   . ASP A 1 30  ? 12.905  -3.053  2.354   1.00 46.68 ? 30  ASP A N   1 
ATOM   37   C  CA  . ASP A 1 30  ? 13.967  -3.802  3.026   1.00 42.36 ? 30  ASP A CA  1 
ATOM   38   C  C   . ASP A 1 30  ? 13.817  -5.290  2.705   1.00 40.33 ? 30  ASP A C   1 
ATOM   39   O  O   . ASP A 1 30  ? 12.738  -5.857  2.855   1.00 42.93 ? 30  ASP A O   1 
ATOM   40   C  CB  . ASP A 1 30  ? 13.928  -3.549  4.535   1.00 38.92 ? 30  ASP A CB  1 
ATOM   41   C  CG  . ASP A 1 30  ? 15.199  -3.995  5.245   1.00 43.67 ? 30  ASP A CG  1 
ATOM   42   O  OD1 . ASP A 1 30  ? 16.004  -4.727  4.635   1.00 41.33 ? 30  ASP A OD1 1 
ATOM   43   O  OD2 . ASP A 1 30  ? 15.382  -3.614  6.424   1.00 42.96 ? 30  ASP A OD2 1 
ATOM   44   N  N   . GLU A 1 31  ? 14.899  -5.920  2.248   1.00 44.89 ? 31  GLU A N   1 
ATOM   45   C  CA  . GLU A 1 31  ? 14.823  -7.273  1.686   1.00 42.24 ? 31  GLU A CA  1 
ATOM   46   C  C   . GLU A 1 31  ? 14.963  -8.387  2.739   1.00 41.67 ? 31  GLU A C   1 
ATOM   47   O  O   . GLU A 1 31  ? 14.559  -9.532  2.520   1.00 42.75 ? 31  GLU A O   1 
ATOM   48   C  CB  . GLU A 1 31  ? 15.891  -7.434  0.593   1.00 54.50 ? 31  GLU A CB  1 
ATOM   49   C  CG  . GLU A 1 31  ? 16.081  -8.852  0.070   1.00 59.08 ? 31  GLU A CG  1 
ATOM   50   C  CD  . GLU A 1 31  ? 16.021  -8.937  -1.446  1.00 74.32 ? 31  GLU A CD  1 
ATOM   51   O  OE1 . GLU A 1 31  ? 16.009  -7.874  -2.105  1.00 70.20 ? 31  GLU A OE1 1 
ATOM   52   O  OE2 . GLU A 1 31  ? 15.984  -10.069 -1.978  1.00 81.77 ? 31  GLU A OE2 1 
ATOM   53   N  N   . ARG A 1 32  ? 15.517  -8.050  3.890   1.00 36.87 ? 32  ARG A N   1 
ATOM   54   C  CA  . ARG A 1 32  ? 15.645  -9.029  4.964   1.00 33.10 ? 32  ARG A CA  1 
ATOM   55   C  C   . ARG A 1 32  ? 14.976  -8.495  6.213   1.00 28.93 ? 32  ARG A C   1 
ATOM   56   O  O   . ARG A 1 32  ? 14.664  -7.309  6.303   1.00 31.41 ? 32  ARG A O   1 
ATOM   57   C  CB  . ARG A 1 32  ? 17.120  -9.356  5.244   1.00 29.05 ? 32  ARG A CB  1 
ATOM   58   C  CG  . ARG A 1 32  ? 17.711  -10.393 4.296   1.00 37.08 ? 32  ARG A CG  1 
ATOM   59   C  CD  . ARG A 1 32  ? 19.234  -10.413 4.357   1.00 36.67 ? 32  ARG A CD  1 
ATOM   60   N  NE  . ARG A 1 32  ? 19.804  -11.424 3.463   1.00 37.35 ? 32  ARG A NE  1 
ATOM   61   C  CZ  . ARG A 1 32  ? 21.060  -11.412 3.024   1.00 35.97 ? 32  ARG A CZ  1 
ATOM   62   N  NH1 . ARG A 1 32  ? 21.879  -10.434 3.384   1.00 38.54 ? 32  ARG A NH1 1 
ATOM   63   N  NH2 . ARG A 1 32  ? 21.493  -12.372 2.215   1.00 41.01 ? 32  ARG A NH2 1 
ATOM   64   N  N   . GLY A 1 33  ? 14.742  -9.381  7.169   1.00 27.32 ? 33  GLY A N   1 
ATOM   65   C  CA  . GLY A 1 33  ? 14.189  -8.976  8.442   1.00 26.53 ? 33  GLY A CA  1 
ATOM   66   C  C   . GLY A 1 33  ? 15.310  -8.788  9.439   1.00 26.88 ? 33  GLY A C   1 
ATOM   67   O  O   . GLY A 1 33  ? 16.476  -9.006  9.122   1.00 26.81 ? 33  GLY A O   1 
ATOM   68   N  N   . TRP A 1 34  ? 14.948  -8.356  10.638  1.00 27.20 ? 34  TRP A N   1 
ATOM   69   C  CA  . TRP A 1 34  ? 15.898  -8.189  11.727  1.00 28.70 ? 34  TRP A CA  1 
ATOM   70   C  C   . TRP A 1 34  ? 15.472  -9.084  12.864  1.00 27.77 ? 34  TRP A C   1 
ATOM   71   O  O   . TRP A 1 34  ? 14.327  -9.523  12.915  1.00 29.44 ? 34  TRP A O   1 
ATOM   72   C  CB  . TRP A 1 34  ? 15.964  -6.734  12.195  1.00 31.39 ? 34  TRP A CB  1 
ATOM   73   C  CG  . TRP A 1 34  ? 16.360  -5.780  11.128  1.00 34.11 ? 34  TRP A CG  1 
ATOM   74   C  CD1 . TRP A 1 34  ? 15.566  -5.282  10.127  1.00 34.24 ? 34  TRP A CD1 1 
ATOM   75   C  CD2 . TRP A 1 34  ? 17.652  -5.191  10.947  1.00 34.66 ? 34  TRP A CD2 1 
ATOM   76   N  NE1 . TRP A 1 34  ? 16.292  -4.430  9.334   1.00 36.37 ? 34  TRP A NE1 1 
ATOM   77   C  CE2 . TRP A 1 34  ? 17.573  -4.349  9.819   1.00 37.73 ? 34  TRP A CE2 1 
ATOM   78   C  CE3 . TRP A 1 34  ? 18.870  -5.299  11.625  1.00 35.87 ? 34  TRP A CE3 1 
ATOM   79   C  CZ2 . TRP A 1 34  ? 18.667  -3.618  9.356   1.00 43.62 ? 34  TRP A CZ2 1 
ATOM   80   C  CZ3 . TRP A 1 34  ? 19.955  -4.566  11.166  1.00 43.07 ? 34  TRP A CZ3 1 
ATOM   81   C  CH2 . TRP A 1 34  ? 19.845  -3.741  10.041  1.00 43.32 ? 34  TRP A CH2 1 
ATOM   82   N  N   . ALA A 1 35  ? 16.389  -9.366  13.779  1.00 25.32 ? 35  ALA A N   1 
ATOM   83   C  CA  . ALA A 1 35  ? 16.077  -10.232 14.912  1.00 31.36 ? 35  ALA A CA  1 
ATOM   84   C  C   . ALA A 1 35  ? 14.854  -9.733  15.676  1.00 30.25 ? 35  ALA A C   1 
ATOM   85   O  O   . ALA A 1 35  ? 14.006  -10.522 16.090  1.00 35.49 ? 35  ALA A O   1 
ATOM   86   C  CB  . ALA A 1 35  ? 17.269  -10.341 15.843  1.00 31.89 ? 35  ALA A CB  1 
ATOM   87   N  N   . GLU A 1 36  ? 14.758  -8.417  15.824  1.00 30.26 ? 36  GLU A N   1 
ATOM   88   C  CA  . GLU A 1 36  ? 13.685  -7.789  16.585  1.00 33.78 ? 36  GLU A CA  1 
ATOM   89   C  C   . GLU A 1 36  ? 12.485  -7.417  15.717  1.00 29.80 ? 36  GLU A C   1 
ATOM   90   O  O   . GLU A 1 36  ? 11.470  -6.938  16.228  1.00 30.32 ? 36  GLU A O   1 
ATOM   91   C  CB  . GLU A 1 36  ? 14.203  -6.532  17.280  1.00 36.23 ? 36  GLU A CB  1 
ATOM   92   C  CG  . GLU A 1 36  ? 14.222  -5.305  16.380  1.00 53.16 ? 36  GLU A CG  1 
ATOM   93   C  CD  . GLU A 1 36  ? 15.075  -4.195  16.947  1.00 73.31 ? 36  GLU A CD  1 
ATOM   94   O  OE1 . GLU A 1 36  ? 16.242  -4.458  17.318  1.00 85.54 ? 36  GLU A OE1 1 
ATOM   95   O  OE2 . GLU A 1 36  ? 14.572  -3.057  17.043  1.00 77.09 ? 36  GLU A OE2 1 
ATOM   96   N  N   . ASN A 1 37  ? 12.604  -7.657  14.414  1.00 27.18 ? 37  ASN A N   1 
ATOM   97   C  CA  . ASN A 1 37  ? 11.563  -7.295  13.458  1.00 26.02 ? 37  ASN A CA  1 
ATOM   98   C  C   . ASN A 1 37  ? 11.642  -8.232  12.252  1.00 21.14 ? 37  ASN A C   1 
ATOM   99   O  O   . ASN A 1 37  ? 12.065  -7.832  11.175  1.00 25.53 ? 37  ASN A O   1 
ATOM   100  C  CB  . ASN A 1 37  ? 11.726  -5.836  13.050  1.00 24.35 ? 37  ASN A CB  1 
ATOM   101  C  CG  . ASN A 1 37  ? 10.609  -5.341  12.136  1.00 24.68 ? 37  ASN A CG  1 
ATOM   102  O  OD1 . ASN A 1 37  ? 9.534   -5.945  12.050  1.00 23.51 ? 37  ASN A OD1 1 
ATOM   103  N  ND2 . ASN A 1 37  ? 10.864  -4.231  11.455  1.00 24.79 ? 37  ASN A ND2 1 
ATOM   104  N  N   . PRO A 1 38  ? 11.270  -9.502  12.460  1.00 24.12 ? 38  PRO A N   1 
ATOM   105  C  CA  . PRO A 1 38  ? 11.492  -10.512 11.421  1.00 24.91 ? 38  PRO A CA  1 
ATOM   106  C  C   . PRO A 1 38  ? 10.575  -10.353 10.212  1.00 27.65 ? 38  PRO A C   1 
ATOM   107  O  O   . PRO A 1 38  ? 9.479   -9.795  10.304  1.00 24.09 ? 38  PRO A O   1 
ATOM   108  C  CB  . PRO A 1 38  ? 11.195  -11.825 12.140  1.00 29.17 ? 38  PRO A CB  1 
ATOM   109  C  CG  . PRO A 1 38  ? 10.244  -11.448 13.207  1.00 31.42 ? 38  PRO A CG  1 
ATOM   110  C  CD  . PRO A 1 38  ? 10.632  -10.073 13.656  1.00 27.00 ? 38  PRO A CD  1 
ATOM   111  N  N   . LEU A 1 39  ? 11.051  -10.854 9.083   1.00 22.79 ? 39  LEU A N   1 
ATOM   112  C  CA  . LEU A 1 39  ? 10.277  -10.934 7.863   1.00 22.47 ? 39  LEU A CA  1 
ATOM   113  C  C   . LEU A 1 39  ? 9.465   -12.219 7.914   1.00 26.25 ? 39  LEU A C   1 
ATOM   114  O  O   . LEU A 1 39  ? 10.031  -13.312 8.038   1.00 30.59 ? 39  LEU A O   1 
ATOM   115  C  CB  . LEU A 1 39  ? 11.222  -10.900 6.658   1.00 25.93 ? 39  LEU A CB  1 
ATOM   116  C  CG  . LEU A 1 39  ? 10.652  -10.904 5.254   1.00 32.37 ? 39  LEU A CG  1 
ATOM   117  C  CD1 . LEU A 1 39  ? 9.693   -9.739  5.090   1.00 27.63 ? 39  LEU A CD1 1 
ATOM   118  C  CD2 . LEU A 1 39  ? 11.823  -10.785 4.294   1.00 32.98 ? 39  LEU A CD2 1 
ATOM   119  N  N   . VAL A 1 40  ? 8.142   -12.086 7.875   1.00 23.95 ? 40  VAL A N   1 
ATOM   120  C  CA  . VAL A 1 40  ? 7.239   -13.223 8.044   1.00 25.43 ? 40  VAL A CA  1 
ATOM   121  C  C   . VAL A 1 40  ? 6.547   -13.552 6.717   1.00 28.65 ? 40  VAL A C   1 
ATOM   122  O  O   . VAL A 1 40  ? 6.088   -12.652 6.004   1.00 25.60 ? 40  VAL A O   1 
ATOM   123  C  CB  . VAL A 1 40  ? 6.186   -12.935 9.136   1.00 30.29 ? 40  VAL A CB  1 
ATOM   124  C  CG1 . VAL A 1 40  ? 5.343   -14.162 9.400   1.00 33.88 ? 40  VAL A CG1 1 
ATOM   125  C  CG2 . VAL A 1 40  ? 6.875   -12.481 10.420  1.00 29.69 ? 40  VAL A CG2 1 
ATOM   126  N  N   . TYR A 1 41  ? 6.484   -14.838 6.378   1.00 25.59 ? 41  TYR A N   1 
ATOM   127  C  CA  . TYR A 1 41  ? 5.923   -15.263 5.100   1.00 31.80 ? 41  TYR A CA  1 
ATOM   128  C  C   . TYR A 1 41  ? 4.541   -15.886 5.268   1.00 31.46 ? 41  TYR A C   1 
ATOM   129  O  O   . TYR A 1 41  ? 4.352   -16.739 6.123   1.00 27.87 ? 41  TYR A O   1 
ATOM   130  C  CB  . TYR A 1 41  ? 6.873   -16.260 4.424   1.00 29.20 ? 41  TYR A CB  1 
ATOM   131  C  CG  . TYR A 1 41  ? 8.102   -15.607 3.845   1.00 29.80 ? 41  TYR A CG  1 
ATOM   132  C  CD1 . TYR A 1 41  ? 9.226   -15.365 4.629   1.00 32.89 ? 41  TYR A CD1 1 
ATOM   133  C  CD2 . TYR A 1 41  ? 8.131   -15.211 2.520   1.00 32.99 ? 41  TYR A CD2 1 
ATOM   134  C  CE1 . TYR A 1 41  ? 10.352  -14.758 4.093   1.00 31.04 ? 41  TYR A CE1 1 
ATOM   135  C  CE2 . TYR A 1 41  ? 9.243   -14.607 1.978   1.00 35.85 ? 41  TYR A CE2 1 
ATOM   136  C  CZ  . TYR A 1 41  ? 10.348  -14.380 2.767   1.00 32.25 ? 41  TYR A CZ  1 
ATOM   137  O  OH  . TYR A 1 41  ? 11.448  -13.778 2.211   1.00 40.66 ? 41  TYR A OH  1 
ATOM   138  N  N   . CYS A 1 42  ? 3.569   -15.460 4.459   1.00 26.47 ? 42  CYS A N   1 
ATOM   139  C  CA  . CYS A 1 42  ? 2.240   -16.060 4.538   1.00 29.53 ? 42  CYS A CA  1 
ATOM   140  C  C   . CYS A 1 42  ? 2.283   -17.469 3.960   1.00 30.29 ? 42  CYS A C   1 
ATOM   141  O  O   . CYS A 1 42  ? 2.865   -17.684 2.900   1.00 30.98 ? 42  CYS A O   1 
ATOM   142  C  CB  . CYS A 1 42  ? 1.202   -15.223 3.794   1.00 25.87 ? 42  CYS A CB  1 
ATOM   143  S  SG  . CYS A 1 42  ? -0.499  -15.910 3.904   1.00 27.26 ? 42  CYS A SG  1 
ATOM   144  N  N   . ASP A 1 43  ? 1.662   -18.409 4.664   1.00 31.21 ? 43  ASP A N   1 
ATOM   145  C  CA  . ASP A 1 43  ? 1.650   -19.805 4.243   1.00 32.40 ? 43  ASP A CA  1 
ATOM   146  C  C   . ASP A 1 43  ? 0.351   -20.191 3.550   1.00 38.28 ? 43  ASP A C   1 
ATOM   147  O  O   . ASP A 1 43  ? 0.127   -21.364 3.248   1.00 36.94 ? 43  ASP A O   1 
ATOM   148  C  CB  . ASP A 1 43  ? 1.883   -20.715 5.439   1.00 35.50 ? 43  ASP A CB  1 
ATOM   149  C  CG  . ASP A 1 43  ? 3.211   -20.445 6.121   1.00 44.23 ? 43  ASP A CG  1 
ATOM   150  O  OD1 . ASP A 1 43  ? 4.250   -20.441 5.423   1.00 50.16 ? 43  ASP A OD1 1 
ATOM   151  O  OD2 . ASP A 1 43  ? 3.224   -20.226 7.350   1.00 45.89 ? 43  ASP A OD2 1 
ATOM   152  N  N   . GLY A 1 44  ? -0.499  -19.205 3.283   1.00 34.51 ? 44  GLY A N   1 
ATOM   153  C  CA  . GLY A 1 44  ? -1.741  -19.456 2.573   1.00 37.01 ? 44  GLY A CA  1 
ATOM   154  C  C   . GLY A 1 44  ? -1.486  -19.943 1.159   1.00 35.08 ? 44  GLY A C   1 
ATOM   155  O  O   . GLY A 1 44  ? -0.537  -19.515 0.499   1.00 34.94 ? 44  GLY A O   1 
ATOM   156  N  N   . HIS A 1 45  ? -2.333  -20.848 0.683   1.00 41.29 ? 45  HIS A N   1 
ATOM   157  C  CA  . HIS A 1 45  ? -2.133  -21.396 -0.650  1.00 39.36 ? 45  HIS A CA  1 
ATOM   158  C  C   . HIS A 1 45  ? -2.357  -20.322 -1.698  1.00 39.84 ? 45  HIS A C   1 
ATOM   159  O  O   . HIS A 1 45  ? -3.353  -19.599 -1.653  1.00 41.63 ? 45  HIS A O   1 
ATOM   160  C  CB  . HIS A 1 45  ? -3.050  -22.600 -0.885  1.00 53.57 ? 45  HIS A CB  1 
ATOM   161  C  CG  . HIS A 1 45  ? -2.478  -23.890 -0.384  1.00 60.77 ? 45  HIS A CG  1 
ATOM   162  N  ND1 . HIS A 1 45  ? -3.183  -24.758 0.422   1.00 66.45 ? 45  HIS A ND1 1 
ATOM   163  C  CD2 . HIS A 1 45  ? -1.259  -24.452 -0.565  1.00 65.42 ? 45  HIS A CD2 1 
ATOM   164  C  CE1 . HIS A 1 45  ? -2.426  -25.802 0.710   1.00 66.61 ? 45  HIS A CE1 1 
ATOM   165  N  NE2 . HIS A 1 45  ? -1.253  -25.640 0.125   1.00 66.16 ? 45  HIS A NE2 1 
ATOM   166  N  N   . GLY A 1 46  ? -1.405  -20.202 -2.619  1.00 34.55 ? 46  GLY A N   1 
ATOM   167  C  CA  . GLY A 1 46  ? -1.491  -19.236 -3.699  1.00 34.74 ? 46  GLY A CA  1 
ATOM   168  C  C   . GLY A 1 46  ? -1.014  -17.848 -3.311  1.00 34.17 ? 46  GLY A C   1 
ATOM   169  O  O   . GLY A 1 46  ? -0.936  -16.952 -4.150  1.00 40.78 ? 46  GLY A O   1 
ATOM   170  N  N   . CYS A 1 47  ? -0.674  -17.672 -2.040  1.00 36.36 ? 47  CYS A N   1 
ATOM   171  C  CA  . CYS A 1 47  ? -0.316  -16.353 -1.519  1.00 34.03 ? 47  CYS A CA  1 
ATOM   172  C  C   . CYS A 1 47  ? 1.195   -16.156 -1.454  1.00 33.76 ? 47  CYS A C   1 
ATOM   173  O  O   . CYS A 1 47  ? 1.932   -17.081 -1.106  1.00 36.93 ? 47  CYS A O   1 
ATOM   174  C  CB  . CYS A 1 47  ? -0.919  -16.160 -0.130  1.00 31.96 ? 47  CYS A CB  1 
ATOM   175  S  SG  . CYS A 1 47  ? -0.781  -14.453 0.494   1.00 31.39 ? 47  CYS A SG  1 
ATOM   176  N  N   . SER A 1 48  ? 1.647   -14.948 -1.784  1.00 34.00 ? 48  SER A N   1 
ATOM   177  C  CA  . SER A 1 48  ? 3.072   -14.630 -1.797  1.00 31.87 ? 48  SER A CA  1 
ATOM   178  C  C   . SER A 1 48  ? 3.408   -13.471 -0.863  1.00 29.08 ? 48  SER A C   1 
ATOM   179  O  O   . SER A 1 48  ? 4.494   -12.901 -0.933  1.00 29.58 ? 48  SER A O   1 
ATOM   180  C  CB  . SER A 1 48  ? 3.527   -14.290 -3.212  1.00 34.91 ? 48  SER A CB  1 
ATOM   181  O  OG  . SER A 1 48  ? 3.417   -15.423 -4.052  1.00 47.21 ? 48  SER A OG  1 
ATOM   182  N  N   . VAL A 1 49  ? 2.471   -13.132 0.011   1.00 26.48 ? 49  VAL A N   1 
ATOM   183  C  CA  . VAL A 1 49  ? 2.679   -12.027 0.948   1.00 24.50 ? 49  VAL A CA  1 
ATOM   184  C  C   . VAL A 1 49  ? 3.812   -12.337 1.917   1.00 24.86 ? 49  VAL A C   1 
ATOM   185  O  O   . VAL A 1 49  ? 3.850   -13.407 2.525   1.00 25.59 ? 49  VAL A O   1 
ATOM   186  C  CB  . VAL A 1 49  ? 1.398   -11.713 1.742   1.00 26.64 ? 49  VAL A CB  1 
ATOM   187  C  CG1 . VAL A 1 49  ? 1.699   -10.779 2.908   1.00 26.21 ? 49  VAL A CG1 1 
ATOM   188  C  CG2 . VAL A 1 49  ? 0.341   -11.094 0.832   1.00 26.50 ? 49  VAL A CG2 1 
ATOM   189  N  N   . ALA A 1 50  ? 4.741   -11.395 2.042   1.00 23.27 ? 50  ALA A N   1 
ATOM   190  C  CA  . ALA A 1 50  ? 5.762   -11.456 3.078   1.00 24.34 ? 50  ALA A CA  1 
ATOM   191  C  C   . ALA A 1 50  ? 5.821   -10.067 3.673   1.00 22.12 ? 50  ALA A C   1 
ATOM   192  O  O   . ALA A 1 50  ? 5.774   -9.084  2.934   1.00 23.34 ? 50  ALA A O   1 
ATOM   193  C  CB  . ALA A 1 50  ? 7.103   -11.868 2.519   1.00 26.30 ? 50  ALA A CB  1 
ATOM   194  N  N   . VAL A 1 51  ? 5.882   -9.984  4.997   1.00 20.68 ? 51  VAL A N   1 
ATOM   195  C  CA  . VAL A 1 51  ? 5.884   -8.681  5.653   1.00 20.04 ? 51  VAL A CA  1 
ATOM   196  C  C   . VAL A 1 51  ? 6.780   -8.695  6.874   1.00 21.00 ? 51  VAL A C   1 
ATOM   197  O  O   . VAL A 1 51  ? 6.847   -9.685  7.570   1.00 23.50 ? 51  VAL A O   1 
ATOM   198  C  CB  . VAL A 1 51  ? 4.466   -8.269  6.110   1.00 23.46 ? 51  VAL A CB  1 
ATOM   199  C  CG1 . VAL A 1 51  ? 3.592   -7.871  4.918   1.00 22.15 ? 51  VAL A CG1 1 
ATOM   200  C  CG2 . VAL A 1 51  ? 3.809   -9.393  6.923   1.00 23.86 ? 51  VAL A CG2 1 
ATOM   201  N  N   . HIS A 1 52  ? 7.451   -7.584  7.154   1.00 20.43 ? 52  HIS A N   1 
ATOM   202  C  CA  . HIS A 1 52  ? 8.054   -7.436  8.476   1.00 19.44 ? 52  HIS A CA  1 
ATOM   203  C  C   . HIS A 1 52  ? 6.963   -7.428  9.524   1.00 23.40 ? 52  HIS A C   1 
ATOM   204  O  O   . HIS A 1 52  ? 5.885   -6.904  9.281   1.00 21.06 ? 52  HIS A O   1 
ATOM   205  C  CB  . HIS A 1 52  ? 8.857   -6.141  8.593   1.00 19.93 ? 52  HIS A CB  1 
ATOM   206  C  CG  . HIS A 1 52  ? 10.080  -6.130  7.745   1.00 20.62 ? 52  HIS A CG  1 
ATOM   207  N  ND1 . HIS A 1 52  ? 10.119  -5.558  6.492   1.00 23.44 ? 52  HIS A ND1 1 
ATOM   208  C  CD2 . HIS A 1 52  ? 11.310  -6.653  7.961   1.00 23.57 ? 52  HIS A CD2 1 
ATOM   209  C  CE1 . HIS A 1 52  ? 11.320  -5.727  5.971   1.00 28.00 ? 52  HIS A CE1 1 
ATOM   210  N  NE2 . HIS A 1 52  ? 12.061  -6.390  6.844   1.00 24.67 ? 52  HIS A NE2 1 
ATOM   211  N  N   . GLN A 1 53  ? 7.254   -7.983  10.695  1.00 20.41 ? 53  GLN A N   1 
ATOM   212  C  CA  . GLN A 1 53  ? 6.325   -7.911  11.812  1.00 22.35 ? 53  GLN A CA  1 
ATOM   213  C  C   . GLN A 1 53  ? 5.772   -6.495  11.992  1.00 24.74 ? 53  GLN A C   1 
ATOM   214  O  O   . GLN A 1 53  ? 4.560   -6.304  12.110  1.00 23.20 ? 53  GLN A O   1 
ATOM   215  C  CB  . GLN A 1 53  ? 7.023   -8.360  13.093  1.00 24.90 ? 53  GLN A CB  1 
ATOM   216  C  CG  . GLN A 1 53  ? 6.145   -8.291  14.316  1.00 26.60 ? 53  GLN A CG  1 
ATOM   217  C  CD  . GLN A 1 53  ? 6.896   -8.666  15.584  1.00 26.87 ? 53  GLN A CD  1 
ATOM   218  O  OE1 . GLN A 1 53  ? 8.113   -8.875  15.568  1.00 28.11 ? 53  GLN A OE1 1 
ATOM   219  N  NE2 . GLN A 1 53  ? 6.172   -8.733  16.698  1.00 28.64 ? 53  GLN A NE2 1 
ATOM   220  N  N   . ALA A 1 54  ? 6.672   -5.516  11.967  1.00 21.33 ? 54  ALA A N   1 
ATOM   221  C  CA  . ALA A 1 54  ? 6.313   -4.114  12.202  1.00 21.32 ? 54  ALA A CA  1 
ATOM   222  C  C   . ALA A 1 54  ? 5.609   -3.461  11.019  1.00 25.43 ? 54  ALA A C   1 
ATOM   223  O  O   . ALA A 1 54  ? 4.975   -2.412  11.171  1.00 27.55 ? 54  ALA A O   1 
ATOM   224  C  CB  . ALA A 1 54  ? 7.551   -3.325  12.557  1.00 21.90 ? 54  ALA A CB  1 
ATOM   225  N  N   . CYS A 1 55  ? 5.749   -4.047  9.837   1.00 21.76 ? 55  CYS A N   1 
ATOM   226  C  CA  . CYS A 1 55  ? 5.099   -3.488  8.646   1.00 20.82 ? 55  CYS A CA  1 
ATOM   227  C  C   . CYS A 1 55  ? 3.650   -3.926  8.550   1.00 22.63 ? 55  CYS A C   1 
ATOM   228  O  O   . CYS A 1 55  ? 2.902   -3.420  7.726   1.00 23.09 ? 55  CYS A O   1 
ATOM   229  C  CB  . CYS A 1 55  ? 5.838   -3.895  7.375   1.00 21.79 ? 55  CYS A CB  1 
ATOM   230  S  SG  . CYS A 1 55  ? 7.409   -3.035  7.113   1.00 21.87 ? 55  CYS A SG  1 
ATOM   231  N  N   . TYR A 1 56  ? 3.250   -4.874  9.380   1.00 18.98 ? 56  TYR A N   1 
ATOM   232  C  CA  . TYR A 1 56  ? 1.894   -5.401  9.266   1.00 17.01 ? 56  TYR A CA  1 
ATOM   233  C  C   . TYR A 1 56  ? 1.185   -5.408  10.604  1.00 20.57 ? 56  TYR A C   1 
ATOM   234  O  O   . TYR A 1 56  ? 0.051   -5.876  10.700  1.00 24.07 ? 56  TYR A O   1 
ATOM   235  C  CB  . TYR A 1 56  ? 1.937   -6.814  8.677   1.00 21.64 ? 56  TYR A CB  1 
ATOM   236  C  CG  . TYR A 1 56  ? 0.670   -7.326  8.020   1.00 20.44 ? 56  TYR A CG  1 
ATOM   237  C  CD1 . TYR A 1 56  ? 0.148   -6.712  6.894   1.00 18.61 ? 56  TYR A CD1 1 
ATOM   238  C  CD2 . TYR A 1 56  ? 0.031   -8.464  8.502   1.00 20.73 ? 56  TYR A CD2 1 
ATOM   239  C  CE1 . TYR A 1 56  ? -0.991  -7.201  6.266   1.00 19.71 ? 56  TYR A CE1 1 
ATOM   240  C  CE2 . TYR A 1 56  ? -1.104  -8.969  7.882   1.00 22.54 ? 56  TYR A CE2 1 
ATOM   241  C  CZ  . TYR A 1 56  ? -1.616  -8.333  6.768   1.00 20.54 ? 56  TYR A CZ  1 
ATOM   242  O  OH  . TYR A 1 56  ? -2.744  -8.833  6.136   1.00 21.57 ? 56  TYR A OH  1 
ATOM   243  N  N   . GLY A 1 57  ? 1.845   -4.902  11.643  1.00 22.96 ? 57  GLY A N   1 
ATOM   244  C  CA  . GLY A 1 57  ? 1.197   -4.783  12.945  1.00 23.07 ? 57  GLY A CA  1 
ATOM   245  C  C   . GLY A 1 57  ? 1.032   -6.102  13.686  1.00 29.01 ? 57  GLY A C   1 
ATOM   246  O  O   . GLY A 1 57  ? 0.141   -6.253  14.529  1.00 29.52 ? 57  GLY A O   1 
ATOM   247  N  N   . ILE A 1 58  ? 1.888   -7.067  13.374  1.00 26.08 ? 58  ILE A N   1 
ATOM   248  C  CA  . ILE A 1 58  ? 1.862   -8.353  14.064  1.00 28.10 ? 58  ILE A CA  1 
ATOM   249  C  C   . ILE A 1 58  ? 2.379   -8.182  15.502  1.00 31.29 ? 58  ILE A C   1 
ATOM   250  O  O   . ILE A 1 58  ? 3.491   -7.704  15.717  1.00 30.84 ? 58  ILE A O   1 
ATOM   251  C  CB  . ILE A 1 58  ? 2.691   -9.398  13.296  1.00 27.12 ? 58  ILE A CB  1 
ATOM   252  C  CG1 . ILE A 1 58  ? 2.102   -9.599  11.900  1.00 26.18 ? 58  ILE A CG1 1 
ATOM   253  C  CG2 . ILE A 1 58  ? 2.722   -10.720 14.044  1.00 31.36 ? 58  ILE A CG2 1 
ATOM   254  C  CD1 . ILE A 1 58  ? 3.007   -10.332 10.954  1.00 26.34 ? 58  ILE A CD1 1 
ATOM   255  N  N   . VAL A 1 59  ? 1.554   -8.543  16.486  1.00 32.59 ? 59  VAL A N   1 
ATOM   256  C  CA  . VAL A 1 59  ? 1.894   -8.296  17.888  1.00 33.46 ? 59  VAL A CA  1 
ATOM   257  C  C   . VAL A 1 59  ? 2.999   -9.220  18.389  1.00 35.37 ? 59  VAL A C   1 
ATOM   258  O  O   . VAL A 1 59  ? 4.012   -8.760  18.916  1.00 38.70 ? 59  VAL A O   1 
ATOM   259  C  CB  . VAL A 1 59  ? 0.673   -8.449  18.807  1.00 36.91 ? 59  VAL A CB  1 
ATOM   260  C  CG1 . VAL A 1 59  ? 1.060   -8.123  20.245  1.00 39.57 ? 59  VAL A CG1 1 
ATOM   261  C  CG2 . VAL A 1 59  ? -0.450  -7.540  18.337  1.00 35.12 ? 59  VAL A CG2 1 
ATOM   262  N  N   . GLN A 1 60  ? 2.802   -10.522 18.241  1.00 38.09 ? 60  GLN A N   1 
ATOM   263  C  CA  . GLN A 1 60  ? 3.881   -11.460 18.526  1.00 49.07 ? 60  GLN A CA  1 
ATOM   264  C  C   . GLN A 1 60  ? 4.057   -12.414 17.355  1.00 49.72 ? 60  GLN A C   1 
ATOM   265  O  O   . GLN A 1 60  ? 3.080   -12.874 16.762  1.00 50.69 ? 60  GLN A O   1 
ATOM   266  C  CB  . GLN A 1 60  ? 3.617   -12.229 19.824  1.00 50.60 ? 60  GLN A CB  1 
ATOM   267  C  CG  . GLN A 1 60  ? 2.361   -13.085 19.811  1.00 62.75 ? 60  GLN A CG  1 
ATOM   268  C  CD  . GLN A 1 60  ? 2.155   -13.836 21.114  1.00 74.62 ? 60  GLN A CD  1 
ATOM   269  O  OE1 . GLN A 1 60  ? 2.723   -13.479 22.147  1.00 77.64 ? 60  GLN A OE1 1 
ATOM   270  N  NE2 . GLN A 1 60  ? 1.337   -14.885 21.070  1.00 72.36 ? 60  GLN A NE2 1 
ATOM   271  N  N   . VAL A 1 61  ? 5.308   -12.700 17.018  1.00 49.54 ? 61  VAL A N   1 
ATOM   272  C  CA  . VAL A 1 61  ? 5.596   -13.561 15.883  1.00 52.12 ? 61  VAL A CA  1 
ATOM   273  C  C   . VAL A 1 61  ? 5.106   -14.978 16.158  1.00 54.68 ? 61  VAL A C   1 
ATOM   274  O  O   . VAL A 1 61  ? 5.278   -15.510 17.255  1.00 52.32 ? 61  VAL A O   1 
ATOM   275  C  CB  . VAL A 1 61  ? 7.099   -13.543 15.529  1.00 56.69 ? 61  VAL A CB  1 
ATOM   276  C  CG1 . VAL A 1 61  ? 7.681   -14.950 15.450  1.00 55.73 ? 61  VAL A CG1 1 
ATOM   277  C  CG2 . VAL A 1 61  ? 7.290   -12.819 14.214  1.00 50.83 ? 61  VAL A CG2 1 
ATOM   278  N  N   . PRO A 1 62  ? 4.453   -15.578 15.159  1.00 57.86 ? 62  PRO A N   1 
ATOM   279  C  CA  . PRO A 1 62  ? 3.794   -16.879 15.295  1.00 54.95 ? 62  PRO A CA  1 
ATOM   280  C  C   . PRO A 1 62  ? 4.790   -18.019 15.470  1.00 51.59 ? 62  PRO A C   1 
ATOM   281  O  O   . PRO A 1 62  ? 5.944   -17.909 15.047  1.00 52.64 ? 62  PRO A O   1 
ATOM   282  C  CB  . PRO A 1 62  ? 3.029   -17.017 13.980  1.00 53.26 ? 62  PRO A CB  1 
ATOM   283  C  CG  . PRO A 1 62  ? 3.827   -16.211 13.014  1.00 53.21 ? 62  PRO A CG  1 
ATOM   284  C  CD  . PRO A 1 62  ? 4.346   -15.044 13.788  1.00 50.50 ? 62  PRO A CD  1 
ATOM   285  N  N   . THR A 1 63  ? 4.337   -19.100 16.096  1.00 48.91 ? 63  THR A N   1 
ATOM   286  C  CA  . THR A 1 63  ? 5.171   -20.271 16.333  1.00 52.12 ? 63  THR A CA  1 
ATOM   287  C  C   . THR A 1 63  ? 4.847   -21.373 15.332  1.00 51.04 ? 63  THR A C   1 
ATOM   288  O  O   . THR A 1 63  ? 5.624   -22.307 15.146  1.00 53.35 ? 63  THR A O   1 
ATOM   289  C  CB  . THR A 1 63  ? 4.986   -20.813 17.760  1.00 54.73 ? 63  THR A CB  1 
ATOM   290  O  OG1 . THR A 1 63  ? 3.643   -21.284 17.923  1.00 56.67 ? 63  THR A OG1 1 
ATOM   291  C  CG2 . THR A 1 63  ? 5.264   -19.722 18.783  1.00 47.81 ? 63  THR A CG2 1 
ATOM   292  N  N   . GLY A 1 64  ? 3.686   -21.258 14.700  1.00 50.04 ? 64  GLY A N   1 
ATOM   293  C  CA  . GLY A 1 64  ? 3.280   -22.179 13.657  1.00 43.18 ? 64  GLY A CA  1 
ATOM   294  C  C   . GLY A 1 64  ? 3.150   -21.422 12.353  1.00 45.44 ? 64  GLY A C   1 
ATOM   295  O  O   . GLY A 1 64  ? 3.648   -20.307 12.242  1.00 46.83 ? 64  GLY A O   1 
ATOM   296  N  N   . PRO A 1 65  ? 2.493   -22.026 11.354  1.00 41.23 ? 65  PRO A N   1 
ATOM   297  C  CA  . PRO A 1 65  ? 2.251   -21.328 10.088  1.00 38.32 ? 65  PRO A CA  1 
ATOM   298  C  C   . PRO A 1 65  ? 1.523   -20.001 10.306  1.00 41.60 ? 65  PRO A C   1 
ATOM   299  O  O   . PRO A 1 65  ? 0.649   -19.919 11.172  1.00 40.12 ? 65  PRO A O   1 
ATOM   300  C  CB  . PRO A 1 65  ? 1.376   -22.311 9.304   1.00 45.29 ? 65  PRO A CB  1 
ATOM   301  C  CG  . PRO A 1 65  ? 1.717   -23.654 9.871   1.00 41.25 ? 65  PRO A CG  1 
ATOM   302  C  CD  . PRO A 1 65  ? 1.991   -23.412 11.330  1.00 43.48 ? 65  PRO A CD  1 
ATOM   303  N  N   . TRP A 1 66  ? 1.893   -18.976 9.544   1.00 36.35 ? 66  TRP A N   1 
ATOM   304  C  CA  . TRP A 1 66  ? 1.237   -17.681 9.658   1.00 36.35 ? 66  TRP A CA  1 
ATOM   305  C  C   . TRP A 1 66  ? 0.437   -17.369 8.403   1.00 29.61 ? 66  TRP A C   1 
ATOM   306  O  O   . TRP A 1 66  ? 0.844   -17.718 7.294   1.00 30.32 ? 66  TRP A O   1 
ATOM   307  C  CB  . TRP A 1 66  ? 2.263   -16.579 9.918   1.00 33.19 ? 66  TRP A CB  1 
ATOM   308  C  CG  . TRP A 1 66  ? 1.645   -15.217 9.974   1.00 31.66 ? 66  TRP A CG  1 
ATOM   309  C  CD1 . TRP A 1 66  ? 0.991   -14.655 11.029  1.00 31.72 ? 66  TRP A CD1 1 
ATOM   310  C  CD2 . TRP A 1 66  ? 1.613   -14.253 8.919   1.00 30.23 ? 66  TRP A CD2 1 
ATOM   311  N  NE1 . TRP A 1 66  ? 0.552   -13.394 10.696  1.00 27.76 ? 66  TRP A NE1 1 
ATOM   312  C  CE2 . TRP A 1 66  ? 0.923   -13.124 9.405   1.00 28.11 ? 66  TRP A CE2 1 
ATOM   313  C  CE3 . TRP A 1 66  ? 2.102   -14.234 7.607   1.00 30.15 ? 66  TRP A CE3 1 
ATOM   314  C  CZ2 . TRP A 1 66  ? 0.708   -11.991 8.627   1.00 25.27 ? 66  TRP A CZ2 1 
ATOM   315  C  CZ3 . TRP A 1 66  ? 1.891   -13.110 6.833   1.00 27.33 ? 66  TRP A CZ3 1 
ATOM   316  C  CH2 . TRP A 1 66  ? 1.194   -12.000 7.349   1.00 25.11 ? 66  TRP A CH2 1 
ATOM   317  N  N   . PHE A 1 67  ? -0.711  -16.715 8.584   1.00 30.46 ? 67  PHE A N   1 
ATOM   318  C  CA  . PHE A 1 67  ? -1.547  -16.328 7.460   1.00 30.05 ? 67  PHE A CA  1 
ATOM   319  C  C   . PHE A 1 67  ? -1.908  -14.854 7.542   1.00 25.59 ? 67  PHE A C   1 
ATOM   320  O  O   . PHE A 1 67  ? -2.275  -14.350 8.607   1.00 28.63 ? 67  PHE A O   1 
ATOM   321  C  CB  . PHE A 1 67  ? -2.817  -17.171 7.414   1.00 32.74 ? 67  PHE A CB  1 
ATOM   322  C  CG  . PHE A 1 67  ? -2.552  -18.640 7.338   1.00 31.85 ? 67  PHE A CG  1 
ATOM   323  C  CD1 . PHE A 1 67  ? -2.330  -19.250 6.117   1.00 34.03 ? 67  PHE A CD1 1 
ATOM   324  C  CD2 . PHE A 1 67  ? -2.505  -19.407 8.488   1.00 37.36 ? 67  PHE A CD2 1 
ATOM   325  C  CE1 . PHE A 1 67  ? -2.076  -20.607 6.039   1.00 38.17 ? 67  PHE A CE1 1 
ATOM   326  C  CE2 . PHE A 1 67  ? -2.250  -20.770 8.419   1.00 33.42 ? 67  PHE A CE2 1 
ATOM   327  C  CZ  . PHE A 1 67  ? -2.037  -21.363 7.190   1.00 34.85 ? 67  PHE A CZ  1 
ATOM   328  N  N   . CYS A 1 68  ? -1.798  -14.183 6.403   1.00 26.22 ? 68  CYS A N   1 
ATOM   329  C  CA  . CYS A 1 68  ? -2.167  -12.776 6.284   1.00 25.54 ? 68  CYS A CA  1 
ATOM   330  C  C   . CYS A 1 68  ? -3.681  -12.640 6.412   1.00 30.28 ? 68  CYS A C   1 
ATOM   331  O  O   . CYS A 1 68  ? -4.401  -13.642 6.385   1.00 29.72 ? 68  CYS A O   1 
ATOM   332  C  CB  . CYS A 1 68  ? -1.683  -12.207 4.953   1.00 23.63 ? 68  CYS A CB  1 
ATOM   333  S  SG  . CYS A 1 68  ? -2.637  -12.680 3.478   1.00 24.86 ? 68  CYS A SG  1 
ATOM   334  N  N   . ARG A 1 69  ? -4.171  -11.408 6.536   1.00 26.37 ? 69  ARG A N   1 
ATOM   335  C  CA  . ARG A 1 69  ? -5.596  -11.191 6.783   1.00 26.78 ? 69  ARG A CA  1 
ATOM   336  C  C   . ARG A 1 69  ? -6.455  -11.614 5.593   1.00 28.97 ? 69  ARG A C   1 
ATOM   337  O  O   . ARG A 1 69  ? -7.604  -12.022 5.775   1.00 33.27 ? 69  ARG A O   1 
ATOM   338  C  CB  . ARG A 1 69  ? -5.871  -9.720  7.135   1.00 25.95 ? 69  ARG A CB  1 
ATOM   339  C  CG  . ARG A 1 69  ? -5.217  -9.239  8.441   1.00 24.21 ? 69  ARG A CG  1 
ATOM   340  C  CD  . ARG A 1 69  ? -5.808  -9.907  9.683   1.00 30.80 ? 69  ARG A CD  1 
ATOM   341  N  NE  . ARG A 1 69  ? -5.335  -9.287  10.919  1.00 28.06 ? 69  ARG A NE  1 
ATOM   342  C  CZ  . ARG A 1 69  ? -5.050  -9.952  12.034  1.00 37.91 ? 69  ARG A CZ  1 
ATOM   343  N  NH1 . ARG A 1 69  ? -5.175  -11.275 12.072  1.00 39.71 ? 69  ARG A NH1 1 
ATOM   344  N  NH2 . ARG A 1 69  ? -4.633  -9.299  13.113  1.00 37.01 ? 69  ARG A NH2 1 
ATOM   345  N  N   . LYS A 1 70  ? -5.918  -11.512 4.380   1.00 26.56 ? 70  LYS A N   1 
ATOM   346  C  CA  . LYS A 1 70  ? -6.658  -11.934 3.193   1.00 27.07 ? 70  LYS A CA  1 
ATOM   347  C  C   . LYS A 1 70  ? -6.863  -13.444 3.200   1.00 34.92 ? 70  LYS A C   1 
ATOM   348  O  O   . LYS A 1 70  ? -7.969  -13.938 2.963   1.00 32.07 ? 70  LYS A O   1 
ATOM   349  C  CB  . LYS A 1 70  ? -5.942  -11.516 1.910   1.00 30.58 ? 70  LYS A CB  1 
ATOM   350  C  CG  . LYS A 1 70  ? -6.475  -12.217 0.666   1.00 33.55 ? 70  LYS A CG  1 
ATOM   351  C  CD  . LYS A 1 70  ? -5.895  -11.638 -0.606  1.00 37.71 ? 70  LYS A CD  1 
ATOM   352  C  CE  . LYS A 1 70  ? -6.457  -12.354 -1.824  1.00 47.77 ? 70  LYS A CE  1 
ATOM   353  N  NZ  . LYS A 1 70  ? -7.859  -11.951 -2.120  1.00 43.05 ? 70  LYS A NZ  1 
ATOM   354  N  N   . CYS A 1 71  ? -5.788  -14.174 3.480   1.00 30.52 ? 71  CYS A N   1 
ATOM   355  C  CA  . CYS A 1 71  ? -5.852  -15.632 3.518   1.00 29.87 ? 71  CYS A CA  1 
ATOM   356  C  C   . CYS A 1 71  ? -6.729  -16.123 4.670   1.00 34.52 ? 71  CYS A C   1 
ATOM   357  O  O   . CYS A 1 71  ? -7.392  -17.158 4.554   1.00 36.79 ? 71  CYS A O   1 
ATOM   358  C  CB  . CYS A 1 71  ? -4.438  -16.219 3.596   1.00 23.66 ? 71  CYS A CB  1 
ATOM   359  S  SG  . CYS A 1 71  ? -3.621  -16.092 2.046   1.00 30.55 ? 71  CYS A SG  1 
ATOM   360  N  N   . GLU A 1 72  ? -6.767  -15.369 5.766   1.00 33.17 ? 72  GLU A N   1 
ATOM   361  C  CA  . GLU A 1 72  ? -7.656  -15.690 6.885   1.00 34.78 ? 72  GLU A CA  1 
ATOM   362  C  C   . GLU A 1 72  ? -9.123  -15.403 6.562   1.00 39.36 ? 72  GLU A C   1 
ATOM   363  O  O   . GLU A 1 72  ? -10.018 -15.954 7.198   1.00 43.41 ? 72  GLU A O   1 
ATOM   364  C  CB  . GLU A 1 72  ? -7.261  -14.909 8.141   1.00 35.60 ? 72  GLU A CB  1 
ATOM   365  C  CG  . GLU A 1 72  ? -5.918  -15.273 8.734   1.00 41.91 ? 72  GLU A CG  1 
ATOM   366  C  CD  . GLU A 1 72  ? -5.646  -14.535 10.035  1.00 45.41 ? 72  GLU A CD  1 
ATOM   367  O  OE1 . GLU A 1 72  ? -6.118  -13.386 10.183  1.00 49.47 ? 72  GLU A OE1 1 
ATOM   368  O  OE2 . GLU A 1 72  ? -4.969  -15.105 10.915  1.00 51.35 ? 72  GLU A OE2 1 
ATOM   369  N  N   . SER A 1 73  ? -9.368  -14.545 5.575   1.00 38.62 ? 73  SER A N   1 
ATOM   370  C  CA  . SER A 1 73  ? -10.731 -14.121 5.241   1.00 37.56 ? 73  SER A CA  1 
ATOM   371  C  C   . SER A 1 73  ? -11.594 -15.236 4.656   1.00 45.74 ? 73  SER A C   1 
ATOM   372  O  O   . SER A 1 73  ? -11.098 -16.128 3.964   1.00 42.85 ? 73  SER A O   1 
ATOM   373  C  CB  . SER A 1 73  ? -10.700 -12.959 4.248   1.00 35.03 ? 73  SER A CB  1 
ATOM   374  O  OG  . SER A 1 73  ? -12.013 -12.586 3.864   1.00 48.43 ? 73  SER A OG  1 
ATOM   375  N  N   . GLN A 1 74  ? -12.895 -15.160 4.923   1.00 47.96 ? 74  GLN A N   1 
ATOM   376  C  CA  . GLN A 1 74  ? -13.850 -16.091 4.334   1.00 51.26 ? 74  GLN A CA  1 
ATOM   377  C  C   . GLN A 1 74  ? -14.731 -15.380 3.314   1.00 50.56 ? 74  GLN A C   1 
ATOM   378  O  O   . GLN A 1 74  ? -15.834 -15.827 3.010   1.00 56.95 ? 74  GLN A O   1 
ATOM   379  C  CB  . GLN A 1 74  ? -14.712 -16.739 5.415   1.00 48.14 ? 74  GLN A CB  1 
ATOM   380  C  CG  . GLN A 1 74  ? -13.923 -17.591 6.391   1.00 52.98 ? 74  GLN A CG  1 
ATOM   381  C  CD  . GLN A 1 74  ? -14.808 -18.284 7.409   1.00 59.42 ? 74  GLN A CD  1 
ATOM   382  O  OE1 . GLN A 1 74  ? -15.697 -19.058 7.046   1.00 52.41 ? 74  GLN A OE1 1 
ATOM   383  N  NE2 . GLN A 1 74  ? -14.564 -18.019 8.689   1.00 62.07 ? 74  GLN A NE2 1 
ATOM   384  N  N   . GLU A 1 75  ? -14.235 -14.267 2.792   1.00 47.73 ? 75  GLU A N   1 
ATOM   385  C  CA  . GLU A 1 75  ? -14.974 -13.503 1.798   1.00 43.39 ? 75  GLU A CA  1 
ATOM   386  C  C   . GLU A 1 75  ? -14.669 -13.990 0.389   1.00 46.48 ? 75  GLU A C   1 
ATOM   387  O  O   . GLU A 1 75  ? -13.632 -14.614 0.154   1.00 46.59 ? 75  GLU A O   1 
ATOM   388  C  CB  . GLU A 1 75  ? -14.644 -12.011 1.917   1.00 45.33 ? 75  GLU A CB  1 
ATOM   389  C  CG  . GLU A 1 75  ? -15.029 -11.412 3.255   1.00 41.22 ? 75  GLU A CG  1 
ATOM   390  C  CD  . GLU A 1 75  ? -14.648 -9.952  3.387   1.00 35.13 ? 75  GLU A CD  1 
ATOM   391  O  OE1 . GLU A 1 75  ? -14.682 -9.220  2.380   1.00 38.57 ? 75  GLU A OE1 1 
ATOM   392  O  OE2 . GLU A 1 75  ? -14.336 -9.533  4.510   1.00 41.96 ? 75  GLU A OE2 1 
ATOM   393  N  N   . ARG A 1 76  ? -15.585 -13.705 -0.536  1.00 44.46 ? 76  ARG A N   1 
ATOM   394  C  CA  . ARG A 1 76  ? -15.345 -13.925 -1.958  1.00 46.75 ? 76  ARG A CA  1 
ATOM   395  C  C   . ARG A 1 76  ? -14.024 -13.276 -2.358  1.00 45.35 ? 76  ARG A C   1 
ATOM   396  O  O   . ARG A 1 76  ? -13.795 -12.100 -2.071  1.00 43.35 ? 76  ARG A O   1 
ATOM   397  C  CB  . ARG A 1 76  ? -16.498 -13.360 -2.794  1.00 51.94 ? 76  ARG A CB  1 
ATOM   398  C  CG  . ARG A 1 76  ? -17.808 -14.110 -2.642  1.00 61.37 ? 76  ARG A CG  1 
ATOM   399  C  CD  . ARG A 1 76  ? -17.731 -15.494 -3.274  1.00 71.74 ? 76  ARG A CD  1 
ATOM   400  N  NE  . ARG A 1 76  ? -18.578 -15.599 -4.462  1.00 83.99 ? 76  ARG A NE  1 
ATOM   401  C  CZ  . ARG A 1 76  ? -18.306 -16.368 -5.512  1.00 86.75 ? 76  ARG A CZ  1 
ATOM   402  N  NH1 . ARG A 1 76  ? -17.203 -17.107 -5.529  1.00 82.97 ? 76  ARG A NH1 1 
ATOM   403  N  NH2 . ARG A 1 76  ? -19.136 -16.398 -6.546  1.00 84.14 ? 76  ARG A NH2 1 
ATOM   404  N  N   . ALA A 1 77  ? -13.155 -14.049 -3.005  1.00 45.40 ? 77  ALA A N   1 
ATOM   405  C  CA  . ALA A 1 77  ? -11.808 -13.589 -3.346  1.00 40.63 ? 77  ALA A CA  1 
ATOM   406  C  C   . ALA A 1 77  ? -11.811 -12.328 -4.204  1.00 42.81 ? 77  ALA A C   1 
ATOM   407  O  O   . ALA A 1 77  ? -10.904 -11.497 -4.104  1.00 43.99 ? 77  ALA A O   1 
ATOM   408  C  CB  . ALA A 1 77  ? -11.041 -14.698 -4.053  1.00 48.91 ? 77  ALA A CB  1 
ATOM   409  N  N   . ALA A 1 78  ? -12.835 -12.177 -5.037  1.00 40.50 ? 78  ALA A N   1 
ATOM   410  C  CA  . ALA A 1 78  ? -12.939 -11.015 -5.911  1.00 41.57 ? 78  ALA A CA  1 
ATOM   411  C  C   . ALA A 1 78  ? -13.096 -9.724  -5.106  1.00 38.79 ? 78  ALA A C   1 
ATOM   412  O  O   . ALA A 1 78  ? -12.833 -8.630  -5.604  1.00 39.92 ? 78  ALA A O   1 
ATOM   413  C  CB  . ALA A 1 78  ? -14.104 -11.180 -6.872  1.00 45.49 ? 78  ALA A CB  1 
ATOM   414  N  N   . ARG A 1 79  ? -13.519 -9.867  -3.855  1.00 35.77 ? 79  ARG A N   1 
ATOM   415  C  CA  . ARG A 1 79  ? -13.835 -8.716  -3.020  1.00 35.94 ? 79  ARG A CA  1 
ATOM   416  C  C   . ARG A 1 79  ? -12.655 -8.299  -2.134  1.00 34.91 ? 79  ARG A C   1 
ATOM   417  O  O   . ARG A 1 79  ? -12.541 -7.129  -1.751  1.00 29.62 ? 79  ARG A O   1 
ATOM   418  C  CB  . ARG A 1 79  ? -15.082 -9.032  -2.179  1.00 39.68 ? 79  ARG A CB  1 
ATOM   419  C  CG  . ARG A 1 79  ? -15.040 -8.599  -0.735  1.00 42.25 ? 79  ARG A CG  1 
ATOM   420  C  CD  . ARG A 1 79  ? -16.433 -8.575  -0.116  1.00 39.56 ? 79  ARG A CD  1 
ATOM   421  N  NE  . ARG A 1 79  ? -17.114 -7.296  -0.311  1.00 37.39 ? 79  ARG A NE  1 
ATOM   422  C  CZ  . ARG A 1 79  ? -17.004 -6.269  0.522   1.00 38.29 ? 79  ARG A CZ  1 
ATOM   423  N  NH1 . ARG A 1 79  ? -16.224 -6.371  1.590   1.00 38.04 ? 79  ARG A NH1 1 
ATOM   424  N  NH2 . ARG A 1 79  ? -17.656 -5.138  0.282   1.00 51.87 ? 79  ARG A NH2 1 
ATOM   425  N  N   . VAL A 1 80  ? -11.771 -9.246  -1.827  1.00 32.91 ? 80  VAL A N   1 
ATOM   426  C  CA  . VAL A 1 80  ? -10.662 -8.961  -0.925  1.00 31.84 ? 80  VAL A CA  1 
ATOM   427  C  C   . VAL A 1 80  ? -9.514  -8.364  -1.735  1.00 31.67 ? 80  VAL A C   1 
ATOM   428  O  O   . VAL A 1 80  ? -8.590  -9.059  -2.161  1.00 28.83 ? 80  VAL A O   1 
ATOM   429  C  CB  . VAL A 1 80  ? -10.209 -10.214 -0.159  1.00 31.03 ? 80  VAL A CB  1 
ATOM   430  C  CG1 . VAL A 1 80  ? -9.166  -9.857  0.875   1.00 31.36 ? 80  VAL A CG1 1 
ATOM   431  C  CG2 . VAL A 1 80  ? -11.409 -10.860 0.538   1.00 33.34 ? 80  VAL A CG2 1 
ATOM   432  N  N   . ARG A 1 81  ? -9.611  -7.061  -1.961  1.00 26.91 ? 81  ARG A N   1 
ATOM   433  C  CA  . ARG A 1 81  ? -8.617  -6.327  -2.732  1.00 25.13 ? 81  ARG A CA  1 
ATOM   434  C  C   . ARG A 1 81  ? -8.671  -4.856  -2.332  1.00 24.37 ? 81  ARG A C   1 
ATOM   435  O  O   . ARG A 1 81  ? -9.679  -4.384  -1.817  1.00 23.27 ? 81  ARG A O   1 
ATOM   436  C  CB  . ARG A 1 81  ? -8.869  -6.483  -4.226  1.00 28.91 ? 81  ARG A CB  1 
ATOM   437  C  CG  . ARG A 1 81  ? -10.151 -5.826  -4.678  1.00 30.99 ? 81  ARG A CG  1 
ATOM   438  C  CD  . ARG A 1 81  ? -10.375 -6.037  -6.162  1.00 39.39 ? 81  ARG A CD  1 
ATOM   439  N  NE  . ARG A 1 81  ? -9.348  -5.378  -6.955  1.00 38.41 ? 81  ARG A NE  1 
ATOM   440  C  CZ  . ARG A 1 81  ? -9.148  -5.598  -8.250  1.00 47.94 ? 81  ARG A CZ  1 
ATOM   441  N  NH1 . ARG A 1 81  ? -9.911  -6.467  -8.901  1.00 50.55 ? 81  ARG A NH1 1 
ATOM   442  N  NH2 . ARG A 1 81  ? -8.191  -4.946  -8.895  1.00 44.99 ? 81  ARG A NH2 1 
ATOM   443  N  N   . CYS A 1 82  ? -7.582  -4.127  -2.577  1.00 23.59 ? 82  CYS A N   1 
ATOM   444  C  CA  . CYS A 1 82  ? -7.481  -2.733  -2.158  1.00 22.83 ? 82  CYS A CA  1 
ATOM   445  C  C   . CYS A 1 82  ? -8.449  -1.810  -2.875  1.00 22.55 ? 82  CYS A C   1 
ATOM   446  O  O   . CYS A 1 82  ? -8.515  -1.808  -4.105  1.00 24.77 ? 82  CYS A O   1 
ATOM   447  C  CB  . CYS A 1 82  ? -6.057  -2.229  -2.392  1.00 20.11 ? 82  CYS A CB  1 
ATOM   448  S  SG  . CYS A 1 82  ? -5.738  -0.569  -1.715  1.00 18.00 ? 82  CYS A SG  1 
ATOM   449  N  N   . GLU A 1 83  ? -9.175  -0.991  -2.117  1.00 19.67 ? 83  GLU A N   1 
ATOM   450  C  CA  . GLU A 1 83  ? -10.056 -0.032  -2.757  1.00 25.24 ? 83  GLU A CA  1 
ATOM   451  C  C   . GLU A 1 83  ? -9.367  1.285   -3.064  1.00 24.53 ? 83  GLU A C   1 
ATOM   452  O  O   . GLU A 1 83  ? -9.967  2.171   -3.669  1.00 27.47 ? 83  GLU A O   1 
ATOM   453  C  CB  . GLU A 1 83  ? -11.290 0.220   -1.901  1.00 26.24 ? 83  GLU A CB  1 
ATOM   454  C  CG  . GLU A 1 83  ? -11.047 0.866   -0.567  1.00 23.17 ? 83  GLU A CG  1 
ATOM   455  C  CD  . GLU A 1 83  ? -12.368 1.059   0.156   1.00 37.16 ? 83  GLU A CD  1 
ATOM   456  O  OE1 . GLU A 1 83  ? -12.864 2.203   0.199   1.00 36.58 ? 83  GLU A OE1 1 
ATOM   457  O  OE2 . GLU A 1 83  ? -12.928 0.054   0.638   1.00 41.97 ? 83  GLU A OE2 1 
ATOM   458  N  N   . LEU A 1 84  ? -8.103  1.408   -2.667  1.00 20.55 ? 84  LEU A N   1 
ATOM   459  C  CA  . LEU A 1 84  ? -7.353  2.638   -2.930  1.00 18.02 ? 84  LEU A CA  1 
ATOM   460  C  C   . LEU A 1 84  ? -6.482  2.579   -4.190  1.00 22.21 ? 84  LEU A C   1 
ATOM   461  O  O   . LEU A 1 84  ? -5.921  3.588   -4.603  1.00 20.57 ? 84  LEU A O   1 
ATOM   462  C  CB  . LEU A 1 84  ? -6.471  2.982   -1.724  1.00 20.38 ? 84  LEU A CB  1 
ATOM   463  C  CG  . LEU A 1 84  ? -7.201  3.197   -0.395  1.00 19.83 ? 84  LEU A CG  1 
ATOM   464  C  CD1 . LEU A 1 84  ? -6.187  3.550   0.692   1.00 21.23 ? 84  LEU A CD1 1 
ATOM   465  C  CD2 . LEU A 1 84  ? -8.259  4.282   -0.509  1.00 22.98 ? 84  LEU A CD2 1 
ATOM   466  N  N   . CYS A 1 85  ? -6.373  1.412   -4.813  1.00 20.15 ? 85  CYS A N   1 
ATOM   467  C  CA  . CYS A 1 85  ? -5.548  1.281   -6.005  1.00 21.47 ? 85  CYS A CA  1 
ATOM   468  C  C   . CYS A 1 85  ? -6.047  0.097   -6.820  1.00 23.00 ? 85  CYS A C   1 
ATOM   469  O  O   . CYS A 1 85  ? -6.905  -0.653  -6.350  1.00 23.15 ? 85  CYS A O   1 
ATOM   470  C  CB  . CYS A 1 85  ? -4.079  1.108   -5.615  1.00 20.67 ? 85  CYS A CB  1 
ATOM   471  S  SG  . CYS A 1 85  ? -3.641  -0.517  -5.034  1.00 19.58 ? 85  CYS A SG  1 
ATOM   472  N  N   . PRO A 1 86  ? -5.539  -0.062  -8.050  1.00 20.30 ? 86  PRO A N   1 
ATOM   473  C  CA  . PRO A 1 86  ? -6.100  -1.157  -8.857  1.00 22.18 ? 86  PRO A CA  1 
ATOM   474  C  C   . PRO A 1 86  ? -5.338  -2.470  -8.804  1.00 24.00 ? 86  PRO A C   1 
ATOM   475  O  O   . PRO A 1 86  ? -5.744  -3.403  -9.505  1.00 27.39 ? 86  PRO A O   1 
ATOM   476  C  CB  . PRO A 1 86  ? -6.061  -0.594  -10.280 1.00 23.05 ? 86  PRO A CB  1 
ATOM   477  C  CG  . PRO A 1 86  ? -4.885  0.325   -10.281 1.00 24.43 ? 86  PRO A CG  1 
ATOM   478  C  CD  . PRO A 1 86  ? -4.775  0.899   -8.873  1.00 22.77 ? 86  PRO A CD  1 
ATOM   479  N  N   . HIS A 1 87  ? -4.286  -2.574  -7.997  1.00 22.74 ? 87  HIS A N   1 
ATOM   480  C  CA  . HIS A 1 87  ? -3.508  -3.808  -7.936  1.00 21.31 ? 87  HIS A CA  1 
ATOM   481  C  C   . HIS A 1 87  ? -4.052  -4.822  -6.934  1.00 27.63 ? 87  HIS A C   1 
ATOM   482  O  O   . HIS A 1 87  ? -4.425  -4.470  -5.816  1.00 24.50 ? 87  HIS A O   1 
ATOM   483  C  CB  . HIS A 1 87  ? -2.060  -3.469  -7.623  1.00 24.41 ? 87  HIS A CB  1 
ATOM   484  C  CG  . HIS A 1 87  ? -1.443  -2.593  -8.662  1.00 28.46 ? 87  HIS A CG  1 
ATOM   485  N  ND1 . HIS A 1 87  ? -1.041  -3.074  -9.890  1.00 32.17 ? 87  HIS A ND1 1 
ATOM   486  C  CD2 . HIS A 1 87  ? -1.218  -1.258  -8.686  1.00 25.99 ? 87  HIS A CD2 1 
ATOM   487  C  CE1 . HIS A 1 87  ? -0.560  -2.079  -10.612 1.00 30.79 ? 87  HIS A CE1 1 
ATOM   488  N  NE2 . HIS A 1 87  ? -0.649  -0.967  -9.903  1.00 30.24 ? 87  HIS A NE2 1 
ATOM   489  N  N   . LYS A 1 88  ? -4.129  -6.078  -7.370  1.00 29.06 ? 88  LYS A N   1 
ATOM   490  C  CA  . LYS A 1 88  ? -4.633  -7.172  -6.545  1.00 27.13 ? 88  LYS A CA  1 
ATOM   491  C  C   . LYS A 1 88  ? -3.559  -7.698  -5.605  1.00 28.28 ? 88  LYS A C   1 
ATOM   492  O  O   . LYS A 1 88  ? -2.386  -7.372  -5.753  1.00 27.43 ? 88  LYS A O   1 
ATOM   493  C  CB  . LYS A 1 88  ? -5.135  -8.326  -7.423  1.00 32.38 ? 88  LYS A CB  1 
ATOM   494  C  CG  . LYS A 1 88  ? -6.301  -7.982  -8.322  1.00 38.89 ? 88  LYS A CG  1 
ATOM   495  C  CD  . LYS A 1 88  ? -6.798  -9.239  -9.036  1.00 46.86 ? 88  LYS A CD  1 
ATOM   496  C  CE  . LYS A 1 88  ? -7.996  -8.940  -9.918  1.00 51.13 ? 88  LYS A CE  1 
ATOM   497  N  NZ  . LYS A 1 88  ? -7.726  -7.802  -10.840 1.00 63.38 ? 88  LYS A NZ  1 
ATOM   498  N  N   . ASP A 1 89  ? -3.975  -8.511  -4.638  1.00 29.66 ? 89  ASP A N   1 
ATOM   499  C  CA  . ASP A 1 89  ? -3.048  -9.143  -3.702  1.00 32.08 ? 89  ASP A CA  1 
ATOM   500  C  C   . ASP A 1 89  ? -2.259  -8.090  -2.925  1.00 28.77 ? 89  ASP A C   1 
ATOM   501  O  O   . ASP A 1 89  ? -2.761  -6.994  -2.689  1.00 30.31 ? 89  ASP A O   1 
ATOM   502  C  CB  . ASP A 1 89  ? -2.092  -10.093 -4.437  1.00 35.26 ? 89  ASP A CB  1 
ATOM   503  C  CG  . ASP A 1 89  ? -2.826  -11.130 -5.280  1.00 40.90 ? 89  ASP A CG  1 
ATOM   504  O  OD1 . ASP A 1 89  ? -3.869  -11.641 -4.826  1.00 41.30 ? 89  ASP A OD1 1 
ATOM   505  O  OD2 . ASP A 1 89  ? -2.358  -11.427 -6.395  1.00 44.20 ? 89  ASP A OD2 1 
ATOM   506  N  N   . GLY A 1 90  ? -1.026  -8.415  -2.549  1.00 28.87 ? 90  GLY A N   1 
ATOM   507  C  CA  . GLY A 1 90  ? -0.239  -7.540  -1.688  1.00 28.12 ? 90  GLY A CA  1 
ATOM   508  C  C   . GLY A 1 90  ? -0.750  -7.639  -0.263  1.00 23.43 ? 90  GLY A C   1 
ATOM   509  O  O   . GLY A 1 90  ? -1.648  -8.434  0.018   1.00 25.65 ? 90  GLY A O   1 
ATOM   510  N  N   . ALA A 1 91  ? -0.198  -6.825  0.635   1.00 20.94 ? 91  ALA A N   1 
ATOM   511  C  CA  . ALA A 1 91  ? -0.511  -6.951  2.060   1.00 20.51 ? 91  ALA A CA  1 
ATOM   512  C  C   . ALA A 1 91  ? -1.690  -6.069  2.430   1.00 21.38 ? 91  ALA A C   1 
ATOM   513  O  O   . ALA A 1 91  ? -1.571  -4.839  2.397   1.00 20.29 ? 91  ALA A O   1 
ATOM   514  C  CB  . ALA A 1 91  ? 0.715   -6.589  2.916   1.00 21.28 ? 91  ALA A CB  1 
ATOM   515  N  N   . LEU A 1 92  ? -2.811  -6.711  2.800   1.00 19.61 ? 92  LEU A N   1 
ATOM   516  C  CA  . LEU A 1 92  ? -4.099  -6.040  2.977   1.00 19.53 ? 92  LEU A CA  1 
ATOM   517  C  C   . LEU A 1 92  ? -4.589  -6.066  4.424   1.00 20.74 ? 92  LEU A C   1 
ATOM   518  O  O   . LEU A 1 92  ? -4.321  -7.023  5.157   1.00 21.00 ? 92  LEU A O   1 
ATOM   519  C  CB  . LEU A 1 92  ? -5.164  -6.706  2.080   1.00 17.94 ? 92  LEU A CB  1 
ATOM   520  C  CG  . LEU A 1 92  ? -4.935  -6.623  0.564   1.00 21.33 ? 92  LEU A CG  1 
ATOM   521  C  CD1 . LEU A 1 92  ? -5.820  -7.639  -0.178  1.00 25.61 ? 92  LEU A CD1 1 
ATOM   522  C  CD2 . LEU A 1 92  ? -5.237  -5.232  0.059   1.00 21.64 ? 92  LEU A CD2 1 
ATOM   523  N  N   . LYS A 1 93  ? -5.318  -5.018  4.824   1.00 18.85 ? 93  LYS A N   1 
ATOM   524  C  CA  . LYS A 1 93  ? -6.069  -4.998  6.087   1.00 20.02 ? 93  LYS A CA  1 
ATOM   525  C  C   . LYS A 1 93  ? -7.495  -4.537  5.814   1.00 18.29 ? 93  LYS A C   1 
ATOM   526  O  O   . LYS A 1 93  ? -7.760  -3.873  4.815   1.00 19.60 ? 93  LYS A O   1 
ATOM   527  C  CB  . LYS A 1 93  ? -5.447  -4.060  7.126   1.00 19.15 ? 93  LYS A CB  1 
ATOM   528  C  CG  . LYS A 1 93  ? -4.049  -4.438  7.619   1.00 20.66 ? 93  LYS A CG  1 
ATOM   529  C  CD  . LYS A 1 93  ? -4.073  -5.755  8.372   1.00 21.66 ? 93  LYS A CD  1 
ATOM   530  C  CE  . LYS A 1 93  ? -2.786  -5.965  9.172   1.00 22.48 ? 93  LYS A CE  1 
ATOM   531  N  NZ  . LYS A 1 93  ? -2.756  -5.171  10.446  1.00 24.22 ? 93  LYS A NZ  1 
ATOM   532  N  N   . ARG A 1 94  ? -8.415  -4.863  6.717   1.00 20.15 ? 94  ARG A N   1 
ATOM   533  C  CA  . ARG A 1 94  ? -9.784  -4.396  6.557   1.00 18.95 ? 94  ARG A CA  1 
ATOM   534  C  C   . ARG A 1 94  ? -9.862  -2.910  6.816   1.00 19.23 ? 94  ARG A C   1 
ATOM   535  O  O   . ARG A 1 94  ? -9.052  -2.358  7.568   1.00 22.10 ? 94  ARG A O   1 
ATOM   536  C  CB  . ARG A 1 94  ? -10.731 -5.131  7.505   1.00 24.76 ? 94  ARG A CB  1 
ATOM   537  C  CG  . ARG A 1 94  ? -10.828 -6.604  7.225   1.00 28.60 ? 94  ARG A CG  1 
ATOM   538  C  CD  . ARG A 1 94  ? -11.888 -7.234  8.121   1.00 36.44 ? 94  ARG A CD  1 
ATOM   539  N  NE  . ARG A 1 94  ? -12.039 -8.659  7.852   1.00 32.82 ? 94  ARG A NE  1 
ATOM   540  C  CZ  . ARG A 1 94  ? -12.911 -9.158  6.987   1.00 41.93 ? 94  ARG A CZ  1 
ATOM   541  N  NH1 . ARG A 1 94  ? -13.705 -8.339  6.317   1.00 41.02 ? 94  ARG A NH1 1 
ATOM   542  N  NH2 . ARG A 1 94  ? -12.994 -10.470 6.788   1.00 40.38 ? 94  ARG A NH2 1 
ATOM   543  N  N   . THR A 1 95  ? -10.863 -2.278  6.209   1.00 19.51 ? 95  THR A N   1 
ATOM   544  C  CA  . THR A 1 95  ? -11.095 -0.845  6.371   1.00 21.06 ? 95  THR A CA  1 
ATOM   545  C  C   . THR A 1 95  ? -12.278 -0.578  7.276   1.00 27.28 ? 95  THR A C   1 
ATOM   546  O  O   . THR A 1 95  ? -12.995 -1.512  7.658   1.00 30.56 ? 95  THR A O   1 
ATOM   547  C  CB  . THR A 1 95  ? -11.354 -0.144  5.030   1.00 22.83 ? 95  THR A CB  1 
ATOM   548  O  OG1 . THR A 1 95  ? -12.556 -0.674  4.428   1.00 24.96 ? 95  THR A OG1 1 
ATOM   549  C  CG2 . THR A 1 95  ? -10.192 -0.349  4.093   1.00 21.89 ? 95  THR A CG2 1 
ATOM   550  N  N   . ASP A 1 96  ? -12.498 0.699   7.582   1.00 25.67 ? 96  ASP A N   1 
ATOM   551  C  CA  . ASP A 1 96  ? -13.651 1.102   8.378   1.00 30.85 ? 96  ASP A CA  1 
ATOM   552  C  C   . ASP A 1 96  ? -14.954 1.145   7.562   1.00 31.60 ? 96  ASP A C   1 
ATOM   553  O  O   . ASP A 1 96  ? -16.031 1.242   8.148   1.00 43.44 ? 96  ASP A O   1 
ATOM   554  C  CB  . ASP A 1 96  ? -13.400 2.466   9.070   1.00 23.85 ? 96  ASP A CB  1 
ATOM   555  C  CG  . ASP A 1 96  ? -13.121 3.610   8.093   1.00 29.03 ? 96  ASP A CG  1 
ATOM   556  O  OD1 . ASP A 1 96  ? -12.877 3.352   6.887   1.00 23.19 ? 96  ASP A OD1 1 
ATOM   557  O  OD2 . ASP A 1 96  ? -13.157 4.785   8.557   1.00 28.48 ? 96  ASP A OD2 1 
ATOM   558  N  N   . ASN A 1 97  ? -14.889 1.071   6.234   1.00 31.76 ? 97  ASN A N   1 
ATOM   559  C  CA  . ASN A 1 97  ? -16.135 1.083   5.458   1.00 32.72 ? 97  ASN A CA  1 
ATOM   560  C  C   . ASN A 1 97  ? -16.517 -0.308  4.926   1.00 33.70 ? 97  ASN A C   1 
ATOM   561  O  O   . ASN A 1 97  ? -17.200 -0.431  3.907   1.00 33.93 ? 97  ASN A O   1 
ATOM   562  C  CB  . ASN A 1 97  ? -16.061 2.105   4.309   1.00 32.28 ? 97  ASN A CB  1 
ATOM   563  C  CG  . ASN A 1 97  ? -15.032 1.752   3.250   1.00 38.20 ? 97  ASN A CG  1 
ATOM   564  O  OD1 . ASN A 1 97  ? -14.188 0.877   3.438   1.00 36.09 ? 97  ASN A OD1 1 
ATOM   565  N  ND2 . ASN A 1 97  ? -15.095 2.452   2.120   1.00 43.66 ? 97  ASN A ND2 1 
ATOM   566  N  N   . GLY A 1 98  ? -16.070 -1.344  5.635   1.00 28.04 ? 98  GLY A N   1 
ATOM   567  C  CA  . GLY A 1 98  ? -16.402 -2.727  5.317   1.00 29.67 ? 98  GLY A CA  1 
ATOM   568  C  C   . GLY A 1 98  ? -15.640 -3.307  4.141   1.00 31.11 ? 98  GLY A C   1 
ATOM   569  O  O   . GLY A 1 98  ? -16.078 -4.281  3.524   1.00 27.83 ? 98  GLY A O   1 
ATOM   570  N  N   . GLY A 1 99  ? -14.493 -2.709  3.826   1.00 22.80 ? 99  GLY A N   1 
ATOM   571  C  CA  . GLY A 1 99  ? -13.711 -3.132  2.687   1.00 23.58 ? 99  GLY A CA  1 
ATOM   572  C  C   . GLY A 1 99  ? -12.286 -3.520  3.057   1.00 19.41 ? 99  GLY A C   1 
ATOM   573  O  O   . GLY A 1 99  ? -12.015 -3.964  4.176   1.00 19.96 ? 99  GLY A O   1 
ATOM   574  N  N   . TRP A 1 100 ? -11.386 -3.342  2.089   1.00 22.92 ? 100 TRP A N   1 
ATOM   575  C  CA  . TRP A 1 100 ? -9.990  -3.736  2.246   1.00 20.59 ? 100 TRP A CA  1 
ATOM   576  C  C   . TRP A 1 100 ? -9.079  -2.658  1.667   1.00 17.98 ? 100 TRP A C   1 
ATOM   577  O  O   . TRP A 1 100 ? -9.457  -1.975  0.721   1.00 19.36 ? 100 TRP A O   1 
ATOM   578  C  CB  . TRP A 1 100 ? -9.728  -5.060  1.539   1.00 23.59 ? 100 TRP A CB  1 
ATOM   579  C  CG  . TRP A 1 100 ? -10.426 -6.230  2.169   1.00 21.34 ? 100 TRP A CG  1 
ATOM   580  C  CD1 . TRP A 1 100 ? -11.684 -6.681  1.883   1.00 26.36 ? 100 TRP A CD1 1 
ATOM   581  C  CD2 . TRP A 1 100 ? -9.908  -7.094  3.180   1.00 24.38 ? 100 TRP A CD2 1 
ATOM   582  N  NE1 . TRP A 1 100 ? -11.983 -7.769  2.667   1.00 27.90 ? 100 TRP A NE1 1 
ATOM   583  C  CE2 . TRP A 1 100 ? -10.906 -8.049  3.465   1.00 26.94 ? 100 TRP A CE2 1 
ATOM   584  C  CE3 . TRP A 1 100 ? -8.699  -7.157  3.878   1.00 22.92 ? 100 TRP A CE3 1 
ATOM   585  C  CZ2 . TRP A 1 100 ? -10.726 -9.048  4.408   1.00 27.67 ? 100 TRP A CZ2 1 
ATOM   586  C  CZ3 . TRP A 1 100 ? -8.522  -8.150  4.809   1.00 28.85 ? 100 TRP A CZ3 1 
ATOM   587  C  CH2 . TRP A 1 100 ? -9.536  -9.087  5.070   1.00 28.75 ? 100 TRP A CH2 1 
ATOM   588  N  N   . ALA A 1 101 ? -7.885  -2.517  2.230   1.00 18.49 ? 101 ALA A N   1 
ATOM   589  C  CA  . ALA A 1 101 ? -6.885  -1.616  1.638   1.00 18.75 ? 101 ALA A CA  1 
ATOM   590  C  C   . ALA A 1 101 ? -5.477  -2.131  1.900   1.00 18.87 ? 101 ALA A C   1 
ATOM   591  O  O   . ALA A 1 101 ? -5.238  -2.840  2.883   1.00 18.68 ? 101 ALA A O   1 
ATOM   592  C  CB  . ALA A 1 101 ? -7.036  -0.211  2.192   1.00 20.54 ? 101 ALA A CB  1 
ATOM   593  N  N   . HIS A 1 102 ? -4.545  -1.763  1.024   1.00 18.30 ? 102 HIS A N   1 
ATOM   594  C  CA  . HIS A 1 102 ? -3.123  -2.026  1.274   1.00 18.91 ? 102 HIS A CA  1 
ATOM   595  C  C   . HIS A 1 102 ? -2.596  -1.239  2.455   1.00 18.78 ? 102 HIS A C   1 
ATOM   596  O  O   . HIS A 1 102 ? -2.878  -0.045  2.585   1.00 18.95 ? 102 HIS A O   1 
ATOM   597  C  CB  . HIS A 1 102 ? -2.264  -1.641  0.068   1.00 17.33 ? 102 HIS A CB  1 
ATOM   598  C  CG  . HIS A 1 102 ? -2.364  -2.582  -1.085  1.00 18.03 ? 102 HIS A CG  1 
ATOM   599  N  ND1 . HIS A 1 102 ? -2.841  -2.190  -2.315  1.00 19.33 ? 102 HIS A ND1 1 
ATOM   600  C  CD2 . HIS A 1 102 ? -2.011  -3.885  -1.210  1.00 21.19 ? 102 HIS A CD2 1 
ATOM   601  C  CE1 . HIS A 1 102 ? -2.801  -3.217  -3.148  1.00 18.54 ? 102 HIS A CE1 1 
ATOM   602  N  NE2 . HIS A 1 102 ? -2.301  -4.258  -2.501  1.00 22.02 ? 102 HIS A NE2 1 
ATOM   603  N  N   . VAL A 1 103 ? -1.776  -1.889  3.278   1.00 18.43 ? 103 VAL A N   1 
ATOM   604  C  CA  . VAL A 1 103 ? -1.038  -1.170  4.299   1.00 18.60 ? 103 VAL A CA  1 
ATOM   605  C  C   . VAL A 1 103 ? -0.191  -0.090  3.617   1.00 18.44 ? 103 VAL A C   1 
ATOM   606  O  O   . VAL A 1 103 ? -0.152  1.048   4.087   1.00 17.69 ? 103 VAL A O   1 
ATOM   607  C  CB  . VAL A 1 103 ? -0.126  -2.103  5.124   1.00 17.08 ? 103 VAL A CB  1 
ATOM   608  C  CG1 . VAL A 1 103 ? 0.758   -1.291  6.065   1.00 19.21 ? 103 VAL A CG1 1 
ATOM   609  C  CG2 . VAL A 1 103 ? -0.982  -3.073  5.940   1.00 18.74 ? 103 VAL A CG2 1 
ATOM   610  N  N   . VAL A 1 104 ? 0.475   -0.434  2.517   1.00 18.34 ? 104 VAL A N   1 
ATOM   611  C  CA  . VAL A 1 104 ? 1.360   0.555   1.886   1.00 17.23 ? 104 VAL A CA  1 
ATOM   612  C  C   . VAL A 1 104 ? 0.547   1.745   1.347   1.00 18.41 ? 104 VAL A C   1 
ATOM   613  O  O   . VAL A 1 104 ? 0.964   2.892   1.515   1.00 17.58 ? 104 VAL A O   1 
ATOM   614  C  CB  . VAL A 1 104 ? 2.265   -0.081  0.772   1.00 16.52 ? 104 VAL A CB  1 
ATOM   615  C  CG1 . VAL A 1 104 ? 1.501   -0.443  -0.504  1.00 16.18 ? 104 VAL A CG1 1 
ATOM   616  C  CG2 . VAL A 1 104 ? 3.437   0.860   0.427   1.00 19.25 ? 104 VAL A CG2 1 
ATOM   617  N  N   . CYS A 1 105 ? -0.635  1.510   0.763   1.00 17.24 ? 105 CYS A N   1 
ATOM   618  C  CA  . CYS A 1 105 ? -1.468  2.640   0.362   1.00 17.14 ? 105 CYS A CA  1 
ATOM   619  C  C   . CYS A 1 105 ? -1.857  3.510   1.569   1.00 18.01 ? 105 CYS A C   1 
ATOM   620  O  O   . CYS A 1 105 ? -1.841  4.746   1.490   1.00 18.58 ? 105 CYS A O   1 
ATOM   621  C  CB  . CYS A 1 105 ? -2.728  2.152   -0.380  1.00 17.41 ? 105 CYS A CB  1 
ATOM   622  S  SG  . CYS A 1 105 ? -2.364  1.538   -2.062  1.00 17.33 ? 105 CYS A SG  1 
ATOM   623  N  N   . ALA A 1 106 ? -2.174  2.867   2.688   1.00 18.61 ? 106 ALA A N   1 
ATOM   624  C  CA  . ALA A 1 106 ? -2.513  3.598   3.905   1.00 18.35 ? 106 ALA A CA  1 
ATOM   625  C  C   . ALA A 1 106 ? -1.347  4.452   4.414   1.00 16.36 ? 106 ALA A C   1 
ATOM   626  O  O   . ALA A 1 106 ? -1.556  5.553   4.922   1.00 19.22 ? 106 ALA A O   1 
ATOM   627  C  CB  . ALA A 1 106 ? -2.952  2.634   4.991   1.00 19.19 ? 106 ALA A CB  1 
ATOM   628  N  N   . LEU A 1 107 ? -0.123  3.935   4.300   1.00 15.95 ? 107 LEU A N   1 
ATOM   629  C  CA  . LEU A 1 107 ? 1.041   4.644   4.835   1.00 16.05 ? 107 LEU A CA  1 
ATOM   630  C  C   . LEU A 1 107 ? 1.400   5.882   4.030   1.00 18.43 ? 107 LEU A C   1 
ATOM   631  O  O   . LEU A 1 107 ? 1.939   6.855   4.571   1.00 19.54 ? 107 LEU A O   1 
ATOM   632  C  CB  . LEU A 1 107 ? 2.253   3.710   4.897   1.00 16.04 ? 107 LEU A CB  1 
ATOM   633  C  CG  . LEU A 1 107 ? 2.155   2.605   5.950   1.00 18.95 ? 107 LEU A CG  1 
ATOM   634  C  CD1 . LEU A 1 107 ? 3.363   1.686   5.826   1.00 21.73 ? 107 LEU A CD1 1 
ATOM   635  C  CD2 . LEU A 1 107 ? 2.067   3.216   7.362   1.00 18.89 ? 107 LEU A CD2 1 
ATOM   636  N  N   . TYR A 1 108 ? 1.076   5.866   2.739   1.00 16.39 ? 108 TYR A N   1 
ATOM   637  C  CA  . TYR A 1 108 ? 1.505   6.967   1.868   1.00 15.79 ? 108 TYR A CA  1 
ATOM   638  C  C   . TYR A 1 108 ? 0.402   7.953   1.451   1.00 18.64 ? 108 TYR A C   1 
ATOM   639  O  O   . TYR A 1 108 ? 0.714   9.014   0.903   1.00 21.43 ? 108 TYR A O   1 
ATOM   640  C  CB  . TYR A 1 108 ? 2.186   6.396   0.613   1.00 18.16 ? 108 TYR A CB  1 
ATOM   641  C  CG  . TYR A 1 108 ? 3.612   5.918   0.834   1.00 16.05 ? 108 TYR A CG  1 
ATOM   642  C  CD1 . TYR A 1 108 ? 3.880   4.625   1.289   1.00 20.85 ? 108 TYR A CD1 1 
ATOM   643  C  CD2 . TYR A 1 108 ? 4.685   6.757   0.573   1.00 21.07 ? 108 TYR A CD2 1 
ATOM   644  C  CE1 . TYR A 1 108 ? 5.197   4.191   1.491   1.00 18.32 ? 108 TYR A CE1 1 
ATOM   645  C  CE2 . TYR A 1 108 ? 5.990   6.330   0.761   1.00 19.88 ? 108 TYR A CE2 1 
ATOM   646  C  CZ  . TYR A 1 108 ? 6.237   5.059   1.212   1.00 20.11 ? 108 TYR A CZ  1 
ATOM   647  O  OH  . TYR A 1 108 ? 7.543   4.659   1.392   1.00 26.18 ? 108 TYR A OH  1 
ATOM   648  N  N   . ILE A 1 109 ? -0.875  7.629   1.675   1.00 19.03 ? 109 ILE A N   1 
ATOM   649  C  CA  . ILE A 1 109 ? -1.927  8.635   1.477   1.00 19.43 ? 109 ILE A CA  1 
ATOM   650  C  C   . ILE A 1 109 ? -2.074  9.359   2.811   1.00 19.54 ? 109 ILE A C   1 
ATOM   651  O  O   . ILE A 1 109 ? -2.455  8.738   3.799   1.00 19.66 ? 109 ILE A O   1 
ATOM   652  C  CB  . ILE A 1 109 ? -3.283  8.006   1.055   1.00 17.98 ? 109 ILE A CB  1 
ATOM   653  C  CG1 . ILE A 1 109 ? -3.132  7.217   -0.249  1.00 22.91 ? 109 ILE A CG1 1 
ATOM   654  C  CG2 . ILE A 1 109 ? -4.367  9.087   0.916   1.00 21.32 ? 109 ILE A CG2 1 
ATOM   655  C  CD1 . ILE A 1 109 ? -2.835  8.060   -1.433  1.00 26.05 ? 109 ILE A CD1 1 
ATOM   656  N  N   . PRO A 1 110 ? -1.751  10.664  2.854   1.00 21.83 ? 110 PRO A N   1 
ATOM   657  C  CA  . PRO A 1 110 ? -1.584  11.315  4.163   1.00 21.36 ? 110 PRO A CA  1 
ATOM   658  C  C   . PRO A 1 110 ? -2.789  11.229  5.084   1.00 21.02 ? 110 PRO A C   1 
ATOM   659  O  O   . PRO A 1 110 ? -2.592  11.018  6.286   1.00 21.92 ? 110 PRO A O   1 
ATOM   660  C  CB  . PRO A 1 110 ? -1.294  12.769  3.787   1.00 21.53 ? 110 PRO A CB  1 
ATOM   661  C  CG  . PRO A 1 110 ? -0.565  12.642  2.466   1.00 25.77 ? 110 PRO A CG  1 
ATOM   662  C  CD  . PRO A 1 110 ? -1.309  11.532  1.745   1.00 23.50 ? 110 PRO A CD  1 
ATOM   663  N  N   . GLU A 1 111 ? -4.003  11.357  4.547   1.00 18.96 ? 111 GLU A N   1 
ATOM   664  C  CA  . GLU A 1 111 ? -5.180  11.424  5.399   1.00 19.60 ? 111 GLU A CA  1 
ATOM   665  C  C   . GLU A 1 111 ? -5.688  10.065  5.867   1.00 21.94 ? 111 GLU A C   1 
ATOM   666  O  O   . GLU A 1 111 ? -6.558  10.001  6.734   1.00 20.17 ? 111 GLU A O   1 
ATOM   667  C  CB  . GLU A 1 111 ? -6.313  12.157  4.684   1.00 20.12 ? 111 GLU A CB  1 
ATOM   668  C  CG  . GLU A 1 111 ? -6.004  13.620  4.380   1.00 23.79 ? 111 GLU A CG  1 
ATOM   669  C  CD  . GLU A 1 111 ? -5.267  13.811  3.074   1.00 24.76 ? 111 GLU A CD  1 
ATOM   670  O  OE1 . GLU A 1 111 ? -4.901  12.813  2.423   1.00 23.81 ? 111 GLU A OE1 1 
ATOM   671  O  OE2 . GLU A 1 111 ? -5.043  14.982  2.691   1.00 29.81 ? 111 GLU A OE2 1 
ATOM   672  N  N   . VAL A 1 112 ? -5.170  8.980   5.300   1.00 17.52 ? 112 VAL A N   1 
ATOM   673  C  CA  . VAL A 1 112 ? -5.556  7.667   5.786   1.00 16.91 ? 112 VAL A CA  1 
ATOM   674  C  C   . VAL A 1 112 ? -4.962  7.451   7.179   1.00 20.03 ? 112 VAL A C   1 
ATOM   675  O  O   . VAL A 1 112 ? -3.831  7.856   7.448   1.00 19.85 ? 112 VAL A O   1 
ATOM   676  C  CB  . VAL A 1 112 ? -5.098  6.537   4.827   1.00 16.74 ? 112 VAL A CB  1 
ATOM   677  C  CG1 . VAL A 1 112 ? -5.418  5.158   5.422   1.00 18.43 ? 112 VAL A CG1 1 
ATOM   678  C  CG2 . VAL A 1 112 ? -5.752  6.695   3.472   1.00 19.73 ? 112 VAL A CG2 1 
ATOM   679  N  N   . GLN A 1 113 ? -5.739  6.855   8.077   1.00 18.16 ? 113 GLN A N   1 
ATOM   680  C  CA  . GLN A 1 113 ? -5.282  6.574   9.429   1.00 17.06 ? 113 GLN A CA  1 
ATOM   681  C  C   . GLN A 1 113 ? -5.516  5.102   9.784   1.00 20.50 ? 113 GLN A C   1 
ATOM   682  O  O   . GLN A 1 113 ? -6.064  4.335   8.977   1.00 19.21 ? 113 GLN A O   1 
ATOM   683  C  CB  . GLN A 1 113 ? -5.994  7.484   10.435  1.00 19.22 ? 113 GLN A CB  1 
ATOM   684  C  CG  . GLN A 1 113 ? -5.698  8.969   10.217  1.00 21.36 ? 113 GLN A CG  1 
ATOM   685  C  CD  . GLN A 1 113 ? -6.297  9.855   11.284  1.00 25.96 ? 113 GLN A CD  1 
ATOM   686  O  OE1 . GLN A 1 113 ? -7.478  9.742   11.596  1.00 24.50 ? 113 GLN A OE1 1 
ATOM   687  N  NE2 . GLN A 1 113 ? -5.481  10.737  11.857  1.00 27.09 ? 113 GLN A NE2 1 
ATOM   688  N  N   . PHE A 1 114 ? -5.069  4.718   10.976  1.00 19.68 ? 114 PHE A N   1 
ATOM   689  C  CA  . PHE A 1 114 ? -5.351  3.402   11.541  1.00 20.57 ? 114 PHE A CA  1 
ATOM   690  C  C   . PHE A 1 114 ? -6.087  3.600   12.863  1.00 20.52 ? 114 PHE A C   1 
ATOM   691  O  O   . PHE A 1 114 ? -5.793  4.547   13.590  1.00 21.70 ? 114 PHE A O   1 
ATOM   692  C  CB  . PHE A 1 114 ? -4.065  2.604   11.813  1.00 22.03 ? 114 PHE A CB  1 
ATOM   693  C  CG  . PHE A 1 114 ? -3.204  2.373   10.613  1.00 21.23 ? 114 PHE A CG  1 
ATOM   694  C  CD1 . PHE A 1 114 ? -3.381  1.240   9.826   1.00 19.27 ? 114 PHE A CD1 1 
ATOM   695  C  CD2 . PHE A 1 114 ? -2.185  3.258   10.296  1.00 21.58 ? 114 PHE A CD2 1 
ATOM   696  C  CE1 . PHE A 1 114 ? -2.567  1.005   8.714   1.00 20.95 ? 114 PHE A CE1 1 
ATOM   697  C  CE2 . PHE A 1 114 ? -1.373  3.035   9.188   1.00 22.85 ? 114 PHE A CE2 1 
ATOM   698  C  CZ  . PHE A 1 114 ? -1.558  1.915   8.400   1.00 23.67 ? 114 PHE A CZ  1 
ATOM   699  N  N   . ALA A 1 115 ? -6.983  2.683   13.218  1.00 19.99 ? 115 ALA A N   1 
ATOM   700  C  CA  . ALA A 1 115 ? -7.665  2.808   14.504  1.00 23.59 ? 115 ALA A CA  1 
ATOM   701  C  C   . ALA A 1 115 ? -6.694  2.518   15.639  1.00 25.17 ? 115 ALA A C   1 
ATOM   702  O  O   . ALA A 1 115 ? -6.822  3.057   16.735  1.00 26.88 ? 115 ALA A O   1 
ATOM   703  C  CB  . ALA A 1 115 ? -8.865  1.873   14.567  1.00 25.42 ? 115 ALA A CB  1 
ATOM   704  N  N   . ASN A 1 116 ? -5.716  1.667   15.343  1.00 24.28 ? 116 ASN A N   1 
ATOM   705  C  CA  . ASN A 1 116 ? -4.659  1.265   16.262  1.00 24.21 ? 116 ASN A CA  1 
ATOM   706  C  C   . ASN A 1 116 ? -3.367  1.226   15.455  1.00 23.73 ? 116 ASN A C   1 
ATOM   707  O  O   . ASN A 1 116 ? -3.272  0.450   14.503  1.00 22.32 ? 116 ASN A O   1 
ATOM   708  C  CB  . ASN A 1 116 ? -4.994  -0.104  16.871  1.00 24.83 ? 116 ASN A CB  1 
ATOM   709  C  CG  . ASN A 1 116 ? -3.961  -0.593  17.872  1.00 29.42 ? 116 ASN A CG  1 
ATOM   710  O  OD1 . ASN A 1 116 ? -2.752  -0.427  17.694  1.00 28.83 ? 116 ASN A OD1 1 
ATOM   711  N  ND2 . ASN A 1 116 ? -4.446  -1.227  18.937  1.00 31.98 ? 116 ASN A ND2 1 
ATOM   712  N  N   . VAL A 1 117 ? -2.387  2.065   15.791  1.00 25.80 ? 117 VAL A N   1 
ATOM   713  C  CA  . VAL A 1 117 ? -1.174  2.107   14.965  1.00 27.39 ? 117 VAL A CA  1 
ATOM   714  C  C   . VAL A 1 117 ? -0.201  0.992   15.303  1.00 26.48 ? 117 VAL A C   1 
ATOM   715  O  O   . VAL A 1 117 ? 0.738   0.756   14.561  1.00 30.30 ? 117 VAL A O   1 
ATOM   716  C  CB  . VAL A 1 117 ? -0.395  3.437   15.074  1.00 34.33 ? 117 VAL A CB  1 
ATOM   717  C  CG1 . VAL A 1 117 ? -1.081  4.540   14.285  1.00 30.17 ? 117 VAL A CG1 1 
ATOM   718  C  CG2 . VAL A 1 117 ? -0.158  3.812   16.527  1.00 30.32 ? 117 VAL A CG2 1 
ATOM   719  N  N   . SER A 1 118 ? -0.422  0.304   16.417  1.00 25.90 ? 118 SER A N   1 
ATOM   720  C  CA  . SER A 1 118 ? 0.404   -0.852  16.741  1.00 24.91 ? 118 SER A CA  1 
ATOM   721  C  C   . SER A 1 118 ? -0.020  -2.066  15.935  1.00 27.38 ? 118 SER A C   1 
ATOM   722  O  O   . SER A 1 118 ? 0.818   -2.724  15.320  1.00 27.98 ? 118 SER A O   1 
ATOM   723  C  CB  . SER A 1 118 ? 0.342   -1.165  18.236  1.00 31.56 ? 118 SER A CB  1 
ATOM   724  O  OG  . SER A 1 118 ? 0.977   -0.130  18.967  1.00 38.25 ? 118 SER A OG  1 
ATOM   725  N  N   . THR A 1 119 ? -1.314  -2.375  15.943  1.00 24.95 ? 119 THR A N   1 
ATOM   726  C  CA  . THR A 1 119 ? -1.819  -3.502  15.170  1.00 25.86 ? 119 THR A CA  1 
ATOM   727  C  C   . THR A 1 119 ? -2.071  -3.134  13.700  1.00 24.22 ? 119 THR A C   1 
ATOM   728  O  O   . THR A 1 119 ? -2.293  -4.021  12.866  1.00 23.35 ? 119 THR A O   1 
ATOM   729  C  CB  . THR A 1 119 ? -3.124  -4.060  15.770  1.00 23.92 ? 119 THR A CB  1 
ATOM   730  O  OG1 . THR A 1 119 ? -4.121  -3.032  15.796  1.00 26.95 ? 119 THR A OG1 1 
ATOM   731  C  CG2 . THR A 1 119 ? -2.881  -4.568  17.205  1.00 26.31 ? 119 THR A CG2 1 
ATOM   732  N  N   . MET A 1 120 ? -2.061  -1.835  13.404  1.00 24.16 ? 120 MET A N   1 
ATOM   733  C  CA  . MET A 1 120 ? -2.238  -1.310  12.041  1.00 22.61 ? 120 MET A CA  1 
ATOM   734  C  C   . MET A 1 120 ? -3.532  -1.801  11.385  1.00 22.60 ? 120 MET A C   1 
ATOM   735  O  O   . MET A 1 120 ? -3.539  -2.263  10.251  1.00 21.09 ? 120 MET A O   1 
ATOM   736  C  CB  . MET A 1 120 ? -1.015  -1.663  11.175  1.00 22.01 ? 120 MET A CB  1 
ATOM   737  C  CG  . MET A 1 120 ? 0.289   -1.105  11.765  1.00 22.20 ? 120 MET A CG  1 
ATOM   738  S  SD  . MET A 1 120 ? 1.762   -1.540  10.855  1.00 25.28 ? 120 MET A SD  1 
ATOM   739  C  CE  . MET A 1 120 ? 1.672   -0.272  9.583   1.00 24.53 ? 120 MET A CE  1 
ATOM   740  N  N   . GLU A 1 121 ? -4.637  -1.680  12.114  1.00 21.70 ? 121 GLU A N   1 
ATOM   741  C  CA  . GLU A 1 121 ? -5.944  -2.111  11.630  1.00 21.28 ? 121 GLU A CA  1 
ATOM   742  C  C   . GLU A 1 121 ? -7.014  -1.657  12.612  1.00 22.22 ? 121 GLU A C   1 
ATOM   743  O  O   . GLU A 1 121 ? -6.727  -1.441  13.782  1.00 24.63 ? 121 GLU A O   1 
ATOM   744  C  CB  . GLU A 1 121 ? -6.005  -3.636  11.474  1.00 23.18 ? 121 GLU A CB  1 
ATOM   745  C  CG  . GLU A 1 121 ? -5.754  -4.364  12.774  1.00 24.49 ? 121 GLU A CG  1 
ATOM   746  C  CD  . GLU A 1 121 ? -5.668  -5.862  12.604  1.00 31.69 ? 121 GLU A CD  1 
ATOM   747  O  OE1 . GLU A 1 121 ? -4.979  -6.331  11.672  1.00 29.54 ? 121 GLU A OE1 1 
ATOM   748  O  OE2 . GLU A 1 121 ? -6.304  -6.577  13.410  1.00 36.94 ? 121 GLU A OE2 1 
ATOM   749  N  N   . PRO A 1 122 ? -8.248  -1.462  12.132  1.00 21.68 ? 122 PRO A N   1 
ATOM   750  C  CA  . PRO A 1 122 ? -8.592  -1.355  10.717  1.00 20.87 ? 122 PRO A CA  1 
ATOM   751  C  C   . PRO A 1 122 ? -7.997  -0.093  10.123  1.00 20.92 ? 122 PRO A C   1 
ATOM   752  O  O   . PRO A 1 122 ? -7.582  0.826   10.852  1.00 22.15 ? 122 PRO A O   1 
ATOM   753  C  CB  . PRO A 1 122 ? -10.127 -1.272  10.729  1.00 24.45 ? 122 PRO A CB  1 
ATOM   754  C  CG  . PRO A 1 122 ? -10.450 -0.737  12.060  1.00 27.63 ? 122 PRO A CG  1 
ATOM   755  C  CD  . PRO A 1 122 ? -9.439  -1.347  12.989  1.00 25.72 ? 122 PRO A CD  1 
ATOM   756  N  N   . ILE A 1 123 ? -7.952  -0.064  8.806   1.00 19.37 ? 123 ILE A N   1 
ATOM   757  C  CA  . ILE A 1 123 ? -7.534  1.116   8.067   1.00 19.80 ? 123 ILE A CA  1 
ATOM   758  C  C   . ILE A 1 123 ? -8.717  2.061   8.008   1.00 21.61 ? 123 ILE A C   1 
ATOM   759  O  O   . ILE A 1 123 ? -9.822  1.656   7.668   1.00 24.74 ? 123 ILE A O   1 
ATOM   760  C  CB  . ILE A 1 123 ? -7.027  0.725   6.658   1.00 20.38 ? 123 ILE A CB  1 
ATOM   761  C  CG1 . ILE A 1 123 ? -5.678  -0.005  6.788   1.00 20.14 ? 123 ILE A CG1 1 
ATOM   762  C  CG2 . ILE A 1 123 ? -6.916  1.952   5.754   1.00 18.18 ? 123 ILE A CG2 1 
ATOM   763  C  CD1 . ILE A 1 123 ? -5.157  -0.630  5.499   1.00 20.35 ? 123 ILE A CD1 1 
ATOM   764  N  N   . VAL A 1 124 ? -8.488  3.315   8.375   1.00 20.96 ? 124 VAL A N   1 
ATOM   765  C  CA  . VAL A 1 124 ? -9.558  4.296   8.522   1.00 19.67 ? 124 VAL A CA  1 
ATOM   766  C  C   . VAL A 1 124 ? -9.573  5.255   7.336   1.00 22.69 ? 124 VAL A C   1 
ATOM   767  O  O   . VAL A 1 124 ? -8.624  6.023   7.130   1.00 20.76 ? 124 VAL A O   1 
ATOM   768  C  CB  . VAL A 1 124 ? -9.394  5.096   9.836   1.00 19.69 ? 124 VAL A CB  1 
ATOM   769  C  CG1 . VAL A 1 124 ? -10.424 6.218   9.919   1.00 24.12 ? 124 VAL A CG1 1 
ATOM   770  C  CG2 . VAL A 1 124 ? -9.474  4.169   11.032  1.00 22.70 ? 124 VAL A CG2 1 
ATOM   771  N  N   . LEU A 1 125 ? -10.651 5.207   6.557   1.00 19.83 ? 125 LEU A N   1 
ATOM   772  C  CA  . LEU A 1 125 ? -10.762 6.029   5.350   1.00 19.26 ? 125 LEU A CA  1 
ATOM   773  C  C   . LEU A 1 125 ? -11.717 7.208   5.472   1.00 22.41 ? 125 LEU A C   1 
ATOM   774  O  O   . LEU A 1 125 ? -11.844 7.997   4.539   1.00 23.12 ? 125 LEU A O   1 
ATOM   775  C  CB  . LEU A 1 125 ? -11.202 5.174   4.167   1.00 19.38 ? 125 LEU A CB  1 
ATOM   776  C  CG  . LEU A 1 125 ? -10.334 3.964   3.818   1.00 19.90 ? 125 LEU A CG  1 
ATOM   777  C  CD1 . LEU A 1 125 ? -10.926 3.216   2.635   1.00 20.68 ? 125 LEU A CD1 1 
ATOM   778  C  CD2 . LEU A 1 125 ? -8.888  4.384   3.511   1.00 22.05 ? 125 LEU A CD2 1 
ATOM   779  N  N   . GLN A 1 126 ? -12.403 7.344   6.600   1.00 24.09 ? 126 GLN A N   1 
ATOM   780  C  CA  . GLN A 1 126 ? -13.478 8.331   6.642   1.00 28.16 ? 126 GLN A CA  1 
ATOM   781  C  C   . GLN A 1 126 ? -12.983 9.775   6.534   1.00 27.67 ? 126 GLN A C   1 
ATOM   782  O  O   . GLN A 1 126 ? -13.754 10.652  6.166   1.00 31.79 ? 126 GLN A O   1 
ATOM   783  C  CB  . GLN A 1 126 ? -14.315 8.166   7.914   1.00 28.63 ? 126 GLN A CB  1 
ATOM   784  C  CG  . GLN A 1 126 ? -13.576 8.446   9.183   1.00 27.60 ? 126 GLN A CG  1 
ATOM   785  C  CD  . GLN A 1 126 ? -14.439 8.212   10.412  1.00 32.01 ? 126 GLN A CD  1 
ATOM   786  O  OE1 . GLN A 1 126 ? -15.520 7.634   10.328  1.00 34.24 ? 126 GLN A OE1 1 
ATOM   787  N  NE2 . GLN A 1 126 ? -13.963 8.670   11.554  1.00 29.41 ? 126 GLN A NE2 1 
ATOM   788  N  N   . SER A 1 127 ? -11.714 10.025  6.845   1.00 28.33 ? 127 SER A N   1 
ATOM   789  C  CA  . SER A 1 127 ? -11.174 11.389  6.737   1.00 27.68 ? 127 SER A CA  1 
ATOM   790  C  C   . SER A 1 127 ? -10.455 11.678  5.426   1.00 26.66 ? 127 SER A C   1 
ATOM   791  O  O   . SER A 1 127 ? -9.917  12.768  5.254   1.00 28.06 ? 127 SER A O   1 
ATOM   792  C  CB  . SER A 1 127 ? -10.215 11.692  7.890   1.00 28.72 ? 127 SER A CB  1 
ATOM   793  O  OG  . SER A 1 127 ? -10.914 11.821  9.114   1.00 35.56 ? 127 SER A OG  1 
ATOM   794  N  N   . VAL A 1 128 ? -10.427 10.724  4.501   1.00 23.36 ? 128 VAL A N   1 
ATOM   795  C  CA  . VAL A 1 128 ? -9.800  11.000  3.217   1.00 24.48 ? 128 VAL A CA  1 
ATOM   796  C  C   . VAL A 1 128 ? -10.694 11.941  2.400   1.00 21.26 ? 128 VAL A C   1 
ATOM   797  O  O   . VAL A 1 128 ? -11.874 11.642  2.182   1.00 22.26 ? 128 VAL A O   1 
ATOM   798  C  CB  . VAL A 1 128 ? -9.527  9.714   2.430   1.00 21.43 ? 128 VAL A CB  1 
ATOM   799  C  CG1 . VAL A 1 128 ? -8.741  10.033  1.172   1.00 21.36 ? 128 VAL A CG1 1 
ATOM   800  C  CG2 . VAL A 1 128 ? -8.746  8.715   3.307   1.00 20.63 ? 128 VAL A CG2 1 
ATOM   801  N  N   . PRO A 1 129 ? -10.142 13.088  1.966   1.00 22.52 ? 129 PRO A N   1 
ATOM   802  C  CA  . PRO A 1 129 ? -10.949 14.095  1.271   1.00 22.45 ? 129 PRO A CA  1 
ATOM   803  C  C   . PRO A 1 129 ? -11.153 13.797  -0.208  1.00 23.35 ? 129 PRO A C   1 
ATOM   804  O  O   . PRO A 1 129 ? -10.442 12.974  -0.772  1.00 22.32 ? 129 PRO A O   1 
ATOM   805  C  CB  . PRO A 1 129 ? -10.129 15.375  1.442   1.00 23.23 ? 129 PRO A CB  1 
ATOM   806  C  CG  . PRO A 1 129 ? -8.697  14.885  1.444   1.00 22.02 ? 129 PRO A CG  1 
ATOM   807  C  CD  . PRO A 1 129 ? -8.754  13.549  2.177   1.00 22.49 ? 129 PRO A CD  1 
ATOM   808  N  N   . HIS A 1 130 ? -12.106 14.496  -0.818  1.00 22.34 ? 130 HIS A N   1 
ATOM   809  C  CA  . HIS A 1 130 ? -12.360 14.435  -2.263  1.00 23.60 ? 130 HIS A CA  1 
ATOM   810  C  C   . HIS A 1 130 ? -11.087 14.557  -3.091  1.00 22.69 ? 130 HIS A C   1 
ATOM   811  O  O   . HIS A 1 130 ? -10.964 13.950  -4.152  1.00 25.37 ? 130 HIS A O   1 
ATOM   812  C  CB  . HIS A 1 130 ? -13.298 15.571  -2.702  1.00 29.00 ? 130 HIS A CB  1 
ATOM   813  C  CG  . HIS A 1 130 ? -14.733 15.374  -2.331  1.00 33.39 ? 130 HIS A CG  1 
ATOM   814  N  ND1 . HIS A 1 130 ? -15.538 14.429  -2.933  1.00 36.85 ? 130 HIS A ND1 1 
ATOM   815  C  CD2 . HIS A 1 130 ? -15.524 16.033  -1.447  1.00 32.69 ? 130 HIS A CD2 1 
ATOM   816  C  CE1 . HIS A 1 130 ? -16.753 14.497  -2.420  1.00 39.83 ? 130 HIS A CE1 1 
ATOM   817  N  NE2 . HIS A 1 130 ? -16.772 15.463  -1.518  1.00 35.98 ? 130 HIS A NE2 1 
ATOM   818  N  N   . ASP A 1 131 ? -10.172 15.382  -2.606  1.00 23.11 ? 131 ASP A N   1 
ATOM   819  C  CA  . ASP A 1 131 ? -8.956  15.734  -3.341  1.00 22.05 ? 131 ASP A CA  1 
ATOM   820  C  C   . ASP A 1 131 ? -8.103  14.517  -3.669  1.00 25.70 ? 131 ASP A C   1 
ATOM   821  O  O   . ASP A 1 131 ? -7.314  14.546  -4.615  1.00 27.94 ? 131 ASP A O   1 
ATOM   822  C  CB  . ASP A 1 131 ? -8.116  16.726  -2.547  1.00 23.64 ? 131 ASP A CB  1 
ATOM   823  C  CG  . ASP A 1 131 ? -8.923  17.909  -2.057  1.00 31.47 ? 131 ASP A CG  1 
ATOM   824  O  OD1 . ASP A 1 131 ? -9.753  17.709  -1.146  1.00 27.66 ? 131 ASP A OD1 1 
ATOM   825  O  OD2 . ASP A 1 131 ? -8.727  19.033  -2.583  1.00 31.71 ? 131 ASP A OD2 1 
ATOM   826  N  N   . ARG A 1 132 ? -8.252  13.451  -2.890  1.00 21.97 ? 132 ARG A N   1 
ATOM   827  C  CA  . ARG A 1 132 ? -7.451  12.251  -3.135  1.00 21.00 ? 132 ARG A CA  1 
ATOM   828  C  C   . ARG A 1 132 ? -8.123  11.330  -4.132  1.00 25.36 ? 132 ARG A C   1 
ATOM   829  O  O   . ARG A 1 132 ? -7.498  10.414  -4.652  1.00 22.61 ? 132 ARG A O   1 
ATOM   830  C  CB  . ARG A 1 132 ? -7.194  11.486  -1.837  1.00 18.57 ? 132 ARG A CB  1 
ATOM   831  C  CG  . ARG A 1 132 ? -6.425  12.274  -0.817  1.00 22.02 ? 132 ARG A CG  1 
ATOM   832  C  CD  . ARG A 1 132 ? -5.022  12.577  -1.335  1.00 25.00 ? 132 ARG A CD  1 
ATOM   833  N  NE  . ARG A 1 132 ? -4.283  13.400  -0.382  1.00 28.98 ? 132 ARG A NE  1 
ATOM   834  C  CZ  . ARG A 1 132 ? -3.059  13.871  -0.607  1.00 34.28 ? 132 ARG A CZ  1 
ATOM   835  N  NH1 . ARG A 1 132 ? -2.431  13.577  -1.742  1.00 33.58 ? 132 ARG A NH1 1 
ATOM   836  N  NH2 . ARG A 1 132 ? -2.457  14.617  0.310   1.00 33.20 ? 132 ARG A NH2 1 
ATOM   837  N  N   . TYR A 1 133 ? -9.411  11.571  -4.386  1.00 22.58 ? 133 TYR A N   1 
ATOM   838  C  CA  . TYR A 1 133 ? -10.202 10.697  -5.233  1.00 24.85 ? 133 TYR A CA  1 
ATOM   839  C  C   . TYR A 1 133 ? -10.514 11.275  -6.608  1.00 26.50 ? 133 TYR A C   1 
ATOM   840  O  O   . TYR A 1 133 ? -11.108 10.592  -7.445  1.00 30.02 ? 133 TYR A O   1 
ATOM   841  C  CB  . TYR A 1 133 ? -11.524 10.362  -4.539  1.00 24.85 ? 133 TYR A CB  1 
ATOM   842  C  CG  . TYR A 1 133 ? -11.406 9.480   -3.328  1.00 24.47 ? 133 TYR A CG  1 
ATOM   843  C  CD1 . TYR A 1 133 ? -11.127 8.126   -3.461  1.00 28.27 ? 133 TYR A CD1 1 
ATOM   844  C  CD2 . TYR A 1 133 ? -11.599 9.988   -2.054  1.00 24.82 ? 133 TYR A CD2 1 
ATOM   845  C  CE1 . TYR A 1 133 ? -11.031 7.306   -2.352  1.00 26.61 ? 133 TYR A CE1 1 
ATOM   846  C  CE2 . TYR A 1 133 ? -11.522 9.178   -0.948  1.00 25.84 ? 133 TYR A CE2 1 
ATOM   847  C  CZ  . TYR A 1 133 ? -11.231 7.839   -1.099  1.00 25.59 ? 133 TYR A CZ  1 
ATOM   848  O  OH  . TYR A 1 133 ? -11.149 7.029   0.010   1.00 30.03 ? 133 TYR A OH  1 
ATOM   849  N  N   . ASN A 1 134 ? -10.154 12.529  -6.848  1.00 25.34 ? 134 ASN A N   1 
ATOM   850  C  CA  . ASN A 1 134 ? -10.529 13.137  -8.119  1.00 29.94 ? 134 ASN A CA  1 
ATOM   851  C  C   . ASN A 1 134 ? -9.342  13.343  -9.046  1.00 32.27 ? 134 ASN A C   1 
ATOM   852  O  O   . ASN A 1 134 ? -9.378  14.198  -9.926  1.00 32.54 ? 134 ASN A O   1 
ATOM   853  C  CB  . ASN A 1 134 ? -11.248 14.473  -7.886  1.00 30.09 ? 134 ASN A CB  1 
ATOM   854  C  CG  . ASN A 1 134 ? -10.407 15.468  -7.115  1.00 33.11 ? 134 ASN A CG  1 
ATOM   855  O  OD1 . ASN A 1 134 ? -9.218  15.254  -6.894  1.00 30.55 ? 134 ASN A OD1 1 
ATOM   856  N  ND2 . ASN A 1 134 ? -11.021 16.576  -6.712  1.00 37.74 ? 134 ASN A ND2 1 
ATOM   857  N  N   . LYS A 1 135 ? -8.291  12.558  -8.832  1.00 27.70 ? 135 LYS A N   1 
ATOM   858  C  CA  . LYS A 1 135 ? -7.071  12.674  -9.617  1.00 24.78 ? 135 LYS A CA  1 
ATOM   859  C  C   . LYS A 1 135 ? -6.972  11.554  -10.645 1.00 27.26 ? 135 LYS A C   1 
ATOM   860  O  O   . LYS A 1 135 ? -7.759  10.607  -10.620 1.00 28.71 ? 135 LYS A O   1 
ATOM   861  C  CB  . LYS A 1 135 ? -5.836  12.643  -8.708  1.00 23.22 ? 135 LYS A CB  1 
ATOM   862  C  CG  . LYS A 1 135 ? -5.764  13.775  -7.681  1.00 27.87 ? 135 LYS A CG  1 
ATOM   863  C  CD  . LYS A 1 135 ? -5.619  15.127  -8.358  1.00 33.53 ? 135 LYS A CD  1 
ATOM   864  C  CE  . LYS A 1 135 ? -5.444  16.255  -7.345  1.00 33.74 ? 135 LYS A CE  1 
ATOM   865  N  NZ  . LYS A 1 135 ? -6.714  16.521  -6.595  1.00 30.86 ? 135 LYS A NZ  1 
ATOM   866  N  N   . THR A 1 136 ? -6.000  11.668  -11.548 1.00 25.60 ? 136 THR A N   1 
ATOM   867  C  CA  . THR A 1 136 ? -5.714  10.612  -12.511 1.00 24.86 ? 136 THR A CA  1 
ATOM   868  C  C   . THR A 1 136 ? -4.311  10.074  -12.262 1.00 22.72 ? 136 THR A C   1 
ATOM   869  O  O   . THR A 1 136 ? -3.362  10.851  -12.179 1.00 27.28 ? 136 THR A O   1 
ATOM   870  C  CB  . THR A 1 136 ? -5.793  11.123  -13.971 1.00 30.82 ? 136 THR A CB  1 
ATOM   871  O  OG1 . THR A 1 136 ? -7.106  11.626  -14.234 1.00 35.37 ? 136 THR A OG1 1 
ATOM   872  C  CG2 . THR A 1 136 ? -5.490  10.004  -14.949 1.00 32.34 ? 136 THR A CG2 1 
ATOM   873  N  N   . CYS A 1 137 ? -4.164  8.759   -12.157 1.00 20.58 ? 137 CYS A N   1 
ATOM   874  C  CA  . CYS A 1 137 ? -2.827  8.199   -11.968 1.00 18.65 ? 137 CYS A CA  1 
ATOM   875  C  C   . CYS A 1 137 ? -2.045  8.206   -13.277 1.00 20.56 ? 137 CYS A C   1 
ATOM   876  O  O   . CYS A 1 137 ? -2.410  7.490   -14.213 1.00 22.11 ? 137 CYS A O   1 
ATOM   877  C  CB  . CYS A 1 137 ? -2.904  6.769   -11.430 1.00 19.52 ? 137 CYS A CB  1 
ATOM   878  S  SG  . CYS A 1 137 ? -1.278  5.956   -11.307 1.00 18.94 ? 137 CYS A SG  1 
ATOM   879  N  N   . TYR A 1 138 ? -0.968  8.989   -13.364 1.00 20.36 ? 138 TYR A N   1 
ATOM   880  C  CA  . TYR A 1 138 ? -0.280  9.115   -14.652 1.00 21.16 ? 138 TYR A CA  1 
ATOM   881  C  C   . TYR A 1 138 ? 0.414   7.812   -15.042 1.00 22.19 ? 138 TYR A C   1 
ATOM   882  O  O   . TYR A 1 138 ? 0.610   7.541   -16.230 1.00 22.86 ? 138 TYR A O   1 
ATOM   883  C  CB  . TYR A 1 138 ? 0.734   10.280  -14.646 1.00 21.12 ? 138 TYR A CB  1 
ATOM   884  C  CG  . TYR A 1 138 ? 2.095   9.901   -14.103 1.00 22.00 ? 138 TYR A CG  1 
ATOM   885  C  CD1 . TYR A 1 138 ? 3.087   9.401   -14.935 1.00 23.82 ? 138 TYR A CD1 1 
ATOM   886  C  CD2 . TYR A 1 138 ? 2.390   10.060  -12.754 1.00 21.49 ? 138 TYR A CD2 1 
ATOM   887  C  CE1 . TYR A 1 138 ? 4.327   9.033   -14.440 1.00 25.64 ? 138 TYR A CE1 1 
ATOM   888  C  CE2 . TYR A 1 138 ? 3.638   9.703   -12.254 1.00 20.33 ? 138 TYR A CE2 1 
ATOM   889  C  CZ  . TYR A 1 138 ? 4.598   9.201   -13.099 1.00 23.65 ? 138 TYR A CZ  1 
ATOM   890  O  OH  . TYR A 1 138 ? 5.818   8.837   -12.588 1.00 23.97 ? 138 TYR A OH  1 
ATOM   891  N  N   . ILE A 1 139 ? 0.779   6.998   -14.052 1.00 19.94 ? 139 ILE A N   1 
ATOM   892  C  CA  . ILE A 1 139 ? 1.426   5.718   -14.306 1.00 20.56 ? 139 ILE A CA  1 
ATOM   893  C  C   . ILE A 1 139 ? 0.449   4.720   -14.920 1.00 22.54 ? 139 ILE A C   1 
ATOM   894  O  O   . ILE A 1 139 ? 0.782   4.049   -15.901 1.00 26.01 ? 139 ILE A O   1 
ATOM   895  C  CB  . ILE A 1 139 ? 2.048   5.145   -13.013 1.00 20.68 ? 139 ILE A CB  1 
ATOM   896  C  CG1 . ILE A 1 139 ? 3.141   6.102   -12.517 1.00 18.79 ? 139 ILE A CG1 1 
ATOM   897  C  CG2 . ILE A 1 139 ? 2.664   3.777   -13.267 1.00 21.50 ? 139 ILE A CG2 1 
ATOM   898  C  CD1 . ILE A 1 139 ? 3.657   5.753   -11.113 1.00 18.73 ? 139 ILE A CD1 1 
ATOM   899  N  N   . CYS A 1 140 ? -0.755  4.624   -14.355 1.00 20.65 ? 140 CYS A N   1 
ATOM   900  C  CA  . CYS A 1 140 ? -1.801  3.808   -14.986 1.00 22.65 ? 140 CYS A CA  1 
ATOM   901  C  C   . CYS A 1 140 ? -2.006  4.223   -16.444 1.00 22.27 ? 140 CYS A C   1 
ATOM   902  O  O   . CYS A 1 140 ? -2.141  3.368   -17.330 1.00 24.36 ? 140 CYS A O   1 
ATOM   903  C  CB  . CYS A 1 140 ? -3.120  3.923   -14.219 1.00 21.44 ? 140 CYS A CB  1 
ATOM   904  S  SG  . CYS A 1 140 ? -3.264  2.881   -12.736 1.00 21.06 ? 140 CYS A SG  1 
ATOM   905  N  N   . ASP A 1 141 ? -2.042  5.526   -16.688 1.00 22.44 ? 141 ASP A N   1 
ATOM   906  C  CA  . ASP A 1 141 ? -2.229  6.044   -18.051 1.00 26.07 ? 141 ASP A CA  1 
ATOM   907  C  C   . ASP A 1 141 ? -1.119  5.614   -18.999 1.00 34.03 ? 141 ASP A C   1 
ATOM   908  O  O   . ASP A 1 141 ? -1.361  5.416   -20.188 1.00 32.52 ? 141 ASP A O   1 
ATOM   909  C  CB  . ASP A 1 141 ? -2.316  7.562   -18.040 1.00 29.30 ? 141 ASP A CB  1 
ATOM   910  C  CG  . ASP A 1 141 ? -3.734  8.061   -17.984 1.00 32.70 ? 141 ASP A CG  1 
ATOM   911  O  OD1 . ASP A 1 141 ? -4.671  7.245   -18.116 1.00 37.42 ? 141 ASP A OD1 1 
ATOM   912  O  OD2 . ASP A 1 141 ? -3.917  9.280   -17.814 1.00 38.08 ? 141 ASP A OD2 1 
ATOM   913  N  N   . GLU A 1 142 ? 0.096   5.481   -18.477 1.00 27.95 ? 142 GLU A N   1 
ATOM   914  C  CA  . GLU A 1 142 ? 1.241   5.048   -19.283 1.00 32.02 ? 142 GLU A CA  1 
ATOM   915  C  C   . GLU A 1 142 ? 1.369   3.533   -19.444 1.00 33.40 ? 142 GLU A C   1 
ATOM   916  O  O   . GLU A 1 142 ? 2.071   3.068   -20.334 1.00 37.29 ? 142 GLU A O   1 
ATOM   917  C  CB  . GLU A 1 142 ? 2.549   5.575   -18.680 1.00 33.56 ? 142 GLU A CB  1 
ATOM   918  C  CG  . GLU A 1 142 ? 2.758   7.063   -18.807 1.00 39.31 ? 142 GLU A CG  1 
ATOM   919  C  CD  . GLU A 1 142 ? 4.068   7.524   -18.177 1.00 38.88 ? 142 GLU A CD  1 
ATOM   920  O  OE1 . GLU A 1 142 ? 4.702   6.726   -17.452 1.00 43.06 ? 142 GLU A OE1 1 
ATOM   921  O  OE2 . GLU A 1 142 ? 4.461   8.687   -18.412 1.00 49.12 ? 142 GLU A OE2 1 
ATOM   922  N  N   . GLN A 1 143 ? 0.717   2.760   -18.581 1.00 30.73 ? 143 GLN A N   1 
ATOM   923  C  CA  . GLN A 1 143 ? 0.940   1.317   -18.554 1.00 31.77 ? 143 GLN A CA  1 
ATOM   924  C  C   . GLN A 1 143 ? -0.288  0.506   -18.951 1.00 33.17 ? 143 GLN A C   1 
ATOM   925  O  O   . GLN A 1 143 ? -0.482  -0.619  -18.486 1.00 37.63 ? 143 GLN A O   1 
ATOM   926  C  CB  . GLN A 1 143 ? 1.422   0.892   -17.161 1.00 32.90 ? 143 GLN A CB  1 
ATOM   927  C  CG  . GLN A 1 143 ? 2.801   1.437   -16.822 1.00 32.69 ? 143 GLN A CG  1 
ATOM   928  C  CD  . GLN A 1 143 ? 3.300   1.006   -15.455 1.00 40.52 ? 143 GLN A CD  1 
ATOM   929  O  OE1 . GLN A 1 143 ? 2.659   0.215   -14.763 1.00 44.73 ? 143 GLN A OE1 1 
ATOM   930  N  NE2 . GLN A 1 143 ? 4.462   1.514   -15.066 1.00 44.81 ? 143 GLN A NE2 1 
ATOM   931  N  N   . GLY A 1 144 ? -1.118  1.081   -19.812 1.00 35.03 ? 144 GLY A N   1 
ATOM   932  C  CA  . GLY A 1 144 ? -2.275  0.379   -20.337 1.00 32.57 ? 144 GLY A CA  1 
ATOM   933  C  C   . GLY A 1 144 ? -3.400  0.164   -19.344 1.00 35.21 ? 144 GLY A C   1 
ATOM   934  O  O   . GLY A 1 144 ? -4.201  -0.752  -19.504 1.00 38.21 ? 144 GLY A O   1 
ATOM   935  N  N   . ARG A 1 145 ? -3.462  1.004   -18.313 1.00 28.22 ? 145 ARG A N   1 
ATOM   936  C  CA  . ARG A 1 145 ? -4.534  0.941   -17.329 1.00 25.86 ? 145 ARG A CA  1 
ATOM   937  C  C   . ARG A 1 145 ? -5.355  2.228   -17.333 1.00 26.19 ? 145 ARG A C   1 
ATOM   938  O  O   . ARG A 1 145 ? -5.698  2.752   -16.280 1.00 25.21 ? 145 ARG A O   1 
ATOM   939  C  CB  . ARG A 1 145 ? -3.975  0.692   -15.919 1.00 28.52 ? 145 ARG A CB  1 
ATOM   940  C  CG  . ARG A 1 145 ? -3.337  -0.671  -15.711 1.00 30.38 ? 145 ARG A CG  1 
ATOM   941  C  CD  . ARG A 1 145 ? -3.025  -0.922  -14.237 1.00 31.61 ? 145 ARG A CD  1 
ATOM   942  N  NE  . ARG A 1 145 ? -2.027  0.024   -13.728 1.00 26.04 ? 145 ARG A NE  1 
ATOM   943  C  CZ  . ARG A 1 145 ? -0.717  -0.126  -13.881 1.00 26.67 ? 145 ARG A CZ  1 
ATOM   944  N  NH1 . ARG A 1 145 ? -0.240  -1.179  -14.531 1.00 33.19 ? 145 ARG A NH1 1 
ATOM   945  N  NH2 . ARG A 1 145 ? 0.120   0.783   -13.393 1.00 28.49 ? 145 ARG A NH2 1 
ATOM   946  N  N   . GLU A 1 146 ? -5.675  2.741   -18.518 1.00 24.31 ? 146 GLU A N   1 
ATOM   947  C  CA  . GLU A 1 146 ? -6.401  4.007   -18.637 1.00 27.35 ? 146 GLU A CA  1 
ATOM   948  C  C   . GLU A 1 146 ? -7.746  3.979   -17.913 1.00 27.68 ? 146 GLU A C   1 
ATOM   949  O  O   . GLU A 1 146 ? -8.147  4.959   -17.286 1.00 28.82 ? 146 GLU A O   1 
ATOM   950  C  CB  . GLU A 1 146 ? -6.620  4.362   -20.114 1.00 28.09 ? 146 GLU A CB  1 
ATOM   951  C  CG  . GLU A 1 146 ? -5.347  4.616   -20.907 1.00 31.26 ? 146 GLU A CG  1 
ATOM   952  C  CD  . GLU A 1 146 ? -4.774  3.358   -21.552 1.00 38.31 ? 146 GLU A CD  1 
ATOM   953  O  OE1 . GLU A 1 146 ? -5.173  2.235   -21.164 1.00 36.39 ? 146 GLU A OE1 1 
ATOM   954  O  OE2 . GLU A 1 146 ? -3.923  3.497   -22.460 1.00 42.23 ? 146 GLU A OE2 1 
ATOM   955  N  N   . SER A 1 147 ? -8.427  2.838   -17.993 1.00 27.07 ? 147 SER A N   1 
ATOM   956  C  CA  . SER A 1 147 ? -9.713  2.648   -17.325 1.00 30.11 ? 147 SER A CA  1 
ATOM   957  C  C   . SER A 1 147 ? -9.607  2.653   -15.795 1.00 31.29 ? 147 SER A C   1 
ATOM   958  O  O   . SER A 1 147 ? -10.597 2.879   -15.100 1.00 32.94 ? 147 SER A O   1 
ATOM   959  C  CB  . SER A 1 147 ? -10.353 1.332   -17.785 1.00 35.15 ? 147 SER A CB  1 
ATOM   960  O  OG  . SER A 1 147 ? -9.739  0.198   -17.181 1.00 37.77 ? 147 SER A OG  1 
ATOM   961  N  N   . LYS A 1 148 ? -8.411  2.383   -15.278 1.00 25.83 ? 148 LYS A N   1 
ATOM   962  C  CA  . LYS A 1 148 ? -8.184  2.316   -13.836 1.00 28.72 ? 148 LYS A CA  1 
ATOM   963  C  C   . LYS A 1 148 ? -7.560  3.591   -13.280 1.00 25.56 ? 148 LYS A C   1 
ATOM   964  O  O   . LYS A 1 148 ? -7.489  3.768   -12.061 1.00 24.88 ? 148 LYS A O   1 
ATOM   965  C  CB  . LYS A 1 148 ? -7.262  1.143   -13.493 1.00 29.88 ? 148 LYS A CB  1 
ATOM   966  C  CG  . LYS A 1 148 ? -7.708  -0.201  -14.043 1.00 34.32 ? 148 LYS A CG  1 
ATOM   967  C  CD  . LYS A 1 148 ? -8.838  -0.791  -13.231 1.00 39.98 ? 148 LYS A CD  1 
ATOM   968  C  CE  . LYS A 1 148 ? -9.318  -2.095  -13.861 1.00 46.34 ? 148 LYS A CE  1 
ATOM   969  N  NZ  . LYS A 1 148 ? -8.169  -2.941  -14.299 1.00 50.71 ? 148 LYS A NZ  1 
ATOM   970  N  N   . ALA A 1 149 ? -7.100  4.464   -14.170 1.00 25.03 ? 149 ALA A N   1 
ATOM   971  C  CA  . ALA A 1 149 ? -6.303  5.623   -13.757 1.00 24.37 ? 149 ALA A CA  1 
ATOM   972  C  C   . ALA A 1 149 ? -7.078  6.583   -12.869 1.00 25.72 ? 149 ALA A C   1 
ATOM   973  O  O   . ALA A 1 149 ? -6.508  7.214   -11.981 1.00 25.15 ? 149 ALA A O   1 
ATOM   974  C  CB  . ALA A 1 149 ? -5.770  6.357   -14.979 1.00 24.99 ? 149 ALA A CB  1 
ATOM   975  N  N   . ALA A 1 150 ? -8.378  6.718   -13.113 1.00 25.89 ? 150 ALA A N   1 
ATOM   976  C  CA  . ALA A 1 150 ? -9.187  7.627   -12.307 1.00 28.79 ? 150 ALA A CA  1 
ATOM   977  C  C   . ALA A 1 150 ? -9.944  6.910   -11.190 1.00 30.64 ? 150 ALA A C   1 
ATOM   978  O  O   . ALA A 1 150 ? -10.900 7.456   -10.639 1.00 36.69 ? 150 ALA A O   1 
ATOM   979  C  CB  . ALA A 1 150 ? -10.156 8.385   -13.192 1.00 34.34 ? 150 ALA A CB  1 
ATOM   980  N  N   . THR A 1 151 ? -9.521  5.696   -10.851 1.00 25.09 ? 151 THR A N   1 
ATOM   981  C  CA  . THR A 1 151 ? -10.118 4.970   -9.733  1.00 26.97 ? 151 THR A CA  1 
ATOM   982  C  C   . THR A 1 151 ? -9.200  5.053   -8.510  1.00 27.08 ? 151 THR A C   1 
ATOM   983  O  O   . THR A 1 151 ? -8.056  5.489   -8.626  1.00 25.27 ? 151 THR A O   1 
ATOM   984  C  CB  . THR A 1 151 ? -10.390 3.491   -10.086 1.00 30.88 ? 151 THR A CB  1 
ATOM   985  O  OG1 . THR A 1 151 ? -9.156  2.770   -10.199 1.00 27.46 ? 151 THR A OG1 1 
ATOM   986  C  CG2 . THR A 1 151 ? -11.150 3.388   -11.400 1.00 32.03 ? 151 THR A CG2 1 
ATOM   987  N  N   . GLY A 1 152 ? -9.710  4.663   -7.344  1.00 25.24 ? 152 GLY A N   1 
ATOM   988  C  CA  . GLY A 1 152 ? -8.902  4.617   -6.134  1.00 25.67 ? 152 GLY A CA  1 
ATOM   989  C  C   . GLY A 1 152 ? -8.481  5.993   -5.659  1.00 25.96 ? 152 GLY A C   1 
ATOM   990  O  O   . GLY A 1 152 ? -9.125  6.996   -5.974  1.00 25.16 ? 152 GLY A O   1 
ATOM   991  N  N   . ALA A 1 153 ? -7.401  6.035   -4.879  1.00 21.82 ? 153 ALA A N   1 
ATOM   992  C  CA  . ALA A 1 153 ? -6.870  7.284   -4.332  1.00 19.25 ? 153 ALA A CA  1 
ATOM   993  C  C   . ALA A 1 153 ? -5.421  7.469   -4.782  1.00 21.69 ? 153 ALA A C   1 
ATOM   994  O  O   . ALA A 1 153 ? -4.669  6.504   -4.907  1.00 19.53 ? 153 ALA A O   1 
ATOM   995  C  CB  . ALA A 1 153 ? -6.959  7.290   -2.807  1.00 20.81 ? 153 ALA A CB  1 
ATOM   996  N  N   . CYS A 1 154 ? -5.048  8.720   -5.022  1.00 20.38 ? 154 CYS A N   1 
ATOM   997  C  CA  . CYS A 1 154 ? -3.722  9.060   -5.525  1.00 17.40 ? 154 CYS A CA  1 
ATOM   998  C  C   . CYS A 1 154 ? -2.945  9.909   -4.551  1.00 22.68 ? 154 CYS A C   1 
ATOM   999  O  O   . CYS A 1 154 ? -3.517  10.801  -3.919  1.00 22.36 ? 154 CYS A O   1 
ATOM   1000 C  CB  . CYS A 1 154 ? -3.820  9.852   -6.821  1.00 20.95 ? 154 CYS A CB  1 
ATOM   1001 S  SG  . CYS A 1 154 ? -4.151  8.855   -8.260  1.00 24.46 ? 154 CYS A SG  1 
ATOM   1002 N  N   . MET A 1 155 ? -1.638  9.669   -4.461  1.00 19.54 ? 155 MET A N   1 
ATOM   1003 C  CA  . MET A 1 155 ? -0.787  10.669  -3.826  1.00 21.28 ? 155 MET A CA  1 
ATOM   1004 C  C   . MET A 1 155 ? -0.389  11.655  -4.912  1.00 21.56 ? 155 MET A C   1 
ATOM   1005 O  O   . MET A 1 155 ? -0.673  11.450  -6.089  1.00 22.41 ? 155 MET A O   1 
ATOM   1006 C  CB  . MET A 1 155 ? 0.430   10.039  -3.133  1.00 31.71 ? 155 MET A CB  1 
ATOM   1007 C  CG  . MET A 1 155 ? 1.106   8.939   -3.898  1.00 28.39 ? 155 MET A CG  1 
ATOM   1008 S  SD  . MET A 1 155 ? 2.376   8.025   -2.964  1.00 21.42 ? 155 MET A SD  1 
ATOM   1009 C  CE  . MET A 1 155 ? 3.411   9.358   -2.311  1.00 23.83 ? 155 MET A CE  1 
ATOM   1010 N  N   . THR A 1 156 ? 0.211   12.765  -4.511  1.00 25.01 ? 156 THR A N   1 
ATOM   1011 C  CA  . THR A 1 156 ? 0.668   13.736  -5.489  1.00 23.17 ? 156 THR A CA  1 
ATOM   1012 C  C   . THR A 1 156 ? 2.178   13.881  -5.367  1.00 21.14 ? 156 THR A C   1 
ATOM   1013 O  O   . THR A 1 156 ? 2.765   13.618  -4.311  1.00 22.51 ? 156 THR A O   1 
ATOM   1014 C  CB  . THR A 1 156 ? -0.015  15.098  -5.305  1.00 28.34 ? 156 THR A CB  1 
ATOM   1015 O  OG1 . THR A 1 156 ? 0.202   15.547  -3.962  1.00 39.31 ? 156 THR A OG1 1 
ATOM   1016 C  CG2 . THR A 1 156 ? -1.534  14.984  -5.573  1.00 24.39 ? 156 THR A CG2 1 
ATOM   1017 N  N   . CYS A 1 157 ? 2.816   14.266  -6.466  1.00 19.86 ? 157 CYS A N   1 
ATOM   1018 C  CA  . CYS A 1 157 ? 4.255   14.465  -6.456  1.00 20.44 ? 157 CYS A CA  1 
ATOM   1019 C  C   . CYS A 1 157 ? 4.650   15.463  -5.374  1.00 24.25 ? 157 CYS A C   1 
ATOM   1020 O  O   . CYS A 1 157 ? 3.992   16.484  -5.207  1.00 24.01 ? 157 CYS A O   1 
ATOM   1021 C  CB  . CYS A 1 157 ? 4.718   14.952  -7.823  1.00 21.66 ? 157 CYS A CB  1 
ATOM   1022 S  SG  . CYS A 1 157 ? 6.505   15.201  -7.939  1.00 20.37 ? 157 CYS A SG  1 
ATOM   1023 N  N   . ASN A 1 158 ? 5.709   15.144  -4.640  1.00 21.32 ? 158 ASN A N   1 
ATOM   1024 C  CA  . ASN A 1 158 ? 6.176   15.966  -3.516  1.00 20.06 ? 158 ASN A CA  1 
ATOM   1025 C  C   . ASN A 1 158 ? 6.760   17.315  -3.941  1.00 25.48 ? 158 ASN A C   1 
ATOM   1026 O  O   . ASN A 1 158 ? 6.960   18.201  -3.103  1.00 26.38 ? 158 ASN A O   1 
ATOM   1027 C  CB  . ASN A 1 158 ? 7.227   15.203  -2.725  1.00 23.77 ? 158 ASN A CB  1 
ATOM   1028 C  CG  . ASN A 1 158 ? 7.479   15.807  -1.354  1.00 30.36 ? 158 ASN A CG  1 
ATOM   1029 O  OD1 . ASN A 1 158 ? 6.543   16.166  -0.642  1.00 29.95 ? 158 ASN A OD1 1 
ATOM   1030 N  ND2 . ASN A 1 158 ? 8.747   15.930  -0.987  1.00 32.89 ? 158 ASN A ND2 1 
ATOM   1031 N  N   . LYS A 1 159 ? 7.036   17.467  -5.231  1.00 21.81 ? 159 LYS A N   1 
ATOM   1032 C  CA  . LYS A 1 159 ? 7.533   18.751  -5.737  1.00 22.01 ? 159 LYS A CA  1 
ATOM   1033 C  C   . LYS A 1 159 ? 6.407   19.776  -5.776  1.00 22.87 ? 159 LYS A C   1 
ATOM   1034 O  O   . LYS A 1 159 ? 5.390   19.566  -6.441  1.00 24.54 ? 159 LYS A O   1 
ATOM   1035 C  CB  . LYS A 1 159 ? 8.144   18.577  -7.134  1.00 24.05 ? 159 LYS A CB  1 
ATOM   1036 C  CG  . LYS A 1 159 ? 8.471   19.891  -7.854  1.00 24.47 ? 159 LYS A CG  1 
ATOM   1037 C  CD  . LYS A 1 159 ? 9.622   20.599  -7.164  1.00 24.91 ? 159 LYS A CD  1 
ATOM   1038 C  CE  . LYS A 1 159 ? 10.013  21.851  -7.930  1.00 26.06 ? 159 LYS A CE  1 
ATOM   1039 N  NZ  . LYS A 1 159 ? 9.197   23.019  -7.512  1.00 27.64 ? 159 LYS A NZ  1 
ATOM   1040 N  N   . HIS A 1 160 ? 6.577   20.875  -5.048  1.00 24.63 ? 160 HIS A N   1 
ATOM   1041 C  CA  . HIS A 1 160 ? 5.598   21.954  -5.084  1.00 25.68 ? 160 HIS A CA  1 
ATOM   1042 C  C   . HIS A 1 160 ? 5.335   22.397  -6.527  1.00 24.66 ? 160 HIS A C   1 
ATOM   1043 O  O   . HIS A 1 160 ? 6.263   22.590  -7.326  1.00 24.90 ? 160 HIS A O   1 
ATOM   1044 C  CB  . HIS A 1 160 ? 6.087   23.126  -4.225  1.00 24.46 ? 160 HIS A CB  1 
ATOM   1045 C  CG  . HIS A 1 160 ? 5.141   24.284  -4.177  1.00 25.43 ? 160 HIS A CG  1 
ATOM   1046 N  ND1 . HIS A 1 160 ? 5.578   25.591  -4.102  1.00 27.80 ? 160 HIS A ND1 1 
ATOM   1047 C  CD2 . HIS A 1 160 ? 3.788   24.336  -4.182  1.00 29.40 ? 160 HIS A CD2 1 
ATOM   1048 C  CE1 . HIS A 1 160 ? 4.532   26.401  -4.068  1.00 30.15 ? 160 HIS A CE1 1 
ATOM   1049 N  NE2 . HIS A 1 160 ? 3.434   25.665  -4.108  1.00 28.69 ? 160 HIS A NE2 1 
ATOM   1050 N  N   . GLY A 1 161 ? 4.061   22.515  -6.875  1.00 24.63 ? 161 GLY A N   1 
ATOM   1051 C  CA  . GLY A 1 161 ? 3.691   22.949  -8.205  1.00 25.95 ? 161 GLY A CA  1 
ATOM   1052 C  C   . GLY A 1 161 ? 3.456   21.816  -9.180  1.00 26.58 ? 161 GLY A C   1 
ATOM   1053 O  O   . GLY A 1 161 ? 2.847   22.019  -10.240 1.00 27.31 ? 161 GLY A O   1 
ATOM   1054 N  N   . CYS A 1 162 ? 3.944   20.621  -8.851  1.00 24.15 ? 162 CYS A N   1 
ATOM   1055 C  CA  . CYS A 1 162 ? 3.779   19.505  -9.769  1.00 22.46 ? 162 CYS A CA  1 
ATOM   1056 C  C   . CYS A 1 162 ? 2.394   18.918  -9.621  1.00 23.71 ? 162 CYS A C   1 
ATOM   1057 O  O   . CYS A 1 162 ? 1.941   18.669  -8.509  1.00 27.93 ? 162 CYS A O   1 
ATOM   1058 C  CB  . CYS A 1 162 ? 4.832   18.422  -9.532  1.00 23.41 ? 162 CYS A CB  1 
ATOM   1059 S  SG  . CYS A 1 162 ? 4.726   17.077  -10.755 1.00 21.80 ? 162 CYS A SG  1 
ATOM   1060 N  N   . ARG A 1 163 ? 1.732   18.685  -10.751 1.00 24.83 ? 163 ARG A N   1 
ATOM   1061 C  CA  . ARG A 1 163 ? 0.365   18.180  -10.728 1.00 27.74 ? 163 ARG A CA  1 
ATOM   1062 C  C   . ARG A 1 163 ? 0.286   16.690  -11.044 1.00 29.49 ? 163 ARG A C   1 
ATOM   1063 O  O   . ARG A 1 163 ? -0.806  16.144  -11.202 1.00 32.36 ? 163 ARG A O   1 
ATOM   1064 C  CB  . ARG A 1 163 ? -0.495  18.963  -11.716 1.00 32.79 ? 163 ARG A CB  1 
ATOM   1065 C  CG  . ARG A 1 163 ? -0.608  20.443  -11.385 1.00 40.47 ? 163 ARG A CG  1 
ATOM   1066 C  CD  . ARG A 1 163 ? -1.334  21.189  -12.494 1.00 53.31 ? 163 ARG A CD  1 
ATOM   1067 N  NE  . ARG A 1 163 ? -1.708  22.541  -12.094 1.00 62.41 ? 163 ARG A NE  1 
ATOM   1068 C  CZ  . ARG A 1 163 ? -2.744  23.208  -12.598 1.00 77.51 ? 163 ARG A CZ  1 
ATOM   1069 N  NH1 . ARG A 1 163 ? -3.512  22.645  -13.524 1.00 81.47 ? 163 ARG A NH1 1 
ATOM   1070 N  NH2 . ARG A 1 163 ? -3.013  24.437  -12.176 1.00 68.85 ? 163 ARG A NH2 1 
ATOM   1071 N  N   . GLN A 1 164 ? 1.434   16.033  -11.148 1.00 23.81 ? 164 GLN A N   1 
ATOM   1072 C  CA  . GLN A 1 164 ? 1.453   14.600  -11.405 1.00 22.28 ? 164 GLN A CA  1 
ATOM   1073 C  C   . GLN A 1 164 ? 0.939   13.836  -10.191 1.00 23.27 ? 164 GLN A C   1 
ATOM   1074 O  O   . GLN A 1 164 ? 1.400   14.038  -9.074  1.00 26.54 ? 164 GLN A O   1 
ATOM   1075 C  CB  . GLN A 1 164 ? 2.871   14.121  -11.763 1.00 22.69 ? 164 GLN A CB  1 
ATOM   1076 C  CG  . GLN A 1 164 ? 3.438   14.651  -13.099 1.00 22.95 ? 164 GLN A CG  1 
ATOM   1077 C  CD  . GLN A 1 164 ? 2.830   13.972  -14.312 1.00 32.63 ? 164 GLN A CD  1 
ATOM   1078 O  OE1 . GLN A 1 164 ? 1.707   14.276  -14.697 1.00 33.71 ? 164 GLN A OE1 1 
ATOM   1079 N  NE2 . GLN A 1 164 ? 3.570   13.037  -14.914 1.00 32.18 ? 164 GLN A NE2 1 
ATOM   1080 N  N   . ALA A 1 165 ? -0.026  12.953  -10.420 1.00 19.77 ? 165 ALA A N   1 
ATOM   1081 C  CA  . ALA A 1 165 ? -0.634  12.172  -9.351  1.00 21.73 ? 165 ALA A CA  1 
ATOM   1082 C  C   . ALA A 1 165 ? -0.471  10.699  -9.686  1.00 19.77 ? 165 ALA A C   1 
ATOM   1083 O  O   . ALA A 1 165 ? -0.301  10.334  -10.854 1.00 20.67 ? 165 ALA A O   1 
ATOM   1084 C  CB  . ALA A 1 165 ? -2.123  12.543  -9.186  1.00 23.45 ? 165 ALA A CB  1 
ATOM   1085 N  N   . PHE A 1 166 ? -0.510  9.847   -8.670  1.00 19.39 ? 166 PHE A N   1 
ATOM   1086 C  CA  . PHE A 1 166 ? -0.260  8.430   -8.881  1.00 18.07 ? 166 PHE A CA  1 
ATOM   1087 C  C   . PHE A 1 166 ? -0.713  7.582   -7.700  1.00 18.90 ? 166 PHE A C   1 
ATOM   1088 O  O   . PHE A 1 166 ? -0.682  8.015   -6.547  1.00 18.33 ? 166 PHE A O   1 
ATOM   1089 C  CB  . PHE A 1 166 ? 1.229   8.164   -9.163  1.00 19.16 ? 166 PHE A CB  1 
ATOM   1090 C  CG  . PHE A 1 166 ? 2.178   8.960   -8.290  1.00 19.84 ? 166 PHE A CG  1 
ATOM   1091 C  CD1 . PHE A 1 166 ? 2.591   8.472   -7.067  1.00 20.79 ? 166 PHE A CD1 1 
ATOM   1092 C  CD2 . PHE A 1 166 ? 2.670   10.182  -8.723  1.00 20.25 ? 166 PHE A CD2 1 
ATOM   1093 C  CE1 . PHE A 1 166 ? 3.472   9.203   -6.269  1.00 20.27 ? 166 PHE A CE1 1 
ATOM   1094 C  CE2 . PHE A 1 166 ? 3.539   10.923  -7.932  1.00 20.79 ? 166 PHE A CE2 1 
ATOM   1095 C  CZ  . PHE A 1 166 ? 3.943   10.434  -6.710  1.00 19.22 ? 166 PHE A CZ  1 
ATOM   1096 N  N   . HIS A 1 167 ? -1.152  6.365   -7.997  1.00 16.27 ? 167 HIS A N   1 
ATOM   1097 C  CA  . HIS A 1 167 ? -1.421  5.401   -6.937  1.00 16.53 ? 167 HIS A CA  1 
ATOM   1098 C  C   . HIS A 1 167 ? -0.135  5.101   -6.186  1.00 16.23 ? 167 HIS A C   1 
ATOM   1099 O  O   . HIS A 1 167 ? 0.965   5.116   -6.759  1.00 17.86 ? 167 HIS A O   1 
ATOM   1100 C  CB  . HIS A 1 167 ? -1.997  4.092   -7.493  1.00 17.71 ? 167 HIS A CB  1 
ATOM   1101 C  CG  . HIS A 1 167 ? -3.322  4.254   -8.171  1.00 18.28 ? 167 HIS A CG  1 
ATOM   1102 N  ND1 . HIS A 1 167 ? -3.495  4.049   -9.523  1.00 19.86 ? 167 HIS A ND1 1 
ATOM   1103 C  CD2 . HIS A 1 167 ? -4.533  4.602   -7.681  1.00 18.16 ? 167 HIS A CD2 1 
ATOM   1104 C  CE1 . HIS A 1 167 ? -4.758  4.273   -9.840  1.00 20.83 ? 167 HIS A CE1 1 
ATOM   1105 N  NE2 . HIS A 1 167 ? -5.412  4.608   -8.741  1.00 19.33 ? 167 HIS A NE2 1 
ATOM   1106 N  N   . VAL A 1 168 ? -0.280  4.799   -4.904  1.00 16.91 ? 168 VAL A N   1 
ATOM   1107 C  CA  . VAL A 1 168 ? 0.875   4.450   -4.088  1.00 16.58 ? 168 VAL A CA  1 
ATOM   1108 C  C   . VAL A 1 168 ? 1.597   3.236   -4.653  1.00 18.43 ? 168 VAL A C   1 
ATOM   1109 O  O   . VAL A 1 168 ? 2.812   3.255   -4.815  1.00 18.79 ? 168 VAL A O   1 
ATOM   1110 C  CB  . VAL A 1 168 ? 0.472   4.174   -2.628  1.00 15.79 ? 168 VAL A CB  1 
ATOM   1111 C  CG1 . VAL A 1 168 ? 1.671   3.717   -1.808  1.00 18.27 ? 168 VAL A CG1 1 
ATOM   1112 C  CG2 . VAL A 1 168 ? -0.172  5.417   -2.016  1.00 16.39 ? 168 VAL A CG2 1 
ATOM   1113 N  N   . THR A 1 169 ? 0.845   2.188   -4.972  1.00 16.60 ? 169 THR A N   1 
ATOM   1114 C  CA  . THR A 1 169 ? 1.426   0.941   -5.462  1.00 15.74 ? 169 THR A CA  1 
ATOM   1115 C  C   . THR A 1 169 ? 2.010   1.080   -6.870  1.00 16.61 ? 169 THR A C   1 
ATOM   1116 O  O   . THR A 1 169 ? 3.008   0.438   -7.205  1.00 19.95 ? 169 THR A O   1 
ATOM   1117 C  CB  . THR A 1 169 ? 0.367   -0.170  -5.451  1.00 18.65 ? 169 THR A CB  1 
ATOM   1118 O  OG1 . THR A 1 169 ? -0.854  0.372   -5.956  1.00 18.57 ? 169 THR A OG1 1 
ATOM   1119 C  CG2 . THR A 1 169 ? 0.154   -0.658  -4.029  1.00 19.22 ? 169 THR A CG2 1 
ATOM   1120 N  N   . CYS A 1 170 ? 1.406   1.924   -7.702  1.00 17.89 ? 170 CYS A N   1 
ATOM   1121 C  CA  . CYS A 1 170 ? 2.016   2.227   -8.996  1.00 18.26 ? 170 CYS A CA  1 
ATOM   1122 C  C   . CYS A 1 170 ? 3.406   2.876   -8.819  1.00 18.54 ? 170 CYS A C   1 
ATOM   1123 O  O   . CYS A 1 170 ? 4.369   2.490   -9.491  1.00 19.53 ? 170 CYS A O   1 
ATOM   1124 C  CB  . CYS A 1 170 ? 1.108   3.130   -9.828  1.00 17.70 ? 170 CYS A CB  1 
ATOM   1125 S  SG  . CYS A 1 170 ? -0.404  2.274   -10.319 1.00 20.38 ? 170 CYS A SG  1 
ATOM   1126 N  N   . ALA A 1 171 ? 3.512   3.830   -7.899  1.00 18.90 ? 171 ALA A N   1 
ATOM   1127 C  CA  . ALA A 1 171 ? 4.813   4.450   -7.599  1.00 17.94 ? 171 ALA A CA  1 
ATOM   1128 C  C   . ALA A 1 171 ? 5.772   3.450   -6.963  1.00 20.95 ? 171 ALA A C   1 
ATOM   1129 O  O   . ALA A 1 171 ? 6.973   3.458   -7.250  1.00 21.06 ? 171 ALA A O   1 
ATOM   1130 C  CB  . ALA A 1 171 ? 4.635   5.666   -6.690  1.00 18.50 ? 171 ALA A CB  1 
ATOM   1131 N  N   . GLN A 1 172 ? 5.241   2.601   -6.087  1.00 18.12 ? 172 GLN A N   1 
ATOM   1132 C  CA  . GLN A 1 172 ? 6.040   1.576   -5.424  1.00 19.61 ? 172 GLN A CA  1 
ATOM   1133 C  C   . GLN A 1 172 ? 6.755   0.712   -6.461  1.00 23.58 ? 172 GLN A C   1 
ATOM   1134 O  O   . GLN A 1 172 ? 7.978   0.523   -6.398  1.00 22.25 ? 172 GLN A O   1 
ATOM   1135 C  CB  . GLN A 1 172 ? 5.154   0.711   -4.519  1.00 22.10 ? 172 GLN A CB  1 
ATOM   1136 C  CG  . GLN A 1 172 ? 5.899   -0.378  -3.736  1.00 22.20 ? 172 GLN A CG  1 
ATOM   1137 C  CD  . GLN A 1 172 ? 4.951   -1.263  -2.939  1.00 22.48 ? 172 GLN A CD  1 
ATOM   1138 O  OE1 . GLN A 1 172 ? 3.837   -1.554  -3.378  1.00 26.20 ? 172 GLN A OE1 1 
ATOM   1139 N  NE2 . GLN A 1 172 ? 5.387   -1.680  -1.761  1.00 26.73 ? 172 GLN A NE2 1 
ATOM   1140 N  N   . PHE A 1 173 ? 5.992   0.196   -7.422  1.00 21.25 ? 173 PHE A N   1 
ATOM   1141 C  CA  . PHE A 1 173 ? 6.546   -0.709  -8.430  1.00 21.21 ? 173 PHE A CA  1 
ATOM   1142 C  C   . PHE A 1 173 ? 7.540   0.010   -9.324  1.00 24.50 ? 173 PHE A C   1 
ATOM   1143 O  O   . PHE A 1 173 ? 8.483   -0.606  -9.822  1.00 26.42 ? 173 PHE A O   1 
ATOM   1144 C  CB  . PHE A 1 173 ? 5.423   -1.328  -9.278  1.00 23.11 ? 173 PHE A CB  1 
ATOM   1145 C  CG  . PHE A 1 173 ? 4.426   -2.128  -8.471  1.00 33.85 ? 173 PHE A CG  1 
ATOM   1146 C  CD1 . PHE A 1 173 ? 4.782   -2.673  -7.244  1.00 35.71 ? 173 PHE A CD1 1 
ATOM   1147 C  CD2 . PHE A 1 173 ? 3.132   -2.328  -8.935  1.00 36.78 ? 173 PHE A CD2 1 
ATOM   1148 C  CE1 . PHE A 1 173 ? 3.871   -3.397  -6.495  1.00 39.62 ? 173 PHE A CE1 1 
ATOM   1149 C  CE2 . PHE A 1 173 ? 2.216   -3.057  -8.192  1.00 39.08 ? 173 PHE A CE2 1 
ATOM   1150 C  CZ  . PHE A 1 173 ? 2.586   -3.590  -6.972  1.00 37.86 ? 173 PHE A CZ  1 
ATOM   1151 N  N   . ALA A 1 174 ? 7.333   1.313   -9.496  1.00 20.42 ? 174 ALA A N   1 
ATOM   1152 C  CA  . ALA A 1 174 ? 8.177   2.161   -10.348 1.00 21.63 ? 174 ALA A CA  1 
ATOM   1153 C  C   . ALA A 1 174 ? 9.426   2.651   -9.617  1.00 24.61 ? 174 ALA A C   1 
ATOM   1154 O  O   . ALA A 1 174 ? 10.312  3.276   -10.231 1.00 24.22 ? 174 ALA A O   1 
ATOM   1155 C  CB  . ALA A 1 174 ? 7.384   3.349   -10.857 1.00 20.84 ? 174 ALA A CB  1 
ATOM   1156 N  N   . GLY A 1 175 ? 9.502   2.388   -8.312  1.00 22.33 ? 175 GLY A N   1 
ATOM   1157 C  CA  . GLY A 1 175 ? 10.657  2.799   -7.530  1.00 22.84 ? 175 GLY A CA  1 
ATOM   1158 C  C   . GLY A 1 175 ? 10.685  4.283   -7.218  1.00 26.72 ? 175 GLY A C   1 
ATOM   1159 O  O   . GLY A 1 175 ? 11.757  4.873   -7.049  1.00 26.04 ? 175 GLY A O   1 
ATOM   1160 N  N   . LEU A 1 176 ? 9.506   4.887   -7.109  1.00 19.04 ? 176 LEU A N   1 
ATOM   1161 C  CA  . LEU A 1 176 ? 9.391   6.336   -6.970  1.00 21.29 ? 176 LEU A CA  1 
ATOM   1162 C  C   . LEU A 1 176 ? 8.963   6.790   -5.570  1.00 23.11 ? 176 LEU A C   1 
ATOM   1163 O  O   . LEU A 1 176 ? 8.835   7.988   -5.310  1.00 24.95 ? 176 LEU A O   1 
ATOM   1164 C  CB  . LEU A 1 176 ? 8.407   6.871   -8.017  1.00 20.07 ? 176 LEU A CB  1 
ATOM   1165 C  CG  . LEU A 1 176 ? 8.834   6.648   -9.468  1.00 21.41 ? 176 LEU A CG  1 
ATOM   1166 C  CD1 . LEU A 1 176 ? 7.738   7.027   -10.458 1.00 22.41 ? 176 LEU A CD1 1 
ATOM   1167 C  CD2 . LEU A 1 176 ? 10.102  7.441   -9.759  1.00 26.49 ? 176 LEU A CD2 1 
ATOM   1168 N  N   . LEU A 1 177 ? 8.740   5.846   -4.662  1.00 21.65 ? 177 LEU A N   1 
ATOM   1169 C  CA  . LEU A 1 177 ? 8.440   6.201   -3.274  1.00 21.71 ? 177 LEU A CA  1 
ATOM   1170 C  C   . LEU A 1 177 ? 9.720   6.498   -2.513  1.00 25.19 ? 177 LEU A C   1 
ATOM   1171 O  O   . LEU A 1 177 ? 10.753  5.890   -2.778  1.00 27.40 ? 177 LEU A O   1 
ATOM   1172 C  CB  . LEU A 1 177 ? 7.676   5.075   -2.574  1.00 22.40 ? 177 LEU A CB  1 
ATOM   1173 C  CG  . LEU A 1 177 ? 6.303   4.736   -3.142  1.00 21.87 ? 177 LEU A CG  1 
ATOM   1174 C  CD1 . LEU A 1 177 ? 5.701   3.577   -2.348  1.00 22.65 ? 177 LEU A CD1 1 
ATOM   1175 C  CD2 . LEU A 1 177 ? 5.395   5.954   -3.103  1.00 22.94 ? 177 LEU A CD2 1 
ATOM   1176 N  N   . CYS A 1 178 ? 9.646   7.421   -1.562  1.00 26.48 ? 178 CYS A N   1 
ATOM   1177 C  CA  . CYS A 1 178 ? 10.783  7.682   -0.686  1.00 31.47 ? 178 CYS A CA  1 
ATOM   1178 C  C   . CYS A 1 178 ? 10.668  6.928   0.639   1.00 45.64 ? 178 CYS A C   1 
ATOM   1179 O  O   . CYS A 1 178 ? 9.663   7.040   1.345   1.00 45.93 ? 178 CYS A O   1 
ATOM   1180 C  CB  . CYS A 1 178 ? 10.907  9.176   -0.437  1.00 38.58 ? 178 CYS A CB  1 
ATOM   1181 S  SG  . CYS A 1 178 ? 11.081  10.077  -1.959  1.00 51.68 ? 178 CYS A SG  1 
ATOM   1182 N  N   . GLN A 1 189 ? 9.346   12.480  4.855   1.00 63.79 ? 189 GLN A N   1 
ATOM   1183 C  CA  . GLN A 1 189 ? 8.821   11.188  5.277   1.00 54.67 ? 189 GLN A CA  1 
ATOM   1184 C  C   . GLN A 1 189 ? 7.613   10.767  4.454   1.00 48.36 ? 189 GLN A C   1 
ATOM   1185 O  O   . GLN A 1 189 ? 6.691   11.556  4.245   1.00 60.74 ? 189 GLN A O   1 
ATOM   1186 C  CB  . GLN A 1 189 ? 8.426   11.214  6.753   1.00 57.85 ? 189 GLN A CB  1 
ATOM   1187 C  CG  . GLN A 1 189 ? 9.575   11.379  7.720   1.00 60.20 ? 189 GLN A CG  1 
ATOM   1188 C  CD  . GLN A 1 189 ? 9.123   11.349  9.163   1.00 59.82 ? 189 GLN A CD  1 
ATOM   1189 O  OE1 . GLN A 1 189 ? 8.586   10.347  9.636   1.00 58.15 ? 189 GLN A OE1 1 
ATOM   1190 N  NE2 . GLN A 1 189 ? 9.308   12.462  9.865   1.00 62.01 ? 189 GLN A NE2 1 
ATOM   1191 N  N   . TYR A 1 190 ? 7.631   9.516   4.006   1.00 30.62 ? 190 TYR A N   1 
ATOM   1192 C  CA  . TYR A 1 190 ? 6.508   8.903   3.292   1.00 24.85 ? 190 TYR A CA  1 
ATOM   1193 C  C   . TYR A 1 190 ? 5.923   9.781   2.209   1.00 27.15 ? 190 TYR A C   1 
ATOM   1194 O  O   . TYR A 1 190 ? 4.768   10.205  2.281   1.00 31.61 ? 190 TYR A O   1 
ATOM   1195 C  CB  . TYR A 1 190 ? 5.417   8.501   4.283   1.00 25.09 ? 190 TYR A CB  1 
ATOM   1196 C  CG  . TYR A 1 190 ? 5.801   7.278   5.068   1.00 21.48 ? 190 TYR A CG  1 
ATOM   1197 C  CD1 . TYR A 1 190 ? 6.347   7.390   6.345   1.00 24.54 ? 190 TYR A CD1 1 
ATOM   1198 C  CD2 . TYR A 1 190 ? 5.633   6.006   4.532   1.00 23.55 ? 190 TYR A CD2 1 
ATOM   1199 C  CE1 . TYR A 1 190 ? 6.700   6.266   7.075   1.00 25.92 ? 190 TYR A CE1 1 
ATOM   1200 C  CE2 . TYR A 1 190 ? 5.990   4.883   5.242   1.00 21.67 ? 190 TYR A CE2 1 
ATOM   1201 C  CZ  . TYR A 1 190 ? 6.521   5.017   6.519   1.00 25.86 ? 190 TYR A CZ  1 
ATOM   1202 O  OH  . TYR A 1 190 ? 6.882   3.907   7.244   1.00 28.83 ? 190 TYR A OH  1 
ATOM   1203 N  N   . CYS A 1 191 ? 6.731   10.042  1.192   1.00 23.71 ? 191 CYS A N   1 
ATOM   1204 C  CA  . CYS A 1 191 ? 6.289   10.817  0.044   1.00 25.52 ? 191 CYS A CA  1 
ATOM   1205 C  C   . CYS A 1 191 ? 6.785   10.128  -1.220  1.00 23.06 ? 191 CYS A C   1 
ATOM   1206 O  O   . CYS A 1 191 ? 7.391   9.058   -1.155  1.00 21.99 ? 191 CYS A O   1 
ATOM   1207 C  CB  . CYS A 1 191 ? 6.815   12.247  0.112   1.00 28.08 ? 191 CYS A CB  1 
ATOM   1208 S  SG  . CYS A 1 191 ? 8.608   12.305  0.148   1.00 35.52 ? 191 CYS A SG  1 
ATOM   1209 N  N   . GLY A 1 192 ? 6.519   10.732  -2.375  1.00 21.70 ? 192 GLY A N   1 
ATOM   1210 C  CA  . GLY A 1 192 ? 7.012   10.185  -3.622  1.00 23.50 ? 192 GLY A CA  1 
ATOM   1211 C  C   . GLY A 1 192 ? 7.128   11.276  -4.663  1.00 19.90 ? 192 GLY A C   1 
ATOM   1212 O  O   . GLY A 1 192 ? 6.566   12.360  -4.495  1.00 20.77 ? 192 GLY A O   1 
ATOM   1213 N  N   . TYR A 1 193 ? 7.847   10.970  -5.740  1.00 20.55 ? 193 TYR A N   1 
ATOM   1214 C  CA  . TYR A 1 193 ? 8.014   11.892  -6.871  1.00 18.62 ? 193 TYR A CA  1 
ATOM   1215 C  C   . TYR A 1 193 ? 7.544   11.256  -8.155  1.00 19.27 ? 193 TYR A C   1 
ATOM   1216 O  O   . TYR A 1 193 ? 7.618   10.037  -8.318  1.00 21.49 ? 193 TYR A O   1 
ATOM   1217 C  CB  . TYR A 1 193 ? 9.481   12.309  -7.038  1.00 21.78 ? 193 TYR A CB  1 
ATOM   1218 C  CG  . TYR A 1 193 ? 9.986   13.147  -5.895  1.00 22.51 ? 193 TYR A CG  1 
ATOM   1219 C  CD1 . TYR A 1 193 ? 9.757   14.510  -5.860  1.00 24.86 ? 193 TYR A CD1 1 
ATOM   1220 C  CD2 . TYR A 1 193 ? 10.654  12.562  -4.833  1.00 28.92 ? 193 TYR A CD2 1 
ATOM   1221 C  CE1 . TYR A 1 193 ? 10.194  15.284  -4.812  1.00 24.66 ? 193 TYR A CE1 1 
ATOM   1222 C  CE2 . TYR A 1 193 ? 11.100  13.331  -3.769  1.00 29.12 ? 193 TYR A CE2 1 
ATOM   1223 C  CZ  . TYR A 1 193 ? 10.867  14.691  -3.771  1.00 31.94 ? 193 TYR A CZ  1 
ATOM   1224 O  OH  . TYR A 1 193 ? 11.301  15.471  -2.722  1.00 33.72 ? 193 TYR A OH  1 
ATOM   1225 N  N   . CYS A 1 194 ? 7.071   12.082  -9.080  1.00 18.36 ? 194 CYS A N   1 
ATOM   1226 C  CA  . CYS A 1 194 ? 6.842   11.593  -10.434 1.00 18.61 ? 194 CYS A CA  1 
ATOM   1227 C  C   . CYS A 1 194 ? 8.184   11.242  -11.064 1.00 18.43 ? 194 CYS A C   1 
ATOM   1228 O  O   . CYS A 1 194 ? 9.243   11.659  -10.578 1.00 20.98 ? 194 CYS A O   1 
ATOM   1229 C  CB  . CYS A 1 194 ? 6.099   12.621  -11.272 1.00 17.33 ? 194 CYS A CB  1 
ATOM   1230 S  SG  . CYS A 1 194 ? 7.058   14.110  -11.675 1.00 20.47 ? 194 CYS A SG  1 
ATOM   1231 N  N   . LYS A 1 195 ? 8.150   10.441  -12.116 1.00 17.16 ? 195 LYS A N   1 
ATOM   1232 C  CA  . LYS A 1 195 ? 9.394   10.030  -12.770 1.00 17.96 ? 195 LYS A CA  1 
ATOM   1233 C  C   . LYS A 1 195 ? 10.260  11.219  -13.178 1.00 19.88 ? 195 LYS A C   1 
ATOM   1234 O  O   . LYS A 1 195 ? 11.487  11.171  -13.025 1.00 21.81 ? 195 LYS A O   1 
ATOM   1235 C  CB  . LYS A 1 195 ? 9.096   9.178   -14.002 1.00 21.79 ? 195 LYS A CB  1 
ATOM   1236 C  CG  . LYS A 1 195 ? 10.341  8.638   -14.696 1.00 28.72 ? 195 LYS A CG  1 
ATOM   1237 C  CD  . LYS A 1 195 ? 9.953   7.853   -15.942 1.00 36.99 ? 195 LYS A CD  1 
ATOM   1238 C  CE  . LYS A 1 195 ? 11.030  6.857   -16.338 1.00 46.54 ? 195 LYS A CE  1 
ATOM   1239 N  NZ  . LYS A 1 195 ? 10.856  6.423   -17.753 1.00 76.15 ? 195 LYS A NZ  1 
ATOM   1240 N  N   . TYR A 1 196 ? 9.637   12.284  -13.681 1.00 18.07 ? 196 TYR A N   1 
ATOM   1241 C  CA  . TYR A 1 196 ? 10.430  13.451  -14.103 1.00 19.36 ? 196 TYR A CA  1 
ATOM   1242 C  C   . TYR A 1 196 ? 11.171  14.067  -12.916 1.00 20.59 ? 196 TYR A C   1 
ATOM   1243 O  O   . TYR A 1 196 ? 12.388  14.276  -12.969 1.00 20.25 ? 196 TYR A O   1 
ATOM   1244 C  CB  . TYR A 1 196 ? 9.563   14.520  -14.774 1.00 18.01 ? 196 TYR A CB  1 
ATOM   1245 C  CG  . TYR A 1 196 ? 10.351  15.779  -15.026 1.00 17.03 ? 196 TYR A CG  1 
ATOM   1246 C  CD1 . TYR A 1 196 ? 11.273  15.841  -16.056 1.00 17.33 ? 196 TYR A CD1 1 
ATOM   1247 C  CD2 . TYR A 1 196 ? 10.213  16.879  -14.194 1.00 18.28 ? 196 TYR A CD2 1 
ATOM   1248 C  CE1 . TYR A 1 196 ? 12.039  16.996  -16.263 1.00 18.16 ? 196 TYR A CE1 1 
ATOM   1249 C  CE2 . TYR A 1 196 ? 10.977  18.025  -14.384 1.00 18.64 ? 196 TYR A CE2 1 
ATOM   1250 C  CZ  . TYR A 1 196 ? 11.882  18.072  -15.419 1.00 19.67 ? 196 TYR A CZ  1 
ATOM   1251 O  OH  . TYR A 1 196 ? 12.633  19.212  -15.621 1.00 19.54 ? 196 TYR A OH  1 
ATOM   1252 N  N   . HIS A 1 197 ? 10.467  14.357  -11.829 1.00 19.33 ? 197 HIS A N   1 
ATOM   1253 C  CA  . HIS A 1 197 ? 11.168  15.047  -10.747 1.00 18.71 ? 197 HIS A CA  1 
ATOM   1254 C  C   . HIS A 1 197 ? 12.152  14.138  -10.028 1.00 20.85 ? 197 HIS A C   1 
ATOM   1255 O  O   . HIS A 1 197 ? 13.178  14.601  -9.520  1.00 22.49 ? 197 HIS A O   1 
ATOM   1256 C  CB  . HIS A 1 197 ? 10.164  15.686  -9.794  1.00 19.57 ? 197 HIS A CB  1 
ATOM   1257 C  CG  . HIS A 1 197 ? 9.569   16.936  -10.368 1.00 20.41 ? 197 HIS A CG  1 
ATOM   1258 N  ND1 . HIS A 1 197 ? 8.226   17.085  -10.623 1.00 19.29 ? 197 HIS A ND1 1 
ATOM   1259 C  CD2 . HIS A 1 197 ? 10.165  18.065  -10.830 1.00 18.58 ? 197 HIS A CD2 1 
ATOM   1260 C  CE1 . HIS A 1 197 ? 8.009   18.267  -11.177 1.00 22.45 ? 197 HIS A CE1 1 
ATOM   1261 N  NE2 . HIS A 1 197 ? 9.172   18.878  -11.318 1.00 20.62 ? 197 HIS A NE2 1 
ATOM   1262 N  N   . PHE A 1 198 ? 11.875  12.841  -10.020 1.00 20.45 ? 198 PHE A N   1 
ATOM   1263 C  CA  . PHE A 1 198 ? 12.832  11.890  -9.482  1.00 20.18 ? 198 PHE A CA  1 
ATOM   1264 C  C   . PHE A 1 198 ? 14.122  11.932  -10.302 1.00 23.90 ? 198 PHE A C   1 
ATOM   1265 O  O   . PHE A 1 198 ? 15.225  11.838  -9.750  1.00 24.11 ? 198 PHE A O   1 
ATOM   1266 C  CB  . PHE A 1 198 ? 12.221  10.483  -9.480  1.00 21.63 ? 198 PHE A CB  1 
ATOM   1267 C  CG  . PHE A 1 198 ? 13.089  9.431   -8.840  1.00 29.52 ? 198 PHE A CG  1 
ATOM   1268 C  CD1 . PHE A 1 198 ? 13.150  9.310   -7.464  1.00 38.31 ? 198 PHE A CD1 1 
ATOM   1269 C  CD2 . PHE A 1 198 ? 13.807  8.543   -9.619  1.00 34.37 ? 198 PHE A CD2 1 
ATOM   1270 C  CE1 . PHE A 1 198 ? 13.930  8.325   -6.870  1.00 36.50 ? 198 PHE A CE1 1 
ATOM   1271 C  CE2 . PHE A 1 198 ? 14.591  7.559   -9.032  1.00 39.75 ? 198 PHE A CE2 1 
ATOM   1272 C  CZ  . PHE A 1 198 ? 14.642  7.454   -7.655  1.00 34.10 ? 198 PHE A CZ  1 
ATOM   1273 N  N   . SER A 1 199 ? 13.980  12.098  -11.618 1.00 20.94 ? 199 SER A N   1 
ATOM   1274 C  CA  . SER A 1 199 ? 15.139  12.124  -12.516 1.00 21.17 ? 199 SER A CA  1 
ATOM   1275 C  C   . SER A 1 199 ? 15.972  13.382  -12.318 1.00 24.49 ? 199 SER A C   1 
ATOM   1276 O  O   . SER A 1 199 ? 17.151  13.414  -12.674 1.00 24.08 ? 199 SER A O   1 
ATOM   1277 C  CB  . SER A 1 199 ? 14.696  12.024  -13.975 1.00 22.91 ? 199 SER A CB  1 
ATOM   1278 O  OG  . SER A 1 199 ? 14.280  13.287  -14.490 1.00 23.52 ? 199 SER A OG  1 
ATOM   1279 N  N   . LYS A 1 200 ? 15.362  14.422  -11.766 1.00 21.61 ? 200 LYS A N   1 
ATOM   1280 C  CA  . LYS A 1 200 ? 16.059  15.689  -11.595 1.00 20.38 ? 200 LYS A CA  1 
ATOM   1281 C  C   . LYS A 1 200 ? 16.683  15.812  -10.214 1.00 22.53 ? 200 LYS A C   1 
ATOM   1282 O  O   . LYS A 1 200 ? 17.295  16.837  -9.899  1.00 23.78 ? 200 LYS A O   1 
ATOM   1283 C  CB  . LYS A 1 200 ? 15.116  16.872  -11.830 1.00 21.34 ? 200 LYS A CB  1 
ATOM   1284 C  CG  . LYS A 1 200 ? 14.463  16.898  -13.210 1.00 21.10 ? 200 LYS A CG  1 
ATOM   1285 C  CD  . LYS A 1 200 ? 15.462  16.715  -14.357 1.00 27.82 ? 200 LYS A CD  1 
ATOM   1286 C  CE  . LYS A 1 200 ? 15.984  18.045  -14.807 1.00 24.60 ? 200 LYS A CE  1 
ATOM   1287 N  NZ  . LYS A 1 200 ? 16.886  17.968  -16.004 1.00 20.05 ? 200 LYS A NZ  1 
ATOM   1288 N  N   . LEU A 1 201 ? 16.513  14.781  -9.388  1.00 21.02 ? 201 LEU A N   1 
ATOM   1289 C  CA  . LEU A 1 201 ? 17.071  14.796  -8.040  1.00 22.23 ? 201 LEU A CA  1 
ATOM   1290 C  C   . LEU A 1 201 ? 18.388  14.017  -7.971  1.00 25.78 ? 201 LEU A C   1 
ATOM   1291 O  O   . LEU A 1 201 ? 18.428  12.818  -8.273  1.00 27.07 ? 201 LEU A O   1 
ATOM   1292 C  CB  . LEU A 1 201 ? 16.063  14.214  -7.051  1.00 24.50 ? 201 LEU A CB  1 
ATOM   1293 C  CG  . LEU A 1 201 ? 16.567  14.069  -5.616  1.00 23.65 ? 201 LEU A CG  1 
ATOM   1294 C  CD1 . LEU A 1 201 ? 16.917  15.417  -5.017  1.00 26.88 ? 201 LEU A CD1 1 
ATOM   1295 C  CD2 . LEU A 1 201 ? 15.501  13.358  -4.791  1.00 29.84 ? 201 LEU A CD2 1 
ATOM   1296 N  N   . LYS A 1 202 ? 19.472  14.697  -7.597  1.00 21.51 ? 202 LYS A N   1 
ATOM   1297 C  CA  . LYS A 1 202 ? 20.758  14.016  -7.483  1.00 24.19 ? 202 LYS A CA  1 
ATOM   1298 C  C   . LYS A 1 202 ? 20.627  12.950  -6.404  1.00 27.55 ? 202 LYS A C   1 
ATOM   1299 O  O   . LYS A 1 202 ? 20.197  13.246  -5.292  1.00 29.68 ? 202 LYS A O   1 
ATOM   1300 C  CB  . LYS A 1 202 ? 21.885  14.998  -7.137  1.00 24.04 ? 202 LYS A CB  1 
ATOM   1301 C  CG  . LYS A 1 202 ? 23.254  14.321  -7.012  1.00 26.86 ? 202 LYS A CG  1 
ATOM   1302 C  CD  . LYS A 1 202 ? 24.334  15.302  -6.609  1.00 30.42 ? 202 LYS A CD  1 
ATOM   1303 C  CE  . LYS A 1 202 ? 25.652  14.574  -6.374  1.00 33.64 ? 202 LYS A CE  1 
ATOM   1304 N  NZ  . LYS A 1 202 ? 26.772  15.535  -6.146  1.00 36.71 ? 202 LYS A NZ  1 
ATOM   1305 N  N   . LYS A 1 203 ? 20.994  11.712  -6.723  1.00 31.06 ? 203 LYS A N   1 
ATOM   1306 C  CA  . LYS A 1 203 ? 20.816  10.628  -5.758  1.00 37.10 ? 203 LYS A CA  1 
ATOM   1307 C  C   . LYS A 1 203 ? 21.969  10.565  -4.762  1.00 41.38 ? 203 LYS A C   1 
ATOM   1308 O  O   . LYS A 1 203 ? 23.117  10.330  -5.137  1.00 42.13 ? 203 LYS A O   1 
ATOM   1309 C  CB  . LYS A 1 203 ? 20.666  9.287   -6.478  1.00 36.84 ? 203 LYS A CB  1 
ATOM   1310 C  CG  . LYS A 1 203 ? 19.513  9.260   -7.483  1.00 40.75 ? 203 LYS A CG  1 
ATOM   1311 C  CD  . LYS A 1 203 ? 18.146  9.360   -6.803  1.00 39.80 ? 203 LYS A CD  1 
ATOM   1312 C  CE  . LYS A 1 203 ? 17.113  10.044  -7.700  1.00 38.84 ? 203 LYS A CE  1 
ATOM   1313 N  NZ  . LYS A 1 203 ? 17.528  10.079  -9.134  1.00 39.46 ? 203 LYS A NZ  1 
ATOM   1314 N  N   . SER A 1 204 ? 21.653  10.781  -3.490  1.00 37.12 ? 204 SER A N   1 
ATOM   1315 C  CA  . SER A 1 204 ? 22.629  10.622  -2.419  1.00 43.98 ? 204 SER A CA  1 
ATOM   1316 C  C   . SER A 1 204 ? 21.985  9.993   -1.193  1.00 52.20 ? 204 SER A C   1 
ATOM   1317 O  O   . SER A 1 204 ? 21.004  10.518  -0.668  1.00 55.20 ? 204 SER A O   1 
ATOM   1318 C  CB  . SER A 1 204 ? 23.253  11.962  -2.047  1.00 50.37 ? 204 SER A CB  1 
ATOM   1319 O  OG  . SER A 1 204 ? 24.126  11.807  -0.943  1.00 52.16 ? 204 SER A OG  1 
HETATM 1320 ZN ZN  . ZN  B 2 .   ? 8.736   -4.209  5.658   0.71 23.64 ? 301 ZN  A ZN  1 
HETATM 1321 ZN ZN  . ZN  C 2 .   ? 6.592   15.836  -10.188 0.72 22.55 ? 302 ZN  A ZN  1 
HETATM 1322 ZN ZN  . ZN  D 2 .   ? -2.011  3.764   -11.023 0.71 21.25 ? 303 ZN  A ZN  1 
HETATM 1323 ZN ZN  . ZN  E 2 .   ? -3.664  -0.273  -2.712  0.72 20.38 ? 304 ZN  A ZN  1 
HETATM 1324 ZN ZN  . ZN  F 2 .   ? -1.815  -14.669 2.497   0.72 29.96 ? 305 ZN  A ZN  1 
HETATM 1325 O  O   . HOH G 3 .   ? -11.116 8.962   -8.898  1.00 37.73 ? 401 HOH A O   1 
HETATM 1326 O  O   . HOH G 3 .   ? -7.618  -0.550  -17.572 1.00 39.22 ? 402 HOH A O   1 
HETATM 1327 O  O   . HOH G 3 .   ? 6.427   -20.895 6.421   1.00 40.62 ? 403 HOH A O   1 
HETATM 1328 O  O   . HOH G 3 .   ? 27.292  17.704  -7.298  1.00 31.33 ? 404 HOH A O   1 
HETATM 1329 O  O   . HOH G 3 .   ? 2.119   15.952  -2.357  1.00 36.09 ? 405 HOH A O   1 
HETATM 1330 O  O   . HOH G 3 .   ? 2.491   10.833  0.820   1.00 32.97 ? 406 HOH A O   1 
HETATM 1331 O  O   . HOH G 3 .   ? -9.936  15.228  5.908   1.00 33.67 ? 407 HOH A O   1 
HETATM 1332 O  O   . HOH G 3 .   ? 8.157   11.910  12.111  1.00 30.43 ? 408 HOH A O   1 
HETATM 1333 O  O   . HOH G 3 .   ? -7.234  7.600   -18.089 1.00 37.69 ? 409 HOH A O   1 
HETATM 1334 O  O   . HOH G 3 .   ? -17.547 -18.629 8.804   1.00 38.30 ? 410 HOH A O   1 
HETATM 1335 O  O   . HOH G 3 .   ? 2.942   18.777  -5.803  1.00 29.66 ? 411 HOH A O   1 
HETATM 1336 O  O   . HOH G 3 .   ? -11.955 4.340   -0.954  1.00 37.07 ? 412 HOH A O   1 
HETATM 1337 O  O   . HOH G 3 .   ? 3.383   -2.587  14.965  1.00 29.86 ? 413 HOH A O   1 
HETATM 1338 O  O   . HOH G 3 .   ? -11.797 14.057  10.098  1.00 35.49 ? 414 HOH A O   1 
HETATM 1339 O  O   . HOH G 3 .   ? -9.590  9.537   10.090  1.00 37.07 ? 415 HOH A O   1 
HETATM 1340 O  O   . HOH G 3 .   ? -6.393  -3.736  16.886  1.00 35.16 ? 416 HOH A O   1 
HETATM 1341 O  O   . HOH G 3 .   ? -6.001  17.151  3.841   1.00 40.86 ? 417 HOH A O   1 
HETATM 1342 O  O   . HOH G 3 .   ? 21.824  -8.367  5.039   1.00 37.95 ? 418 HOH A O   1 
HETATM 1343 O  O   . HOH G 3 .   ? 11.814  -5.031  0.501   1.00 45.82 ? 419 HOH A O   1 
HETATM 1344 O  O   . HOH G 3 .   ? 2.121   -19.681 0.389   1.00 43.80 ? 420 HOH A O   1 
HETATM 1345 O  O   . HOH G 3 .   ? 7.370   1.773   5.687   1.00 30.99 ? 421 HOH A O   1 
HETATM 1346 O  O   . HOH G 3 .   ? -13.667 -5.761  5.555   1.00 28.35 ? 422 HOH A O   1 
HETATM 1347 O  O   . HOH G 3 .   ? -5.274  -5.580  -3.519  1.00 24.84 ? 423 HOH A O   1 
HETATM 1348 O  O   . HOH G 3 .   ? -8.295  5.243   17.275  1.00 35.05 ? 424 HOH A O   1 
HETATM 1349 O  O   . HOH G 3 .   ? -8.127  -2.103  15.994  1.00 34.76 ? 425 HOH A O   1 
HETATM 1350 O  O   . HOH G 3 .   ? -1.188  3.092   -21.614 1.00 42.39 ? 426 HOH A O   1 
HETATM 1351 O  O   . HOH G 3 .   ? 10.592  4.727   -12.496 1.00 36.83 ? 427 HOH A O   1 
HETATM 1352 O  O   . HOH G 3 .   ? 0.932   9.357   4.797   1.00 23.53 ? 428 HOH A O   1 
HETATM 1353 O  O   . HOH G 3 .   ? -2.992  -12.023 9.795   1.00 35.65 ? 429 HOH A O   1 
HETATM 1354 O  O   . HOH G 3 .   ? -14.347 13.414  -5.145  1.00 49.73 ? 430 HOH A O   1 
HETATM 1355 O  O   . HOH G 3 .   ? -9.203  8.673   7.102   1.00 27.77 ? 431 HOH A O   1 
HETATM 1356 O  O   . HOH G 3 .   ? -9.785  6.235   -15.534 1.00 36.85 ? 432 HOH A O   1 
HETATM 1357 O  O   . HOH G 3 .   ? 0.579   9.557   -18.055 1.00 33.71 ? 433 HOH A O   1 
HETATM 1358 O  O   . HOH G 3 .   ? -11.454 7.554   -7.278  1.00 35.57 ? 434 HOH A O   1 
HETATM 1359 O  O   . HOH G 3 .   ? -7.276  8.072   -9.088  1.00 33.66 ? 435 HOH A O   1 
HETATM 1360 O  O   . HOH G 3 .   ? -9.071  -11.575 8.043   1.00 35.12 ? 436 HOH A O   1 
HETATM 1361 O  O   . HOH G 3 .   ? -6.691  -9.222  -4.130  1.00 33.82 ? 437 HOH A O   1 
HETATM 1362 O  O   . HOH G 3 .   ? -18.462 -5.434  4.261   1.00 31.55 ? 438 HOH A O   1 
HETATM 1363 O  O   . HOH G 3 .   ? 4.451   1.012   -11.815 1.00 29.72 ? 439 HOH A O   1 
HETATM 1364 O  O   . HOH G 3 .   ? -2.425  -7.025  13.887  1.00 33.88 ? 440 HOH A O   1 
HETATM 1365 O  O   . HOH G 3 .   ? -14.138 -4.020  7.571   1.00 36.61 ? 441 HOH A O   1 
HETATM 1366 O  O   . HOH G 3 .   ? -7.596  10.257  -7.407  1.00 27.69 ? 442 HOH A O   1 
HETATM 1367 O  O   . HOH G 3 .   ? -9.623  -9.146  9.099   1.00 39.62 ? 443 HOH A O   1 
HETATM 1368 O  O   . HOH G 3 .   ? -1.580  12.791  -13.009 1.00 27.46 ? 444 HOH A O   1 
HETATM 1369 O  O   . HOH G 3 .   ? 4.383   -15.961 1.347   1.00 35.08 ? 445 HOH A O   1 
HETATM 1370 O  O   . HOH G 3 .   ? 6.573   6.628   -14.092 1.00 27.83 ? 446 HOH A O   1 
HETATM 1371 O  O   . HOH G 3 .   ? 0.526   -3.214  1.571   1.00 20.04 ? 447 HOH A O   1 
HETATM 1372 O  O   . HOH G 3 .   ? -9.617  -1.180  -6.685  1.00 37.50 ? 448 HOH A O   1 
HETATM 1373 O  O   . HOH G 3 .   ? 18.808  13.319  -14.912 1.00 30.63 ? 449 HOH A O   1 
HETATM 1374 O  O   . HOH G 3 .   ? 9.534   21.324  -12.610 1.00 28.62 ? 450 HOH A O   1 
HETATM 1375 O  O   . HOH G 3 .   ? -15.433 8.222   13.890  1.00 38.58 ? 451 HOH A O   1 
HETATM 1376 O  O   . HOH G 3 .   ? -8.606  11.335  13.601  1.00 33.82 ? 452 HOH A O   1 
HETATM 1377 O  O   . HOH G 3 .   ? 1.958   21.362  -5.418  1.00 36.35 ? 453 HOH A O   1 
HETATM 1378 O  O   . HOH G 3 .   ? -3.548  -6.710  -10.047 1.00 33.92 ? 454 HOH A O   1 
HETATM 1379 O  O   . HOH G 3 .   ? 0.871   -10.439 -3.015  1.00 35.81 ? 455 HOH A O   1 
HETATM 1380 O  O   . HOH G 3 .   ? 13.117  8.876   -12.944 1.00 34.78 ? 456 HOH A O   1 
HETATM 1381 O  O   . HOH G 3 .   ? 0.343   13.069  -1.613  1.00 28.33 ? 457 HOH A O   1 
HETATM 1382 O  O   . HOH G 3 .   ? 1.717   -4.631  -0.435  1.00 24.50 ? 458 HOH A O   1 
HETATM 1383 O  O   . HOH G 3 .   ? 15.557  13.999  -16.915 1.00 32.01 ? 459 HOH A O   1 
HETATM 1384 O  O   . HOH G 3 .   ? -2.994  -9.519  2.429   1.00 25.52 ? 460 HOH A O   1 
HETATM 1385 O  O   . HOH G 3 .   ? 8.363   25.893  -3.644  1.00 27.12 ? 461 HOH A O   1 
HETATM 1386 O  O   . HOH G 3 .   ? 8.853   21.332  -3.405  1.00 29.53 ? 462 HOH A O   1 
HETATM 1387 O  O   . HOH G 3 .   ? 6.753   22.481  -10.127 1.00 36.65 ? 463 HOH A O   1 
HETATM 1388 O  O   . HOH G 3 .   ? 4.450   12.868  -2.142  1.00 23.21 ? 464 HOH A O   1 
HETATM 1389 O  O   . HOH G 3 .   ? -13.762 12.875  3.930   1.00 30.16 ? 465 HOH A O   1 
HETATM 1390 O  O   . HOH G 3 .   ? -6.422  12.095  8.689   1.00 31.22 ? 466 HOH A O   1 
HETATM 1391 O  O   . HOH G 3 .   ? -2.914  4.320   -3.869  1.00 18.85 ? 467 HOH A O   1 
HETATM 1392 O  O   . HOH G 3 .   ? -7.942  -13.349 -4.626  1.00 47.27 ? 468 HOH A O   1 
HETATM 1393 O  O   . HOH G 3 .   ? -7.155  -3.613  -6.084  1.00 27.78 ? 469 HOH A O   1 
HETATM 1394 O  O   . HOH G 3 .   ? -2.471  2.741   18.584  1.00 34.63 ? 470 HOH A O   1 
HETATM 1395 O  O   . HOH G 3 .   ? 13.631  -12.107 9.321   1.00 28.18 ? 471 HOH A O   1 
HETATM 1396 O  O   . HOH G 3 .   ? -12.432 3.859   -6.858  1.00 38.17 ? 472 HOH A O   1 
HETATM 1397 O  O   . HOH G 3 .   ? -0.220  -12.998 -2.851  1.00 38.65 ? 473 HOH A O   1 
HETATM 1398 O  O   . HOH G 3 .   ? -12.436 -2.936  -0.607  1.00 30.63 ? 474 HOH A O   1 
HETATM 1399 O  O   . HOH G 3 .   ? -1.563  -8.135  11.617  1.00 29.55 ? 475 HOH A O   1 
HETATM 1400 O  O   . HOH G 3 .   ? -2.274  -16.228 11.157  1.00 41.15 ? 476 HOH A O   1 
HETATM 1401 O  O   . HOH G 3 .   ? 7.681   -16.880 8.126   1.00 30.11 ? 477 HOH A O   1 
HETATM 1402 O  O   . HOH G 3 .   ? -0.928  -9.887  15.655  1.00 39.11 ? 478 HOH A O   1 
HETATM 1403 O  O   . HOH G 3 .   ? 9.349   -2.625  9.489   1.00 28.32 ? 479 HOH A O   1 
HETATM 1404 O  O   . HOH G 3 .   ? -4.644  14.303  -11.745 1.00 32.20 ? 480 HOH A O   1 
HETATM 1405 O  O   . HOH G 3 .   ? -5.556  16.275  0.067   1.00 34.16 ? 481 HOH A O   1 
HETATM 1406 O  O   . HOH G 3 .   ? 2.694   18.980  -13.546 1.00 36.00 ? 482 HOH A O   1 
HETATM 1407 O  O   . HOH G 3 .   ? -14.793 5.148   5.498   1.00 32.23 ? 483 HOH A O   1 
HETATM 1408 O  O   . HOH G 3 .   ? 9.445   2.958   -4.465  1.00 33.83 ? 484 HOH A O   1 
HETATM 1409 O  O   . HOH G 3 .   ? 0.947   -4.715  17.537  1.00 36.81 ? 485 HOH A O   1 
HETATM 1410 O  O   . HOH G 3 .   ? 1.930   -3.843  -3.215  1.00 26.69 ? 486 HOH A O   1 
HETATM 1411 O  O   . HOH G 3 .   ? 13.485  -2.879  11.950  1.00 38.52 ? 487 HOH A O   1 
HETATM 1412 O  O   . HOH G 3 .   ? -1.413  -3.676  -15.807 1.00 41.77 ? 488 HOH A O   1 
HETATM 1413 O  O   . HOH G 3 .   ? -9.495  21.467  -0.907  1.00 39.74 ? 489 HOH A O   1 
HETATM 1414 O  O   . HOH G 3 .   ? -7.728  -6.701  9.180   1.00 20.81 ? 490 HOH A O   1 
HETATM 1415 O  O   . HOH G 3 .   ? 5.429   0.438   9.707   1.00 28.29 ? 491 HOH A O   1 
HETATM 1416 O  O   . HOH G 3 .   ? -1.287  -10.850 11.480  1.00 32.56 ? 492 HOH A O   1 
HETATM 1417 O  O   . HOH G 3 .   ? -9.544  -0.457  -9.261  1.00 42.57 ? 493 HOH A O   1 
HETATM 1418 O  O   . HOH G 3 .   ? 2.563   11.600  -17.821 1.00 41.16 ? 494 HOH A O   1 
HETATM 1419 O  O   . HOH G 3 .   ? -14.895 5.844   2.915   1.00 38.64 ? 495 HOH A O   1 
HETATM 1420 O  O   . HOH G 3 .   ? -1.087  -11.578 13.433  1.00 42.55 ? 496 HOH A O   1 
HETATM 1421 O  O   . HOH G 3 .   ? -9.473  -4.922  11.371  1.00 35.86 ? 497 HOH A O   1 
HETATM 1422 O  O   . HOH G 3 .   ? -1.146  19.092  -3.496  1.00 41.91 ? 498 HOH A O   1 
HETATM 1423 O  O   . HOH G 3 .   ? -9.945  15.526  8.971   1.00 40.46 ? 499 HOH A O   1 
HETATM 1424 O  O   . HOH G 3 .   ? -2.697  -12.807 -1.300  1.00 36.31 ? 500 HOH A O   1 
HETATM 1425 O  O   . HOH G 3 .   ? -11.670 11.262  13.401  1.00 32.38 ? 501 HOH A O   1 
HETATM 1426 O  O   . HOH G 3 .   ? 6.565   -0.042  7.277   1.00 34.88 ? 502 HOH A O   1 
HETATM 1427 O  O   . HOH G 3 .   ? -2.030  12.486  -15.717 1.00 40.37 ? 503 HOH A O   1 
HETATM 1428 O  O   . HOH G 3 .   ? 11.461  -1.706  7.436   1.00 34.02 ? 504 HOH A O   1 
HETATM 1429 O  O   . HOH G 3 .   ? 2.467   12.792  -0.163  1.00 34.51 ? 505 HOH A O   1 
HETATM 1430 O  O   . HOH G 3 .   ? 2.327   11.557  5.478   1.00 38.76 ? 506 HOH A O   1 
HETATM 1431 O  O   . HOH G 3 .   ? 12.668  6.298   -12.309 1.00 41.27 ? 507 HOH A O   1 
HETATM 1432 O  O   . HOH G 3 .   ? -12.327 -4.430  11.129  1.00 40.19 ? 508 HOH A O   1 
# 
